data_6HO2
# 
_entry.id   6HO2 
# 
_audit_conform.dict_name       mmcif_pdbx.dic 
_audit_conform.dict_version    5.392 
_audit_conform.dict_location   http://mmcif.pdb.org/dictionaries/ascii/mmcif_pdbx.dic 
# 
loop_
_database_2.database_id 
_database_2.database_code 
_database_2.pdbx_database_accession 
_database_2.pdbx_DOI 
PDB   6HO2         pdb_00006ho2 10.2210/pdb6ho2/pdb 
WWPDB D_1200011922 ?            ?                   
# 
loop_
_pdbx_audit_revision_history.ordinal 
_pdbx_audit_revision_history.data_content_type 
_pdbx_audit_revision_history.major_revision 
_pdbx_audit_revision_history.minor_revision 
_pdbx_audit_revision_history.revision_date 
1 'Structure model' 1 0 2018-12-26 
2 'Structure model' 1 1 2019-01-23 
3 'Structure model' 1 2 2024-05-15 
# 
_pdbx_audit_revision_details.ordinal             1 
_pdbx_audit_revision_details.revision_ordinal    1 
_pdbx_audit_revision_details.data_content_type   'Structure model' 
_pdbx_audit_revision_details.provider            repository 
_pdbx_audit_revision_details.type                'Initial release' 
_pdbx_audit_revision_details.description         ? 
_pdbx_audit_revision_details.details             ? 
# 
loop_
_pdbx_audit_revision_group.ordinal 
_pdbx_audit_revision_group.revision_ordinal 
_pdbx_audit_revision_group.data_content_type 
_pdbx_audit_revision_group.group 
1 2 'Structure model' 'Data collection'     
2 2 'Structure model' 'Database references' 
3 3 'Structure model' 'Data collection'     
4 3 'Structure model' 'Database references' 
# 
loop_
_pdbx_audit_revision_category.ordinal 
_pdbx_audit_revision_category.revision_ordinal 
_pdbx_audit_revision_category.data_content_type 
_pdbx_audit_revision_category.category 
1 2 'Structure model' citation       
2 3 'Structure model' chem_comp_atom 
3 3 'Structure model' chem_comp_bond 
4 3 'Structure model' database_2     
# 
loop_
_pdbx_audit_revision_item.ordinal 
_pdbx_audit_revision_item.revision_ordinal 
_pdbx_audit_revision_item.data_content_type 
_pdbx_audit_revision_item.item 
1 2 'Structure model' '_citation.journal_volume'            
2 2 'Structure model' '_citation.page_first'                
3 2 'Structure model' '_citation.page_last'                 
4 3 'Structure model' '_database_2.pdbx_DOI'                
5 3 'Structure model' '_database_2.pdbx_database_accession' 
# 
_pdbx_database_status.status_code                     REL 
_pdbx_database_status.status_code_sf                  REL 
_pdbx_database_status.status_code_mr                  ? 
_pdbx_database_status.entry_id                        6HO2 
_pdbx_database_status.recvd_initial_deposition_date   2018-09-17 
_pdbx_database_status.SG_entry                        N 
_pdbx_database_status.deposit_site                    PDBE 
_pdbx_database_status.process_site                    PDBE 
_pdbx_database_status.status_code_cs                  ? 
_pdbx_database_status.methods_development_category    ? 
_pdbx_database_status.pdb_format_compatible           Y 
_pdbx_database_status.status_code_nmr_data            ? 
# 
loop_
_audit_author.name 
_audit_author.pdbx_ordinal 
_audit_author.identifier_ORCID 
'Wintjens, R.'  1 0000-0002-0234-7847 
'Wohlkonig, A.' 2 0000-0003-3103-5022 
# 
_citation.abstract                  ? 
_citation.abstract_id_CAS           ? 
_citation.book_id_ISBN              ? 
_citation.book_publisher            ? 
_citation.book_publisher_city       ? 
_citation.book_title                ? 
_citation.coordinate_linkage        ? 
_citation.country                   ? 
_citation.database_id_Medline       ? 
_citation.details                   ? 
_citation.id                        primary 
_citation.journal_abbrev            'Biochim Biophys Acta Proteins Proteom' 
_citation.journal_id_ASTM           ? 
_citation.journal_id_CSD            ? 
_citation.journal_id_ISSN           1878-1454 
_citation.journal_full              ? 
_citation.journal_issue             ? 
_citation.journal_volume            1867 
_citation.language                  ? 
_citation.page_first                248 
_citation.page_last                 258 
_citation.title                     
'A comprehensive analysis of the protein-ligand interactions in crystal structures of Mycobacterium tuberculosis EthR.' 
_citation.year                      2018 
_citation.database_id_CSD           ? 
_citation.pdbx_database_id_DOI      10.1016/j.bbapap.2018.12.003 
_citation.pdbx_database_id_PubMed   30553830 
_citation.unpublished_flag          ? 
# 
loop_
_citation_author.citation_id 
_citation_author.name 
_citation_author.ordinal 
_citation_author.identifier_ORCID 
primary 'Tanina, A.'     1  ? 
primary 'Wohlkonig, A.'  2  ? 
primary 'Soror, S.H.'    3  ? 
primary 'Flipo, M.'      4  ? 
primary 'Villemagne, B.' 5  ? 
primary 'Prevet, H.'     6  ? 
primary 'Deprez, B.'     7  ? 
primary 'Moune, M.'      8  ? 
primary 'Peree, H.'      9  ? 
primary 'Meyer, F.'      10 ? 
primary 'Baulard, A.R.'  11 ? 
primary 'Willand, N.'    12 ? 
primary 'Wintjens, R.'   13 ? 
# 
loop_
_entity.id 
_entity.type 
_entity.src_method 
_entity.pdbx_description 
_entity.formula_weight 
_entity.pdbx_number_of_molecules 
_entity.pdbx_ec 
_entity.pdbx_mutation 
_entity.pdbx_fragment 
_entity.details 
1 polymer     man 'HTH-type transcriptional regulator EthR'                                                24927.980 1  ? ? ? ? 
2 non-polymer syn 'ethyl 2-[4-[4-[3,3,3-tris(fluoranyl)propylsulfamoyl]phenyl]-1,3-thiazol-2-yl]ethanoate' 422.442   1  ? ? ? ? 
3 water       nat water                                                                                    18.015    30 ? ? ? ? 
# 
_entity_poly.entity_id                      1 
_entity_poly.type                           'polypeptide(L)' 
_entity_poly.nstd_linkage                   no 
_entity_poly.nstd_monomer                   no 
_entity_poly.pdbx_seq_one_letter_code       
;MTTSAASQASLPMTTSAASQASLPRGRRTARPSGDDRELAILATAENLLEDRPLADISVDDLAKGAGISRPTFYFYFPSK
EAVLLTLLDRVVNQADMALQTLAENPADTDRENMWRTGINVFFETFGSHKAVTRAGQAARATSVEVAELWSTFMQKWIAY
TAAVIDAERDRGAAPRTLPAHELATALNLMNERTLFASFAGEQPSVPEARVLDTLVHIWVTSIYGENR
;
_entity_poly.pdbx_seq_one_letter_code_can   
;MTTSAASQASLPMTTSAASQASLPRGRRTARPSGDDRELAILATAENLLEDRPLADISVDDLAKGAGISRPTFYFYFPSK
EAVLLTLLDRVVNQADMALQTLAENPADTDRENMWRTGINVFFETFGSHKAVTRAGQAARATSVEVAELWSTFMQKWIAY
TAAVIDAERDRGAAPRTLPAHELATALNLMNERTLFASFAGEQPSVPEARVLDTLVHIWVTSIYGENR
;
_entity_poly.pdbx_strand_id                 A 
_entity_poly.pdbx_target_identifier         ? 
# 
loop_
_pdbx_entity_nonpoly.entity_id 
_pdbx_entity_nonpoly.name 
_pdbx_entity_nonpoly.comp_id 
2 'ethyl 2-[4-[4-[3,3,3-tris(fluoranyl)propylsulfamoyl]phenyl]-1,3-thiazol-2-yl]ethanoate' GHN 
3 water                                                                                    HOH 
# 
loop_
_entity_poly_seq.entity_id 
_entity_poly_seq.num 
_entity_poly_seq.mon_id 
_entity_poly_seq.hetero 
1 1   MET n 
1 2   THR n 
1 3   THR n 
1 4   SER n 
1 5   ALA n 
1 6   ALA n 
1 7   SER n 
1 8   GLN n 
1 9   ALA n 
1 10  SER n 
1 11  LEU n 
1 12  PRO n 
1 13  MET n 
1 14  THR n 
1 15  THR n 
1 16  SER n 
1 17  ALA n 
1 18  ALA n 
1 19  SER n 
1 20  GLN n 
1 21  ALA n 
1 22  SER n 
1 23  LEU n 
1 24  PRO n 
1 25  ARG n 
1 26  GLY n 
1 27  ARG n 
1 28  ARG n 
1 29  THR n 
1 30  ALA n 
1 31  ARG n 
1 32  PRO n 
1 33  SER n 
1 34  GLY n 
1 35  ASP n 
1 36  ASP n 
1 37  ARG n 
1 38  GLU n 
1 39  LEU n 
1 40  ALA n 
1 41  ILE n 
1 42  LEU n 
1 43  ALA n 
1 44  THR n 
1 45  ALA n 
1 46  GLU n 
1 47  ASN n 
1 48  LEU n 
1 49  LEU n 
1 50  GLU n 
1 51  ASP n 
1 52  ARG n 
1 53  PRO n 
1 54  LEU n 
1 55  ALA n 
1 56  ASP n 
1 57  ILE n 
1 58  SER n 
1 59  VAL n 
1 60  ASP n 
1 61  ASP n 
1 62  LEU n 
1 63  ALA n 
1 64  LYS n 
1 65  GLY n 
1 66  ALA n 
1 67  GLY n 
1 68  ILE n 
1 69  SER n 
1 70  ARG n 
1 71  PRO n 
1 72  THR n 
1 73  PHE n 
1 74  TYR n 
1 75  PHE n 
1 76  TYR n 
1 77  PHE n 
1 78  PRO n 
1 79  SER n 
1 80  LYS n 
1 81  GLU n 
1 82  ALA n 
1 83  VAL n 
1 84  LEU n 
1 85  LEU n 
1 86  THR n 
1 87  LEU n 
1 88  LEU n 
1 89  ASP n 
1 90  ARG n 
1 91  VAL n 
1 92  VAL n 
1 93  ASN n 
1 94  GLN n 
1 95  ALA n 
1 96  ASP n 
1 97  MET n 
1 98  ALA n 
1 99  LEU n 
1 100 GLN n 
1 101 THR n 
1 102 LEU n 
1 103 ALA n 
1 104 GLU n 
1 105 ASN n 
1 106 PRO n 
1 107 ALA n 
1 108 ASP n 
1 109 THR n 
1 110 ASP n 
1 111 ARG n 
1 112 GLU n 
1 113 ASN n 
1 114 MET n 
1 115 TRP n 
1 116 ARG n 
1 117 THR n 
1 118 GLY n 
1 119 ILE n 
1 120 ASN n 
1 121 VAL n 
1 122 PHE n 
1 123 PHE n 
1 124 GLU n 
1 125 THR n 
1 126 PHE n 
1 127 GLY n 
1 128 SER n 
1 129 HIS n 
1 130 LYS n 
1 131 ALA n 
1 132 VAL n 
1 133 THR n 
1 134 ARG n 
1 135 ALA n 
1 136 GLY n 
1 137 GLN n 
1 138 ALA n 
1 139 ALA n 
1 140 ARG n 
1 141 ALA n 
1 142 THR n 
1 143 SER n 
1 144 VAL n 
1 145 GLU n 
1 146 VAL n 
1 147 ALA n 
1 148 GLU n 
1 149 LEU n 
1 150 TRP n 
1 151 SER n 
1 152 THR n 
1 153 PHE n 
1 154 MET n 
1 155 GLN n 
1 156 LYS n 
1 157 TRP n 
1 158 ILE n 
1 159 ALA n 
1 160 TYR n 
1 161 THR n 
1 162 ALA n 
1 163 ALA n 
1 164 VAL n 
1 165 ILE n 
1 166 ASP n 
1 167 ALA n 
1 168 GLU n 
1 169 ARG n 
1 170 ASP n 
1 171 ARG n 
1 172 GLY n 
1 173 ALA n 
1 174 ALA n 
1 175 PRO n 
1 176 ARG n 
1 177 THR n 
1 178 LEU n 
1 179 PRO n 
1 180 ALA n 
1 181 HIS n 
1 182 GLU n 
1 183 LEU n 
1 184 ALA n 
1 185 THR n 
1 186 ALA n 
1 187 LEU n 
1 188 ASN n 
1 189 LEU n 
1 190 MET n 
1 191 ASN n 
1 192 GLU n 
1 193 ARG n 
1 194 THR n 
1 195 LEU n 
1 196 PHE n 
1 197 ALA n 
1 198 SER n 
1 199 PHE n 
1 200 ALA n 
1 201 GLY n 
1 202 GLU n 
1 203 GLN n 
1 204 PRO n 
1 205 SER n 
1 206 VAL n 
1 207 PRO n 
1 208 GLU n 
1 209 ALA n 
1 210 ARG n 
1 211 VAL n 
1 212 LEU n 
1 213 ASP n 
1 214 THR n 
1 215 LEU n 
1 216 VAL n 
1 217 HIS n 
1 218 ILE n 
1 219 TRP n 
1 220 VAL n 
1 221 THR n 
1 222 SER n 
1 223 ILE n 
1 224 TYR n 
1 225 GLY n 
1 226 GLU n 
1 227 ASN n 
1 228 ARG n 
# 
_entity_src_gen.entity_id                          1 
_entity_src_gen.pdbx_src_id                        1 
_entity_src_gen.pdbx_alt_source_flag               sample 
_entity_src_gen.pdbx_seq_type                      'Biological sequence' 
_entity_src_gen.pdbx_beg_seq_num                   1 
_entity_src_gen.pdbx_end_seq_num                   228 
_entity_src_gen.gene_src_common_name               ? 
_entity_src_gen.gene_src_genus                     ? 
_entity_src_gen.pdbx_gene_src_gene                 'ethR, etaR, MT3970' 
_entity_src_gen.gene_src_species                   ? 
_entity_src_gen.gene_src_strain                    ? 
_entity_src_gen.gene_src_tissue                    ? 
_entity_src_gen.gene_src_tissue_fraction           ? 
_entity_src_gen.gene_src_details                   ? 
_entity_src_gen.pdbx_gene_src_fragment             ? 
_entity_src_gen.pdbx_gene_src_scientific_name      'Mycobacterium tuberculosis CDC1551' 
_entity_src_gen.pdbx_gene_src_ncbi_taxonomy_id     83331 
_entity_src_gen.pdbx_gene_src_variant              'CDC 1551 / Oshkosh' 
_entity_src_gen.pdbx_gene_src_cell_line            ? 
_entity_src_gen.pdbx_gene_src_atcc                 ? 
_entity_src_gen.pdbx_gene_src_organ                ? 
_entity_src_gen.pdbx_gene_src_organelle            ? 
_entity_src_gen.pdbx_gene_src_cell                 ? 
_entity_src_gen.pdbx_gene_src_cellular_location    ? 
_entity_src_gen.host_org_common_name               ? 
_entity_src_gen.pdbx_host_org_scientific_name      'Escherichia coli BL21' 
_entity_src_gen.pdbx_host_org_ncbi_taxonomy_id     511693 
_entity_src_gen.host_org_genus                     ? 
_entity_src_gen.pdbx_host_org_gene                 ? 
_entity_src_gen.pdbx_host_org_organ                ? 
_entity_src_gen.host_org_species                   ? 
_entity_src_gen.pdbx_host_org_tissue               ? 
_entity_src_gen.pdbx_host_org_tissue_fraction      ? 
_entity_src_gen.pdbx_host_org_strain               ? 
_entity_src_gen.pdbx_host_org_variant              ? 
_entity_src_gen.pdbx_host_org_cell_line            ? 
_entity_src_gen.pdbx_host_org_atcc                 ? 
_entity_src_gen.pdbx_host_org_culture_collection   ? 
_entity_src_gen.pdbx_host_org_cell                 ? 
_entity_src_gen.pdbx_host_org_organelle            ? 
_entity_src_gen.pdbx_host_org_cellular_location    ? 
_entity_src_gen.pdbx_host_org_vector_type          ? 
_entity_src_gen.pdbx_host_org_vector               ? 
_entity_src_gen.host_org_details                   ? 
_entity_src_gen.expression_system_id               ? 
_entity_src_gen.plasmid_name                       ? 
_entity_src_gen.plasmid_details                    ? 
_entity_src_gen.pdbx_description                   ? 
# 
loop_
_chem_comp.id 
_chem_comp.type 
_chem_comp.mon_nstd_flag 
_chem_comp.name 
_chem_comp.pdbx_synonyms 
_chem_comp.formula 
_chem_comp.formula_weight 
ALA 'L-peptide linking' y ALANINE                                                                                  ? 'C3 H7 N O2' 
89.093  
ARG 'L-peptide linking' y ARGININE                                                                                 ? 
'C6 H15 N4 O2 1'      175.209 
ASN 'L-peptide linking' y ASPARAGINE                                                                               ? 'C4 H8 N2 O3' 
132.118 
ASP 'L-peptide linking' y 'ASPARTIC ACID'                                                                          ? 'C4 H7 N O4' 
133.103 
GHN non-polymer         . 'ethyl 2-[4-[4-[3,3,3-tris(fluoranyl)propylsulfamoyl]phenyl]-1,3-thiazol-2-yl]ethanoate' ? 
'C16 H17 F3 N2 O4 S2' 422.442 
GLN 'L-peptide linking' y GLUTAMINE                                                                                ? 
'C5 H10 N2 O3'        146.144 
GLU 'L-peptide linking' y 'GLUTAMIC ACID'                                                                          ? 'C5 H9 N O4' 
147.129 
GLY 'peptide linking'   y GLYCINE                                                                                  ? 'C2 H5 N O2' 
75.067  
HIS 'L-peptide linking' y HISTIDINE                                                                                ? 
'C6 H10 N3 O2 1'      156.162 
HOH non-polymer         . WATER                                                                                    ? 'H2 O' 18.015 
ILE 'L-peptide linking' y ISOLEUCINE                                                                               ? 'C6 H13 N O2' 
131.173 
LEU 'L-peptide linking' y LEUCINE                                                                                  ? 'C6 H13 N O2' 
131.173 
LYS 'L-peptide linking' y LYSINE                                                                                   ? 
'C6 H15 N2 O2 1'      147.195 
MET 'L-peptide linking' y METHIONINE                                                                               ? 
'C5 H11 N O2 S'       149.211 
PHE 'L-peptide linking' y PHENYLALANINE                                                                            ? 'C9 H11 N O2' 
165.189 
PRO 'L-peptide linking' y PROLINE                                                                                  ? 'C5 H9 N O2' 
115.130 
SER 'L-peptide linking' y SERINE                                                                                   ? 'C3 H7 N O3' 
105.093 
THR 'L-peptide linking' y THREONINE                                                                                ? 'C4 H9 N O3' 
119.119 
TRP 'L-peptide linking' y TRYPTOPHAN                                                                               ? 
'C11 H12 N2 O2'       204.225 
TYR 'L-peptide linking' y TYROSINE                                                                                 ? 'C9 H11 N O3' 
181.189 
VAL 'L-peptide linking' y VALINE                                                                                   ? 'C5 H11 N O2' 
117.146 
# 
loop_
_pdbx_poly_seq_scheme.asym_id 
_pdbx_poly_seq_scheme.entity_id 
_pdbx_poly_seq_scheme.seq_id 
_pdbx_poly_seq_scheme.mon_id 
_pdbx_poly_seq_scheme.ndb_seq_num 
_pdbx_poly_seq_scheme.pdb_seq_num 
_pdbx_poly_seq_scheme.auth_seq_num 
_pdbx_poly_seq_scheme.pdb_mon_id 
_pdbx_poly_seq_scheme.auth_mon_id 
_pdbx_poly_seq_scheme.pdb_strand_id 
_pdbx_poly_seq_scheme.pdb_ins_code 
_pdbx_poly_seq_scheme.hetero 
A 1 1   MET 1   -11 ?   ?   ?   A . n 
A 1 2   THR 2   -10 ?   ?   ?   A . n 
A 1 3   THR 3   -9  ?   ?   ?   A . n 
A 1 4   SER 4   -8  ?   ?   ?   A . n 
A 1 5   ALA 5   -7  ?   ?   ?   A . n 
A 1 6   ALA 6   -6  ?   ?   ?   A . n 
A 1 7   SER 7   -5  ?   ?   ?   A . n 
A 1 8   GLN 8   -4  ?   ?   ?   A . n 
A 1 9   ALA 9   -3  ?   ?   ?   A . n 
A 1 10  SER 10  -2  ?   ?   ?   A . n 
A 1 11  LEU 11  -1  ?   ?   ?   A . n 
A 1 12  PRO 12  0   ?   ?   ?   A . n 
A 1 13  MET 13  1   ?   ?   ?   A . n 
A 1 14  THR 14  2   ?   ?   ?   A . n 
A 1 15  THR 15  3   ?   ?   ?   A . n 
A 1 16  SER 16  4   ?   ?   ?   A . n 
A 1 17  ALA 17  5   ?   ?   ?   A . n 
A 1 18  ALA 18  6   ?   ?   ?   A . n 
A 1 19  SER 19  7   ?   ?   ?   A . n 
A 1 20  GLN 20  8   ?   ?   ?   A . n 
A 1 21  ALA 21  9   ?   ?   ?   A . n 
A 1 22  SER 22  10  ?   ?   ?   A . n 
A 1 23  LEU 23  11  ?   ?   ?   A . n 
A 1 24  PRO 24  12  ?   ?   ?   A . n 
A 1 25  ARG 25  13  ?   ?   ?   A . n 
A 1 26  GLY 26  14  ?   ?   ?   A . n 
A 1 27  ARG 27  15  ?   ?   ?   A . n 
A 1 28  ARG 28  16  ?   ?   ?   A . n 
A 1 29  THR 29  17  ?   ?   ?   A . n 
A 1 30  ALA 30  18  ?   ?   ?   A . n 
A 1 31  ARG 31  19  ?   ?   ?   A . n 
A 1 32  PRO 32  20  ?   ?   ?   A . n 
A 1 33  SER 33  21  ?   ?   ?   A . n 
A 1 34  GLY 34  22  ?   ?   ?   A . n 
A 1 35  ASP 35  23  ?   ?   ?   A . n 
A 1 36  ASP 36  24  ?   ?   ?   A . n 
A 1 37  ARG 37  25  25  ARG ARG A . n 
A 1 38  GLU 38  26  26  GLU GLU A . n 
A 1 39  LEU 39  27  27  LEU LEU A . n 
A 1 40  ALA 40  28  28  ALA ALA A . n 
A 1 41  ILE 41  29  29  ILE ILE A . n 
A 1 42  LEU 42  30  30  LEU LEU A . n 
A 1 43  ALA 43  31  31  ALA ALA A . n 
A 1 44  THR 44  32  32  THR THR A . n 
A 1 45  ALA 45  33  33  ALA ALA A . n 
A 1 46  GLU 46  34  34  GLU GLU A . n 
A 1 47  ASN 47  35  35  ASN ASN A . n 
A 1 48  LEU 48  36  36  LEU LEU A . n 
A 1 49  LEU 49  37  37  LEU LEU A . n 
A 1 50  GLU 50  38  38  GLU GLU A . n 
A 1 51  ASP 51  39  39  ASP ASP A . n 
A 1 52  ARG 52  40  40  ARG ARG A . n 
A 1 53  PRO 53  41  41  PRO PRO A . n 
A 1 54  LEU 54  42  42  LEU LEU A . n 
A 1 55  ALA 55  43  43  ALA ALA A . n 
A 1 56  ASP 56  44  44  ASP ASP A . n 
A 1 57  ILE 57  45  45  ILE ILE A . n 
A 1 58  SER 58  46  46  SER SER A . n 
A 1 59  VAL 59  47  47  VAL VAL A . n 
A 1 60  ASP 60  48  48  ASP ASP A . n 
A 1 61  ASP 61  49  49  ASP ASP A . n 
A 1 62  LEU 62  50  50  LEU LEU A . n 
A 1 63  ALA 63  51  51  ALA ALA A . n 
A 1 64  LYS 64  52  52  LYS LYS A . n 
A 1 65  GLY 65  53  53  GLY GLY A . n 
A 1 66  ALA 66  54  54  ALA ALA A . n 
A 1 67  GLY 67  55  55  GLY GLY A . n 
A 1 68  ILE 68  56  56  ILE ILE A . n 
A 1 69  SER 69  57  57  SER SER A . n 
A 1 70  ARG 70  58  58  ARG ARG A . n 
A 1 71  PRO 71  59  59  PRO PRO A . n 
A 1 72  THR 72  60  60  THR THR A . n 
A 1 73  PHE 73  61  61  PHE PHE A . n 
A 1 74  TYR 74  62  62  TYR TYR A . n 
A 1 75  PHE 75  63  63  PHE PHE A . n 
A 1 76  TYR 76  64  64  TYR TYR A . n 
A 1 77  PHE 77  65  65  PHE PHE A . n 
A 1 78  PRO 78  66  66  PRO PRO A . n 
A 1 79  SER 79  67  67  SER SER A . n 
A 1 80  LYS 80  68  68  LYS LYS A . n 
A 1 81  GLU 81  69  69  GLU GLU A . n 
A 1 82  ALA 82  70  70  ALA ALA A . n 
A 1 83  VAL 83  71  71  VAL VAL A . n 
A 1 84  LEU 84  72  72  LEU LEU A . n 
A 1 85  LEU 85  73  73  LEU LEU A . n 
A 1 86  THR 86  74  74  THR THR A . n 
A 1 87  LEU 87  75  75  LEU LEU A . n 
A 1 88  LEU 88  76  76  LEU LEU A . n 
A 1 89  ASP 89  77  77  ASP ASP A . n 
A 1 90  ARG 90  78  78  ARG ARG A . n 
A 1 91  VAL 91  79  79  VAL VAL A . n 
A 1 92  VAL 92  80  80  VAL VAL A . n 
A 1 93  ASN 93  81  81  ASN ASN A . n 
A 1 94  GLN 94  82  82  GLN GLN A . n 
A 1 95  ALA 95  83  83  ALA ALA A . n 
A 1 96  ASP 96  84  84  ASP ASP A . n 
A 1 97  MET 97  85  85  MET MET A . n 
A 1 98  ALA 98  86  86  ALA ALA A . n 
A 1 99  LEU 99  87  87  LEU LEU A . n 
A 1 100 GLN 100 88  88  GLN GLN A . n 
A 1 101 THR 101 89  89  THR THR A . n 
A 1 102 LEU 102 90  90  LEU LEU A . n 
A 1 103 ALA 103 91  91  ALA ALA A . n 
A 1 104 GLU 104 92  92  GLU GLU A . n 
A 1 105 ASN 105 93  93  ASN ASN A . n 
A 1 106 PRO 106 94  ?   ?   ?   A . n 
A 1 107 ALA 107 95  ?   ?   ?   A . n 
A 1 108 ASP 108 96  ?   ?   ?   A . n 
A 1 109 THR 109 97  97  THR THR A . n 
A 1 110 ASP 110 98  98  ASP ASP A . n 
A 1 111 ARG 111 99  99  ARG ARG A . n 
A 1 112 GLU 112 100 100 GLU GLU A . n 
A 1 113 ASN 113 101 101 ASN ASN A . n 
A 1 114 MET 114 102 102 MET MET A . n 
A 1 115 TRP 115 103 103 TRP TRP A . n 
A 1 116 ARG 116 104 104 ARG ARG A . n 
A 1 117 THR 117 105 105 THR THR A . n 
A 1 118 GLY 118 106 106 GLY GLY A . n 
A 1 119 ILE 119 107 107 ILE ILE A . n 
A 1 120 ASN 120 108 108 ASN ASN A . n 
A 1 121 VAL 121 109 109 VAL VAL A . n 
A 1 122 PHE 122 110 110 PHE PHE A . n 
A 1 123 PHE 123 111 111 PHE PHE A . n 
A 1 124 GLU 124 112 112 GLU GLU A . n 
A 1 125 THR 125 113 113 THR THR A . n 
A 1 126 PHE 126 114 114 PHE PHE A . n 
A 1 127 GLY 127 115 115 GLY GLY A . n 
A 1 128 SER 128 116 116 SER SER A . n 
A 1 129 HIS 129 117 117 HIS HIS A . n 
A 1 130 LYS 130 118 118 LYS LYS A . n 
A 1 131 ALA 131 119 119 ALA ALA A . n 
A 1 132 VAL 132 120 120 VAL VAL A . n 
A 1 133 THR 133 121 121 THR THR A . n 
A 1 134 ARG 134 122 122 ARG ARG A . n 
A 1 135 ALA 135 123 123 ALA ALA A . n 
A 1 136 GLY 136 124 124 GLY GLY A . n 
A 1 137 GLN 137 125 125 GLN GLN A . n 
A 1 138 ALA 138 126 126 ALA ALA A . n 
A 1 139 ALA 139 127 127 ALA ALA A . n 
A 1 140 ARG 140 128 128 ARG ARG A . n 
A 1 141 ALA 141 129 129 ALA ALA A . n 
A 1 142 THR 142 130 130 THR THR A . n 
A 1 143 SER 143 131 131 SER SER A . n 
A 1 144 VAL 144 132 132 VAL VAL A . n 
A 1 145 GLU 145 133 133 GLU GLU A . n 
A 1 146 VAL 146 134 134 VAL VAL A . n 
A 1 147 ALA 147 135 135 ALA ALA A . n 
A 1 148 GLU 148 136 136 GLU GLU A . n 
A 1 149 LEU 149 137 137 LEU LEU A . n 
A 1 150 TRP 150 138 138 TRP TRP A . n 
A 1 151 SER 151 139 139 SER SER A . n 
A 1 152 THR 152 140 140 THR THR A . n 
A 1 153 PHE 153 141 141 PHE PHE A . n 
A 1 154 MET 154 142 142 MET MET A . n 
A 1 155 GLN 155 143 143 GLN GLN A . n 
A 1 156 LYS 156 144 144 LYS LYS A . n 
A 1 157 TRP 157 145 145 TRP TRP A . n 
A 1 158 ILE 158 146 146 ILE ILE A . n 
A 1 159 ALA 159 147 147 ALA ALA A . n 
A 1 160 TYR 160 148 148 TYR TYR A . n 
A 1 161 THR 161 149 149 THR THR A . n 
A 1 162 ALA 162 150 150 ALA ALA A . n 
A 1 163 ALA 163 151 151 ALA ALA A . n 
A 1 164 VAL 164 152 152 VAL VAL A . n 
A 1 165 ILE 165 153 153 ILE ILE A . n 
A 1 166 ASP 166 154 154 ASP ASP A . n 
A 1 167 ALA 167 155 155 ALA ALA A . n 
A 1 168 GLU 168 156 156 GLU GLU A . n 
A 1 169 ARG 169 157 157 ARG ARG A . n 
A 1 170 ASP 170 158 158 ASP ASP A . n 
A 1 171 ARG 171 159 159 ARG ARG A . n 
A 1 172 GLY 172 160 160 GLY GLY A . n 
A 1 173 ALA 173 161 161 ALA ALA A . n 
A 1 174 ALA 174 162 162 ALA ALA A . n 
A 1 175 PRO 175 163 163 PRO PRO A . n 
A 1 176 ARG 176 164 164 ARG ARG A . n 
A 1 177 THR 177 165 165 THR THR A . n 
A 1 178 LEU 178 166 166 LEU LEU A . n 
A 1 179 PRO 179 167 167 PRO PRO A . n 
A 1 180 ALA 180 168 168 ALA ALA A . n 
A 1 181 HIS 181 169 169 HIS HIS A . n 
A 1 182 GLU 182 170 170 GLU GLU A . n 
A 1 183 LEU 183 171 171 LEU LEU A . n 
A 1 184 ALA 184 172 172 ALA ALA A . n 
A 1 185 THR 185 173 173 THR THR A . n 
A 1 186 ALA 186 174 174 ALA ALA A . n 
A 1 187 LEU 187 175 175 LEU LEU A . n 
A 1 188 ASN 188 176 176 ASN ASN A . n 
A 1 189 LEU 189 177 177 LEU LEU A . n 
A 1 190 MET 190 178 178 MET MET A . n 
A 1 191 ASN 191 179 179 ASN ASN A . n 
A 1 192 GLU 192 180 180 GLU GLU A . n 
A 1 193 ARG 193 181 181 ARG ARG A . n 
A 1 194 THR 194 182 182 THR THR A . n 
A 1 195 LEU 195 183 183 LEU LEU A . n 
A 1 196 PHE 196 184 184 PHE PHE A . n 
A 1 197 ALA 197 185 185 ALA ALA A . n 
A 1 198 SER 198 186 186 SER SER A . n 
A 1 199 PHE 199 187 187 PHE PHE A . n 
A 1 200 ALA 200 188 188 ALA ALA A . n 
A 1 201 GLY 201 189 189 GLY GLY A . n 
A 1 202 GLU 202 190 190 GLU GLU A . n 
A 1 203 GLN 203 191 191 GLN GLN A . n 
A 1 204 PRO 204 192 192 PRO PRO A . n 
A 1 205 SER 205 193 193 SER SER A . n 
A 1 206 VAL 206 194 194 VAL VAL A . n 
A 1 207 PRO 207 195 195 PRO PRO A . n 
A 1 208 GLU 208 196 196 GLU GLU A . n 
A 1 209 ALA 209 197 197 ALA ALA A . n 
A 1 210 ARG 210 198 198 ARG ARG A . n 
A 1 211 VAL 211 199 199 VAL VAL A . n 
A 1 212 LEU 212 200 200 LEU LEU A . n 
A 1 213 ASP 213 201 201 ASP ASP A . n 
A 1 214 THR 214 202 202 THR THR A . n 
A 1 215 LEU 215 203 203 LEU LEU A . n 
A 1 216 VAL 216 204 204 VAL VAL A . n 
A 1 217 HIS 217 205 205 HIS HIS A . n 
A 1 218 ILE 218 206 206 ILE ILE A . n 
A 1 219 TRP 219 207 207 TRP TRP A . n 
A 1 220 VAL 220 208 208 VAL VAL A . n 
A 1 221 THR 221 209 209 THR THR A . n 
A 1 222 SER 222 210 210 SER SER A . n 
A 1 223 ILE 223 211 211 ILE ILE A . n 
A 1 224 TYR 224 212 212 TYR TYR A . n 
A 1 225 GLY 225 213 213 GLY GLY A . n 
A 1 226 GLU 226 214 214 GLU GLU A . n 
A 1 227 ASN 227 215 ?   ?   ?   A . n 
A 1 228 ARG 228 216 ?   ?   ?   A . n 
# 
loop_
_pdbx_nonpoly_scheme.asym_id 
_pdbx_nonpoly_scheme.entity_id 
_pdbx_nonpoly_scheme.mon_id 
_pdbx_nonpoly_scheme.ndb_seq_num 
_pdbx_nonpoly_scheme.pdb_seq_num 
_pdbx_nonpoly_scheme.auth_seq_num 
_pdbx_nonpoly_scheme.pdb_mon_id 
_pdbx_nonpoly_scheme.auth_mon_id 
_pdbx_nonpoly_scheme.pdb_strand_id 
_pdbx_nonpoly_scheme.pdb_ins_code 
B 2 GHN 1  301 1  GHN DRG A . 
C 3 HOH 1  401 7  HOH HOH A . 
C 3 HOH 2  402 12 HOH HOH A . 
C 3 HOH 3  403 26 HOH HOH A . 
C 3 HOH 4  404 6  HOH HOH A . 
C 3 HOH 5  405 2  HOH HOH A . 
C 3 HOH 6  406 27 HOH HOH A . 
C 3 HOH 7  407 18 HOH HOH A . 
C 3 HOH 8  408 10 HOH HOH A . 
C 3 HOH 9  409 13 HOH HOH A . 
C 3 HOH 10 410 14 HOH HOH A . 
C 3 HOH 11 411 11 HOH HOH A . 
C 3 HOH 12 412 3  HOH HOH A . 
C 3 HOH 13 413 5  HOH HOH A . 
C 3 HOH 14 414 23 HOH HOH A . 
C 3 HOH 15 415 1  HOH HOH A . 
C 3 HOH 16 416 17 HOH HOH A . 
C 3 HOH 17 417 20 HOH HOH A . 
C 3 HOH 18 418 8  HOH HOH A . 
C 3 HOH 19 419 21 HOH HOH A . 
C 3 HOH 20 420 4  HOH HOH A . 
C 3 HOH 21 421 25 HOH HOH A . 
C 3 HOH 22 422 24 HOH HOH A . 
C 3 HOH 23 423 19 HOH HOH A . 
C 3 HOH 24 424 30 HOH HOH A . 
C 3 HOH 25 425 28 HOH HOH A . 
C 3 HOH 26 426 15 HOH HOH A . 
C 3 HOH 27 427 9  HOH HOH A . 
C 3 HOH 28 428 22 HOH HOH A . 
C 3 HOH 29 429 16 HOH HOH A . 
C 3 HOH 30 430 29 HOH HOH A . 
# 
loop_
_software.citation_id 
_software.classification 
_software.compiler_name 
_software.compiler_version 
_software.contact_author 
_software.contact_author_email 
_software.date 
_software.description 
_software.dependencies 
_software.hardware 
_software.language 
_software.location 
_software.mods 
_software.name 
_software.os 
_software.os_version 
_software.type 
_software.version 
_software.pdbx_ordinal 
? refinement       ? ? ? ? ? ? ? ? ? ? ? REFMAC  ? ? ? 5.8.0232 1 
? 'data reduction' ? ? ? ? ? ? ? ? ? ? ? iMOSFLM ? ? ? .        2 
? phasing          ? ? ? ? ? ? ? ? ? ? ? MOLREP  ? ? ? .        3 
# 
_cell.angle_alpha                  90.00 
_cell.angle_alpha_esd              ? 
_cell.angle_beta                   90.00 
_cell.angle_beta_esd               ? 
_cell.angle_gamma                  90.00 
_cell.angle_gamma_esd              ? 
_cell.entry_id                     6HO2 
_cell.details                      ? 
_cell.formula_units_Z              ? 
_cell.length_a                     121.675 
_cell.length_a_esd                 ? 
_cell.length_b                     121.675 
_cell.length_b_esd                 ? 
_cell.length_c                     33.656 
_cell.length_c_esd                 ? 
_cell.volume                       ? 
_cell.volume_esd                   ? 
_cell.Z_PDB                        8 
_cell.reciprocal_angle_alpha       ? 
_cell.reciprocal_angle_beta        ? 
_cell.reciprocal_angle_gamma       ? 
_cell.reciprocal_angle_alpha_esd   ? 
_cell.reciprocal_angle_beta_esd    ? 
_cell.reciprocal_angle_gamma_esd   ? 
_cell.reciprocal_length_a          ? 
_cell.reciprocal_length_b          ? 
_cell.reciprocal_length_c          ? 
_cell.reciprocal_length_a_esd      ? 
_cell.reciprocal_length_b_esd      ? 
_cell.reciprocal_length_c_esd      ? 
_cell.pdbx_unique_axis             ? 
# 
_symmetry.entry_id                         6HO2 
_symmetry.cell_setting                     ? 
_symmetry.Int_Tables_number                92 
_symmetry.space_group_name_Hall            ? 
_symmetry.space_group_name_H-M             'P 41 21 2' 
_symmetry.pdbx_full_space_group_name_H-M   ? 
# 
_exptl.absorpt_coefficient_mu     ? 
_exptl.absorpt_correction_T_max   ? 
_exptl.absorpt_correction_T_min   ? 
_exptl.absorpt_correction_type    ? 
_exptl.absorpt_process_details    ? 
_exptl.entry_id                   6HO2 
_exptl.crystals_number            1 
_exptl.details                    ? 
_exptl.method                     'X-RAY DIFFRACTION' 
_exptl.method_details             ? 
# 
_exptl_crystal.colour                      ? 
_exptl_crystal.density_diffrn              ? 
_exptl_crystal.density_Matthews            2.40 
_exptl_crystal.density_method              ? 
_exptl_crystal.density_percent_sol         48.84 
_exptl_crystal.description                 ? 
_exptl_crystal.F_000                       ? 
_exptl_crystal.id                          1 
_exptl_crystal.preparation                 ? 
_exptl_crystal.size_max                    ? 
_exptl_crystal.size_mid                    ? 
_exptl_crystal.size_min                    ? 
_exptl_crystal.size_rad                    ? 
_exptl_crystal.colour_lustre               ? 
_exptl_crystal.colour_modifier             ? 
_exptl_crystal.colour_primary              ? 
_exptl_crystal.density_meas                ? 
_exptl_crystal.density_meas_esd            ? 
_exptl_crystal.density_meas_gt             ? 
_exptl_crystal.density_meas_lt             ? 
_exptl_crystal.density_meas_temp           ? 
_exptl_crystal.density_meas_temp_esd       ? 
_exptl_crystal.density_meas_temp_gt        ? 
_exptl_crystal.density_meas_temp_lt        ? 
_exptl_crystal.pdbx_crystal_image_url      ? 
_exptl_crystal.pdbx_crystal_image_format   ? 
_exptl_crystal.pdbx_mosaicity              ? 
_exptl_crystal.pdbx_mosaicity_esd          ? 
# 
_exptl_crystal_grow.apparatus       ? 
_exptl_crystal_grow.atmosphere      ? 
_exptl_crystal_grow.crystal_id      1 
_exptl_crystal_grow.details         ? 
_exptl_crystal_grow.method          'VAPOR DIFFUSION' 
_exptl_crystal_grow.method_ref      ? 
_exptl_crystal_grow.pH              6.7 
_exptl_crystal_grow.pressure        ? 
_exptl_crystal_grow.pressure_esd    ? 
_exptl_crystal_grow.seeding         ? 
_exptl_crystal_grow.seeding_ref     ? 
_exptl_crystal_grow.temp            293 
_exptl_crystal_grow.temp_details    ? 
_exptl_crystal_grow.temp_esd        ? 
_exptl_crystal_grow.time            ? 
_exptl_crystal_grow.pdbx_details    '1.4-1.6 ammonium sulfate, 15% glycerol, 100 mM MES' 
_exptl_crystal_grow.pdbx_pH_range   ? 
# 
_diffrn.ambient_environment              ? 
_diffrn.ambient_temp                     100 
_diffrn.ambient_temp_details             ? 
_diffrn.ambient_temp_esd                 ? 
_diffrn.crystal_id                       1 
_diffrn.crystal_support                  ? 
_diffrn.crystal_treatment                ? 
_diffrn.details                          ? 
_diffrn.id                               1 
_diffrn.ambient_pressure                 ? 
_diffrn.ambient_pressure_esd             ? 
_diffrn.ambient_pressure_gt              ? 
_diffrn.ambient_pressure_lt              ? 
_diffrn.ambient_temp_gt                  ? 
_diffrn.ambient_temp_lt                  ? 
_diffrn.pdbx_serial_crystal_experiment   ? 
# 
_diffrn_detector.details                      ? 
_diffrn_detector.detector                     PIXEL 
_diffrn_detector.diffrn_id                    1 
_diffrn_detector.type                         'DECTRIS PILATUS 6M' 
_diffrn_detector.area_resol_mean              ? 
_diffrn_detector.dtime                        ? 
_diffrn_detector.pdbx_frames_total            ? 
_diffrn_detector.pdbx_collection_time_total   ? 
_diffrn_detector.pdbx_collection_date         2010-12-06 
_diffrn_detector.pdbx_frequency               ? 
# 
_diffrn_radiation.collimation                      ? 
_diffrn_radiation.diffrn_id                        1 
_diffrn_radiation.filter_edge                      ? 
_diffrn_radiation.inhomogeneity                    ? 
_diffrn_radiation.monochromator                    ? 
_diffrn_radiation.polarisn_norm                    ? 
_diffrn_radiation.polarisn_ratio                   ? 
_diffrn_radiation.probe                            ? 
_diffrn_radiation.type                             ? 
_diffrn_radiation.xray_symbol                      ? 
_diffrn_radiation.wavelength_id                    1 
_diffrn_radiation.pdbx_monochromatic_or_laue_m_l   M 
_diffrn_radiation.pdbx_wavelength_list             ? 
_diffrn_radiation.pdbx_wavelength                  ? 
_diffrn_radiation.pdbx_diffrn_protocol             'SINGLE WAVELENGTH' 
_diffrn_radiation.pdbx_analyzer                    ? 
_diffrn_radiation.pdbx_scattering_type             x-ray 
# 
_diffrn_radiation_wavelength.id           1 
_diffrn_radiation_wavelength.wavelength   1.00 
_diffrn_radiation_wavelength.wt           1.0 
# 
_diffrn_source.current                     ? 
_diffrn_source.details                     ? 
_diffrn_source.diffrn_id                   1 
_diffrn_source.power                       ? 
_diffrn_source.size                        ? 
_diffrn_source.source                      SYNCHROTRON 
_diffrn_source.target                      ? 
_diffrn_source.type                        'SLS BEAMLINE X06SA' 
_diffrn_source.voltage                     ? 
_diffrn_source.take-off_angle              ? 
_diffrn_source.pdbx_wavelength_list        1.00 
_diffrn_source.pdbx_wavelength             ? 
_diffrn_source.pdbx_synchrotron_beamline   X06SA 
_diffrn_source.pdbx_synchrotron_site       SLS 
# 
_reflns.B_iso_Wilson_estimate            ? 
_reflns.entry_id                         6HO2 
_reflns.data_reduction_details           ? 
_reflns.data_reduction_method            ? 
_reflns.d_resolution_high                1.90 
_reflns.d_resolution_low                 54.41 
_reflns.details                          ? 
_reflns.limit_h_max                      ? 
_reflns.limit_h_min                      ? 
_reflns.limit_k_max                      ? 
_reflns.limit_k_min                      ? 
_reflns.limit_l_max                      ? 
_reflns.limit_l_min                      ? 
_reflns.number_all                       ? 
_reflns.number_obs                       20648 
_reflns.observed_criterion               ? 
_reflns.observed_criterion_F_max         ? 
_reflns.observed_criterion_F_min         ? 
_reflns.observed_criterion_I_max         ? 
_reflns.observed_criterion_I_min         ? 
_reflns.observed_criterion_sigma_F       ? 
_reflns.observed_criterion_sigma_I       ? 
_reflns.percent_possible_obs             99.9 
_reflns.R_free_details                   ? 
_reflns.Rmerge_F_all                     ? 
_reflns.Rmerge_F_obs                     ? 
_reflns.Friedel_coverage                 ? 
_reflns.number_gt                        ? 
_reflns.threshold_expression             ? 
_reflns.pdbx_redundancy                  12.6 
_reflns.pdbx_Rmerge_I_obs                0.107 
_reflns.pdbx_Rmerge_I_all                ? 
_reflns.pdbx_Rsym_value                  ? 
_reflns.pdbx_netI_over_av_sigmaI         ? 
_reflns.pdbx_netI_over_sigmaI            18.6 
_reflns.pdbx_res_netI_over_av_sigmaI_2   ? 
_reflns.pdbx_res_netI_over_sigmaI_2      ? 
_reflns.pdbx_chi_squared                 ? 
_reflns.pdbx_scaling_rejects             ? 
_reflns.pdbx_d_res_high_opt              ? 
_reflns.pdbx_d_res_low_opt               ? 
_reflns.pdbx_d_res_opt_method            ? 
_reflns.phase_calculation_details        ? 
_reflns.pdbx_Rrim_I_all                  ? 
_reflns.pdbx_Rpim_I_all                  ? 
_reflns.pdbx_d_opt                       ? 
_reflns.pdbx_number_measured_all         ? 
_reflns.pdbx_diffrn_id                   1 
_reflns.pdbx_ordinal                     1 
_reflns.pdbx_CC_half                     ? 
_reflns.pdbx_R_split                     ? 
# 
_reflns_shell.d_res_high                  1.90 
_reflns_shell.d_res_low                   2.00 
_reflns_shell.meanI_over_sigI_all         ? 
_reflns_shell.meanI_over_sigI_obs         2.4 
_reflns_shell.number_measured_all         ? 
_reflns_shell.number_measured_obs         ? 
_reflns_shell.number_possible             ? 
_reflns_shell.number_unique_all           ? 
_reflns_shell.number_unique_obs           2948 
_reflns_shell.percent_possible_all        99.6 
_reflns_shell.percent_possible_obs        ? 
_reflns_shell.Rmerge_F_all                ? 
_reflns_shell.Rmerge_F_obs                ? 
_reflns_shell.Rmerge_I_all                ? 
_reflns_shell.Rmerge_I_obs                1.065 
_reflns_shell.meanI_over_sigI_gt          ? 
_reflns_shell.meanI_over_uI_all           ? 
_reflns_shell.meanI_over_uI_gt            ? 
_reflns_shell.number_measured_gt          ? 
_reflns_shell.number_unique_gt            ? 
_reflns_shell.percent_possible_gt         ? 
_reflns_shell.Rmerge_F_gt                 ? 
_reflns_shell.Rmerge_I_gt                 ? 
_reflns_shell.pdbx_redundancy             11.1 
_reflns_shell.pdbx_Rsym_value             ? 
_reflns_shell.pdbx_chi_squared            ? 
_reflns_shell.pdbx_netI_over_sigmaI_all   ? 
_reflns_shell.pdbx_netI_over_sigmaI_obs   ? 
_reflns_shell.pdbx_Rrim_I_all             ? 
_reflns_shell.pdbx_Rpim_I_all             ? 
_reflns_shell.pdbx_rejects                ? 
_reflns_shell.pdbx_ordinal                1 
_reflns_shell.pdbx_diffrn_id              1 
_reflns_shell.pdbx_CC_half                ? 
_reflns_shell.pdbx_R_split                ? 
# 
_refine.aniso_B[1][1]                            -0.00 
_refine.aniso_B[1][2]                            0.00 
_refine.aniso_B[1][3]                            0.00 
_refine.aniso_B[2][2]                            -0.00 
_refine.aniso_B[2][3]                            0.00 
_refine.aniso_B[3][3]                            0.00 
_refine.B_iso_max                                ? 
_refine.B_iso_mean                               29.619 
_refine.B_iso_min                                ? 
_refine.correlation_coeff_Fo_to_Fc               0.957 
_refine.correlation_coeff_Fo_to_Fc_free          0.919 
_refine.details                                  'HYDROGENS HAVE BEEN ADDED IN THE RIDING POSITIONS' 
_refine.diff_density_max                         ? 
_refine.diff_density_max_esd                     ? 
_refine.diff_density_min                         ? 
_refine.diff_density_min_esd                     ? 
_refine.diff_density_rms                         ? 
_refine.diff_density_rms_esd                     ? 
_refine.entry_id                                 6HO2 
_refine.pdbx_refine_id                           'X-RAY DIFFRACTION' 
_refine.ls_abs_structure_details                 ? 
_refine.ls_abs_structure_Flack                   ? 
_refine.ls_abs_structure_Flack_esd               ? 
_refine.ls_abs_structure_Rogers                  ? 
_refine.ls_abs_structure_Rogers_esd              ? 
_refine.ls_d_res_high                            1.90 
_refine.ls_d_res_low                             54.41 
_refine.ls_extinction_coef                       ? 
_refine.ls_extinction_coef_esd                   ? 
_refine.ls_extinction_expression                 ? 
_refine.ls_extinction_method                     ? 
_refine.ls_goodness_of_fit_all                   ? 
_refine.ls_goodness_of_fit_all_esd               ? 
_refine.ls_goodness_of_fit_obs                   ? 
_refine.ls_goodness_of_fit_obs_esd               ? 
_refine.ls_hydrogen_treatment                    ? 
_refine.ls_matrix_type                           ? 
_refine.ls_number_constraints                    ? 
_refine.ls_number_parameters                     ? 
_refine.ls_number_reflns_all                     ? 
_refine.ls_number_reflns_obs                     19573 
_refine.ls_number_reflns_R_free                  1031 
_refine.ls_number_reflns_R_work                  ? 
_refine.ls_number_restraints                     ? 
_refine.ls_percent_reflns_obs                    99.92 
_refine.ls_percent_reflns_R_free                 5.0 
_refine.ls_R_factor_all                          ? 
_refine.ls_R_factor_obs                          0.18758 
_refine.ls_R_factor_R_free                       0.22812 
_refine.ls_R_factor_R_free_error                 ? 
_refine.ls_R_factor_R_free_error_details         ? 
_refine.ls_R_factor_R_work                       0.18546 
_refine.ls_R_Fsqd_factor_obs                     ? 
_refine.ls_R_I_factor_obs                        ? 
_refine.ls_redundancy_reflns_all                 ? 
_refine.ls_redundancy_reflns_obs                 ? 
_refine.ls_restrained_S_all                      ? 
_refine.ls_restrained_S_obs                      ? 
_refine.ls_shift_over_esd_max                    ? 
_refine.ls_shift_over_esd_mean                   ? 
_refine.ls_structure_factor_coef                 ? 
_refine.ls_weighting_details                     ? 
_refine.ls_weighting_scheme                      ? 
_refine.ls_wR_factor_all                         ? 
_refine.ls_wR_factor_obs                         ? 
_refine.ls_wR_factor_R_free                      ? 
_refine.ls_wR_factor_R_work                      ? 
_refine.occupancy_max                            ? 
_refine.occupancy_min                            ? 
_refine.solvent_model_details                    ? 
_refine.solvent_model_param_bsol                 ? 
_refine.solvent_model_param_ksol                 ? 
_refine.ls_R_factor_gt                           ? 
_refine.ls_goodness_of_fit_gt                    ? 
_refine.ls_goodness_of_fit_ref                   ? 
_refine.ls_shift_over_su_max                     ? 
_refine.ls_shift_over_su_max_lt                  ? 
_refine.ls_shift_over_su_mean                    ? 
_refine.ls_shift_over_su_mean_lt                 ? 
_refine.pdbx_ls_sigma_I                          ? 
_refine.pdbx_ls_sigma_F                          ? 
_refine.pdbx_ls_sigma_Fsqd                       ? 
_refine.pdbx_data_cutoff_high_absF               ? 
_refine.pdbx_data_cutoff_high_rms_absF           ? 
_refine.pdbx_data_cutoff_low_absF                ? 
_refine.pdbx_isotropic_thermal_model             ? 
_refine.pdbx_ls_cross_valid_method               THROUGHOUT 
_refine.pdbx_method_to_determine_struct          ? 
_refine.pdbx_starting_model                      ? 
_refine.pdbx_stereochemistry_target_values       ? 
_refine.pdbx_R_Free_selection_details            RANDOM 
_refine.pdbx_stereochem_target_val_spec_case     ? 
_refine.pdbx_overall_ESU_R                       0.120 
_refine.pdbx_overall_ESU_R_Free                  0.123 
_refine.pdbx_solvent_vdw_probe_radii             1.20 
_refine.pdbx_solvent_ion_probe_radii             0.80 
_refine.pdbx_solvent_shrinkage_radii             0.80 
_refine.pdbx_real_space_R                        ? 
_refine.pdbx_density_correlation                 ? 
_refine.pdbx_pd_number_of_powder_patterns        ? 
_refine.pdbx_pd_number_of_points                 ? 
_refine.pdbx_pd_meas_number_of_points            ? 
_refine.pdbx_pd_proc_ls_prof_R_factor            ? 
_refine.pdbx_pd_proc_ls_prof_wR_factor           ? 
_refine.pdbx_pd_Marquardt_correlation_coeff      ? 
_refine.pdbx_pd_Fsqrd_R_factor                   ? 
_refine.pdbx_pd_ls_matrix_band_width             ? 
_refine.pdbx_overall_phase_error                 ? 
_refine.pdbx_overall_SU_R_free_Cruickshank_DPI   ? 
_refine.pdbx_overall_SU_R_free_Blow_DPI          ? 
_refine.pdbx_overall_SU_R_Blow_DPI               ? 
_refine.pdbx_TLS_residual_ADP_flag               ? 
_refine.pdbx_diffrn_id                           1 
_refine.overall_SU_B                             2.967 
_refine.overall_SU_ML                            0.085 
_refine.overall_SU_R_Cruickshank_DPI             ? 
_refine.overall_SU_R_free                        ? 
_refine.overall_FOM_free_R_set                   ? 
_refine.overall_FOM_work_R_set                   ? 
_refine.pdbx_average_fsc_overall                 ? 
_refine.pdbx_average_fsc_work                    ? 
_refine.pdbx_average_fsc_free                    ? 
# 
_refine_hist.pdbx_refine_id                   'X-RAY DIFFRACTION' 
_refine_hist.cycle_id                         1 
_refine_hist.pdbx_number_atoms_protein        1462 
_refine_hist.pdbx_number_atoms_nucleic_acid   0 
_refine_hist.pdbx_number_atoms_ligand         27 
_refine_hist.number_atoms_solvent             30 
_refine_hist.number_atoms_total               1519 
_refine_hist.d_res_high                       1.90 
_refine_hist.d_res_low                        54.41 
# 
loop_
_refine_ls_restr.pdbx_refine_id 
_refine_ls_restr.criterion 
_refine_ls_restr.dev_ideal 
_refine_ls_restr.dev_ideal_target 
_refine_ls_restr.number 
_refine_ls_restr.rejects 
_refine_ls_restr.type 
_refine_ls_restr.weight 
_refine_ls_restr.pdbx_restraint_function 
'X-RAY DIFFRACTION' ? 0.011  0.013  1519 ? r_bond_refined_d             ? ? 
'X-RAY DIFFRACTION' ? 0.001  0.017  1407 ? r_bond_other_d               ? ? 
'X-RAY DIFFRACTION' ? 1.734  1.667  2070 ? r_angle_refined_deg          ? ? 
'X-RAY DIFFRACTION' ? 1.507  1.585  3234 ? r_angle_other_deg            ? ? 
'X-RAY DIFFRACTION' ? 4.842  5.000  185  ? r_dihedral_angle_1_deg       ? ? 
'X-RAY DIFFRACTION' ? 36.074 21.325 83   ? r_dihedral_angle_2_deg       ? ? 
'X-RAY DIFFRACTION' ? 12.245 15.000 238  ? r_dihedral_angle_3_deg       ? ? 
'X-RAY DIFFRACTION' ? 14.597 15.000 13   ? r_dihedral_angle_4_deg       ? ? 
'X-RAY DIFFRACTION' ? 0.083  0.200  203  ? r_chiral_restr               ? ? 
'X-RAY DIFFRACTION' ? 0.009  0.020  1704 ? r_gen_planes_refined         ? ? 
'X-RAY DIFFRACTION' ? 0.001  0.020  339  ? r_gen_planes_other           ? ? 
'X-RAY DIFFRACTION' ? ?      ?      ?    ? r_nbd_refined                ? ? 
'X-RAY DIFFRACTION' ? ?      ?      ?    ? r_nbd_other                  ? ? 
'X-RAY DIFFRACTION' ? ?      ?      ?    ? r_nbtor_refined              ? ? 
'X-RAY DIFFRACTION' ? ?      ?      ?    ? r_nbtor_other                ? ? 
'X-RAY DIFFRACTION' ? ?      ?      ?    ? r_xyhbond_nbd_refined        ? ? 
'X-RAY DIFFRACTION' ? ?      ?      ?    ? r_xyhbond_nbd_other          ? ? 
'X-RAY DIFFRACTION' ? ?      ?      ?    ? r_metal_ion_refined          ? ? 
'X-RAY DIFFRACTION' ? ?      ?      ?    ? r_metal_ion_other            ? ? 
'X-RAY DIFFRACTION' ? ?      ?      ?    ? r_symmetry_vdw_refined       ? ? 
'X-RAY DIFFRACTION' ? ?      ?      ?    ? r_symmetry_vdw_other         ? ? 
'X-RAY DIFFRACTION' ? ?      ?      ?    ? r_symmetry_hbond_refined     ? ? 
'X-RAY DIFFRACTION' ? ?      ?      ?    ? r_symmetry_hbond_other       ? ? 
'X-RAY DIFFRACTION' ? ?      ?      ?    ? r_symmetry_metal_ion_refined ? ? 
'X-RAY DIFFRACTION' ? ?      ?      ?    ? r_symmetry_metal_ion_other   ? ? 
'X-RAY DIFFRACTION' ? 2.727  2.937  746  ? r_mcbond_it                  ? ? 
'X-RAY DIFFRACTION' ? 2.728  2.935  745  ? r_mcbond_other               ? ? 
'X-RAY DIFFRACTION' ? 3.656  4.383  929  ? r_mcangle_it                 ? ? 
'X-RAY DIFFRACTION' ? 3.655  4.386  930  ? r_mcangle_other              ? ? 
'X-RAY DIFFRACTION' ? 3.881  3.347  773  ? r_scbond_it                  ? ? 
'X-RAY DIFFRACTION' ? 3.882  3.349  771  ? r_scbond_other               ? ? 
'X-RAY DIFFRACTION' ? ?      ?      ?    ? r_scangle_it                 ? ? 
'X-RAY DIFFRACTION' ? 5.805  4.842  1142 ? r_scangle_other              ? ? 
'X-RAY DIFFRACTION' ? 6.902  34.377 1724 ? r_long_range_B_refined       ? ? 
'X-RAY DIFFRACTION' ? 6.895  34.333 1719 ? r_long_range_B_other         ? ? 
'X-RAY DIFFRACTION' ? ?      ?      ?    ? r_rigid_bond_restr           ? ? 
'X-RAY DIFFRACTION' ? ?      ?      ?    ? r_sphericity_free            ? ? 
'X-RAY DIFFRACTION' ? ?      ?      ?    ? r_sphericity_bonded          ? ? 
# 
_refine_ls_shell.pdbx_refine_id                   'X-RAY DIFFRACTION' 
_refine_ls_shell.d_res_high                       1.899 
_refine_ls_shell.d_res_low                        1.948 
_refine_ls_shell.number_reflns_all                ? 
_refine_ls_shell.number_reflns_obs                ? 
_refine_ls_shell.number_reflns_R_free             74 
_refine_ls_shell.number_reflns_R_work             1411 
_refine_ls_shell.percent_reflns_obs               99.13 
_refine_ls_shell.percent_reflns_R_free            ? 
_refine_ls_shell.R_factor_all                     ? 
_refine_ls_shell.R_factor_obs                     ? 
_refine_ls_shell.R_factor_R_free                  0.369 
_refine_ls_shell.R_factor_R_free_error            ? 
_refine_ls_shell.R_factor_R_work                  0.315 
_refine_ls_shell.redundancy_reflns_all            ? 
_refine_ls_shell.redundancy_reflns_obs            ? 
_refine_ls_shell.wR_factor_all                    ? 
_refine_ls_shell.wR_factor_obs                    ? 
_refine_ls_shell.wR_factor_R_free                 ? 
_refine_ls_shell.wR_factor_R_work                 ? 
_refine_ls_shell.pdbx_total_number_of_bins_used   20 
_refine_ls_shell.pdbx_phase_error                 ? 
_refine_ls_shell.pdbx_fsc_work                    ? 
_refine_ls_shell.pdbx_fsc_free                    ? 
# 
_struct.entry_id                     6HO2 
_struct.title                        'TRANSCRIPTIONAL REPRESSOR ETHR FROM MYCOBACTERIUM TUBERCULOSIS IN COMPLEX WITH BDM43138' 
_struct.pdbx_model_details           ? 
_struct.pdbx_formula_weight          ? 
_struct.pdbx_formula_weight_method   ? 
_struct.pdbx_model_type_details      ? 
_struct.pdbx_CASP_flag               N 
# 
_struct_keywords.entry_id        6HO2 
_struct_keywords.text            
'HELIX-TURN-HELIX, DNA BINDING PROTEIN, TETR-FAMILY, COMPLEX, INHIBITOR, DRUG DESIGN, TUBERCULOSIS, ETHIONAMIDE' 
_struct_keywords.pdbx_keywords   'DNA BINDING PROTEIN' 
# 
loop_
_struct_asym.id 
_struct_asym.pdbx_blank_PDB_chainid_flag 
_struct_asym.pdbx_modified 
_struct_asym.entity_id 
_struct_asym.details 
A N N 1 ? 
B N N 2 ? 
C N N 3 ? 
# 
_struct_ref.id                         1 
_struct_ref.db_name                    UNP 
_struct_ref.db_code                    ETHR_MYCTO 
_struct_ref.pdbx_db_accession          P9WMC0 
_struct_ref.pdbx_db_isoform            ? 
_struct_ref.entity_id                  1 
_struct_ref.pdbx_seq_one_letter_code   
;MTTSAASQASLPRGRRTARPSGDDRELAILATAENLLEDRPLADISVDDLAKGAGISRPTFYFYFPSKEAVLLTLLDRVV
NQADMALQTLAENPADTDRENMWRTGINVFFETFGSHKAVTRAGQAARATSVEVAELWSTFMQKWIAYTAAVIDAERDRG
AAPRTLPAHELATALNLMNERTLFASFAGEQPSVPEARVLDTLVHIWVTSIYGENR
;
_struct_ref.pdbx_align_begin           1 
# 
_struct_ref_seq.align_id                      1 
_struct_ref_seq.ref_id                        1 
_struct_ref_seq.pdbx_PDB_id_code              6HO2 
_struct_ref_seq.pdbx_strand_id                A 
_struct_ref_seq.seq_align_beg                 13 
_struct_ref_seq.pdbx_seq_align_beg_ins_code   ? 
_struct_ref_seq.seq_align_end                 228 
_struct_ref_seq.pdbx_seq_align_end_ins_code   ? 
_struct_ref_seq.pdbx_db_accession             P9WMC0 
_struct_ref_seq.db_align_beg                  1 
_struct_ref_seq.pdbx_db_align_beg_ins_code    ? 
_struct_ref_seq.db_align_end                  216 
_struct_ref_seq.pdbx_db_align_end_ins_code    ? 
_struct_ref_seq.pdbx_auth_seq_align_beg       1 
_struct_ref_seq.pdbx_auth_seq_align_end       216 
# 
loop_
_struct_ref_seq_dif.align_id 
_struct_ref_seq_dif.pdbx_pdb_id_code 
_struct_ref_seq_dif.mon_id 
_struct_ref_seq_dif.pdbx_pdb_strand_id 
_struct_ref_seq_dif.seq_num 
_struct_ref_seq_dif.pdbx_pdb_ins_code 
_struct_ref_seq_dif.pdbx_seq_db_name 
_struct_ref_seq_dif.pdbx_seq_db_accession_code 
_struct_ref_seq_dif.db_mon_id 
_struct_ref_seq_dif.pdbx_seq_db_seq_num 
_struct_ref_seq_dif.details 
_struct_ref_seq_dif.pdbx_auth_seq_num 
_struct_ref_seq_dif.pdbx_ordinal 
1 6HO2 MET A 1  ? UNP P9WMC0 ? ? 'initiating methionine' -11 1  
1 6HO2 THR A 2  ? UNP P9WMC0 ? ? 'expression tag'        -10 2  
1 6HO2 THR A 3  ? UNP P9WMC0 ? ? 'expression tag'        -9  3  
1 6HO2 SER A 4  ? UNP P9WMC0 ? ? 'expression tag'        -8  4  
1 6HO2 ALA A 5  ? UNP P9WMC0 ? ? 'expression tag'        -7  5  
1 6HO2 ALA A 6  ? UNP P9WMC0 ? ? 'expression tag'        -6  6  
1 6HO2 SER A 7  ? UNP P9WMC0 ? ? 'expression tag'        -5  7  
1 6HO2 GLN A 8  ? UNP P9WMC0 ? ? 'expression tag'        -4  8  
1 6HO2 ALA A 9  ? UNP P9WMC0 ? ? 'expression tag'        -3  9  
1 6HO2 SER A 10 ? UNP P9WMC0 ? ? 'expression tag'        -2  10 
1 6HO2 LEU A 11 ? UNP P9WMC0 ? ? 'expression tag'        -1  11 
1 6HO2 PRO A 12 ? UNP P9WMC0 ? ? 'expression tag'        0   12 
# 
_pdbx_struct_assembly.id                   1 
_pdbx_struct_assembly.details              author_and_software_defined_assembly 
_pdbx_struct_assembly.method_details       PISA 
_pdbx_struct_assembly.oligomeric_details   dimeric 
_pdbx_struct_assembly.oligomeric_count     2 
# 
loop_
_pdbx_struct_assembly_prop.biol_id 
_pdbx_struct_assembly_prop.type 
_pdbx_struct_assembly_prop.value 
_pdbx_struct_assembly_prop.details 
1 'ABSA (A^2)' 2710  ? 
1 MORE         -22   ? 
1 'SSA (A^2)'  16670 ? 
# 
_pdbx_struct_assembly_gen.assembly_id       1 
_pdbx_struct_assembly_gen.oper_expression   1,2 
_pdbx_struct_assembly_gen.asym_id_list      A,B,C 
# 
_pdbx_struct_assembly_auth_evidence.id                     1 
_pdbx_struct_assembly_auth_evidence.assembly_id            1 
_pdbx_struct_assembly_auth_evidence.experimental_support   none 
_pdbx_struct_assembly_auth_evidence.details                ? 
# 
loop_
_pdbx_struct_oper_list.id 
_pdbx_struct_oper_list.type 
_pdbx_struct_oper_list.name 
_pdbx_struct_oper_list.symmetry_operation 
_pdbx_struct_oper_list.matrix[1][1] 
_pdbx_struct_oper_list.matrix[1][2] 
_pdbx_struct_oper_list.matrix[1][3] 
_pdbx_struct_oper_list.vector[1] 
_pdbx_struct_oper_list.matrix[2][1] 
_pdbx_struct_oper_list.matrix[2][2] 
_pdbx_struct_oper_list.matrix[2][3] 
_pdbx_struct_oper_list.vector[2] 
_pdbx_struct_oper_list.matrix[3][1] 
_pdbx_struct_oper_list.matrix[3][2] 
_pdbx_struct_oper_list.matrix[3][3] 
_pdbx_struct_oper_list.vector[3] 
1 'identity operation'         1_555 x,y,z  1.0000000000 0.0000000000 0.0000000000  0.0000000000   0.0000000000 1.0000000000  0.0000000000  0.0000000000  0.0000000000  0.0000000000  1.0000000000  0.0000000000 
2 'crystal symmetry operation' 7_555 y,x,-z 0.0065647106 0.9506013231 -0.3103450164 -14.4618709785 0.9506013231 -0.1022505897 -0.2930903300 18.0496400102 -0.3103450164 -0.2930903300 -0.9043141209 8.3816480390 
# 
loop_
_struct_conf.conf_type_id 
_struct_conf.id 
_struct_conf.pdbx_PDB_helix_id 
_struct_conf.beg_label_comp_id 
_struct_conf.beg_label_asym_id 
_struct_conf.beg_label_seq_id 
_struct_conf.pdbx_beg_PDB_ins_code 
_struct_conf.end_label_comp_id 
_struct_conf.end_label_asym_id 
_struct_conf.end_label_seq_id 
_struct_conf.pdbx_end_PDB_ins_code 
_struct_conf.beg_auth_comp_id 
_struct_conf.beg_auth_asym_id 
_struct_conf.beg_auth_seq_id 
_struct_conf.end_auth_comp_id 
_struct_conf.end_auth_asym_id 
_struct_conf.end_auth_seq_id 
_struct_conf.pdbx_PDB_helix_class 
_struct_conf.details 
_struct_conf.pdbx_PDB_helix_length 
HELX_P HELX_P1  AA1 ARG A 37  ? GLU A 50  ? ARG A 25  GLU A 38  1 ? 14 
HELX_P HELX_P2  AA2 PRO A 53  ? ILE A 57  ? PRO A 41  ILE A 45  5 ? 5  
HELX_P HELX_P3  AA3 SER A 58  ? GLY A 67  ? SER A 46  GLY A 55  1 ? 10 
HELX_P HELX_P4  AA4 SER A 69  ? PHE A 77  ? SER A 57  PHE A 65  1 ? 9  
HELX_P HELX_P5  AA5 SER A 79  ? ASN A 105 ? SER A 67  ASN A 93  1 ? 27 
HELX_P HELX_P6  AA6 ASP A 110 ? SER A 128 ? ASP A 98  SER A 116 1 ? 19 
HELX_P HELX_P7  AA7 HIS A 129 ? ARG A 140 ? HIS A 117 ARG A 128 1 ? 12 
HELX_P HELX_P8  AA8 SER A 143 ? ARG A 171 ? SER A 131 ARG A 159 1 ? 29 
HELX_P HELX_P9  AA9 PRO A 179 ? ALA A 200 ? PRO A 167 ALA A 188 1 ? 22 
HELX_P HELX_P10 AB1 PRO A 207 ? GLY A 225 ? PRO A 195 GLY A 213 1 ? 19 
# 
_struct_conf_type.id          HELX_P 
_struct_conf_type.criteria    ? 
_struct_conf_type.reference   ? 
# 
_struct_mon_prot_cis.pdbx_id                1 
_struct_mon_prot_cis.label_comp_id          GLN 
_struct_mon_prot_cis.label_seq_id           203 
_struct_mon_prot_cis.label_asym_id          A 
_struct_mon_prot_cis.label_alt_id           . 
_struct_mon_prot_cis.pdbx_PDB_ins_code      ? 
_struct_mon_prot_cis.auth_comp_id           GLN 
_struct_mon_prot_cis.auth_seq_id            191 
_struct_mon_prot_cis.auth_asym_id           A 
_struct_mon_prot_cis.pdbx_label_comp_id_2   PRO 
_struct_mon_prot_cis.pdbx_label_seq_id_2    204 
_struct_mon_prot_cis.pdbx_label_asym_id_2   A 
_struct_mon_prot_cis.pdbx_PDB_ins_code_2    ? 
_struct_mon_prot_cis.pdbx_auth_comp_id_2    PRO 
_struct_mon_prot_cis.pdbx_auth_seq_id_2     192 
_struct_mon_prot_cis.pdbx_auth_asym_id_2    A 
_struct_mon_prot_cis.pdbx_PDB_model_num     1 
_struct_mon_prot_cis.pdbx_omega_angle       4.75 
# 
_struct_site.id                   AC1 
_struct_site.pdbx_evidence_code   Software 
_struct_site.pdbx_auth_asym_id    A 
_struct_site.pdbx_auth_comp_id    GHN 
_struct_site.pdbx_auth_seq_id     301 
_struct_site.pdbx_auth_ins_code   ? 
_struct_site.pdbx_num_residues    15 
_struct_site.details              'binding site for residue GHN A 301' 
# 
loop_
_struct_site_gen.id 
_struct_site_gen.site_id 
_struct_site_gen.pdbx_num_res 
_struct_site_gen.label_comp_id 
_struct_site_gen.label_asym_id 
_struct_site_gen.label_seq_id 
_struct_site_gen.pdbx_auth_ins_code 
_struct_site_gen.auth_comp_id 
_struct_site_gen.auth_asym_id 
_struct_site_gen.auth_seq_id 
_struct_site_gen.label_atom_id 
_struct_site_gen.label_alt_id 
_struct_site_gen.symmetry 
_struct_site_gen.details 
1  AC1 15 MET A 114 ? MET A 102 . ? 1_555 ? 
2  AC1 15 TRP A 115 ? TRP A 103 . ? 1_555 ? 
3  AC1 15 GLY A 118 ? GLY A 106 . ? 1_555 ? 
4  AC1 15 PHE A 122 ? PHE A 110 . ? 1_555 ? 
5  AC1 15 TRP A 150 ? TRP A 138 . ? 1_555 ? 
6  AC1 15 TRP A 157 ? TRP A 145 . ? 1_555 ? 
7  AC1 15 TYR A 160 ? TYR A 148 . ? 1_555 ? 
8  AC1 15 THR A 161 ? THR A 149 . ? 1_555 ? 
9  AC1 15 VAL A 164 ? VAL A 152 . ? 1_555 ? 
10 AC1 15 ASN A 188 ? ASN A 176 . ? 1_555 ? 
11 AC1 15 ASN A 191 ? ASN A 179 . ? 1_555 ? 
12 AC1 15 GLU A 192 ? GLU A 180 . ? 1_555 ? 
13 AC1 15 LEU A 195 ? LEU A 183 . ? 1_555 ? 
14 AC1 15 PHE A 196 ? PHE A 184 . ? 1_555 ? 
15 AC1 15 TRP A 219 ? TRP A 207 . ? 1_555 ? 
# 
loop_
_pdbx_validate_close_contact.id 
_pdbx_validate_close_contact.PDB_model_num 
_pdbx_validate_close_contact.auth_atom_id_1 
_pdbx_validate_close_contact.auth_asym_id_1 
_pdbx_validate_close_contact.auth_comp_id_1 
_pdbx_validate_close_contact.auth_seq_id_1 
_pdbx_validate_close_contact.PDB_ins_code_1 
_pdbx_validate_close_contact.label_alt_id_1 
_pdbx_validate_close_contact.auth_atom_id_2 
_pdbx_validate_close_contact.auth_asym_id_2 
_pdbx_validate_close_contact.auth_comp_id_2 
_pdbx_validate_close_contact.auth_seq_id_2 
_pdbx_validate_close_contact.PDB_ins_code_2 
_pdbx_validate_close_contact.label_alt_id_2 
_pdbx_validate_close_contact.dist 
1 1 OE2 A GLU 170 ? ? O   A HOH 401 ? ? 2.14 
2 1 OG  A SER 46  ? ? OD1 A ASP 49  ? ? 2.15 
# 
_pdbx_validate_symm_contact.id                1 
_pdbx_validate_symm_contact.PDB_model_num     1 
_pdbx_validate_symm_contact.auth_atom_id_1    O 
_pdbx_validate_symm_contact.auth_asym_id_1    A 
_pdbx_validate_symm_contact.auth_comp_id_1    HOH 
_pdbx_validate_symm_contact.auth_seq_id_1     401 
_pdbx_validate_symm_contact.PDB_ins_code_1    ? 
_pdbx_validate_symm_contact.label_alt_id_1    ? 
_pdbx_validate_symm_contact.site_symmetry_1   1_555 
_pdbx_validate_symm_contact.auth_atom_id_2    O 
_pdbx_validate_symm_contact.auth_asym_id_2    A 
_pdbx_validate_symm_contact.auth_comp_id_2    HOH 
_pdbx_validate_symm_contact.auth_seq_id_2     401 
_pdbx_validate_symm_contact.PDB_ins_code_2    ? 
_pdbx_validate_symm_contact.label_alt_id_2    ? 
_pdbx_validate_symm_contact.site_symmetry_2   7_556 
_pdbx_validate_symm_contact.dist              1.09 
# 
_pdbx_validate_torsion.id              1 
_pdbx_validate_torsion.PDB_model_num   1 
_pdbx_validate_torsion.auth_comp_id    THR 
_pdbx_validate_torsion.auth_asym_id    A 
_pdbx_validate_torsion.auth_seq_id     165 
_pdbx_validate_torsion.PDB_ins_code    ? 
_pdbx_validate_torsion.label_alt_id    ? 
_pdbx_validate_torsion.phi             -103.98 
_pdbx_validate_torsion.psi             -111.16 
# 
loop_
_pdbx_unobs_or_zero_occ_residues.id 
_pdbx_unobs_or_zero_occ_residues.PDB_model_num 
_pdbx_unobs_or_zero_occ_residues.polymer_flag 
_pdbx_unobs_or_zero_occ_residues.occupancy_flag 
_pdbx_unobs_or_zero_occ_residues.auth_asym_id 
_pdbx_unobs_or_zero_occ_residues.auth_comp_id 
_pdbx_unobs_or_zero_occ_residues.auth_seq_id 
_pdbx_unobs_or_zero_occ_residues.PDB_ins_code 
_pdbx_unobs_or_zero_occ_residues.label_asym_id 
_pdbx_unobs_or_zero_occ_residues.label_comp_id 
_pdbx_unobs_or_zero_occ_residues.label_seq_id 
1  1 Y 1 A MET -11 ? A MET 1   
2  1 Y 1 A THR -10 ? A THR 2   
3  1 Y 1 A THR -9  ? A THR 3   
4  1 Y 1 A SER -8  ? A SER 4   
5  1 Y 1 A ALA -7  ? A ALA 5   
6  1 Y 1 A ALA -6  ? A ALA 6   
7  1 Y 1 A SER -5  ? A SER 7   
8  1 Y 1 A GLN -4  ? A GLN 8   
9  1 Y 1 A ALA -3  ? A ALA 9   
10 1 Y 1 A SER -2  ? A SER 10  
11 1 Y 1 A LEU -1  ? A LEU 11  
12 1 Y 1 A PRO 0   ? A PRO 12  
13 1 Y 1 A MET 1   ? A MET 13  
14 1 Y 1 A THR 2   ? A THR 14  
15 1 Y 1 A THR 3   ? A THR 15  
16 1 Y 1 A SER 4   ? A SER 16  
17 1 Y 1 A ALA 5   ? A ALA 17  
18 1 Y 1 A ALA 6   ? A ALA 18  
19 1 Y 1 A SER 7   ? A SER 19  
20 1 Y 1 A GLN 8   ? A GLN 20  
21 1 Y 1 A ALA 9   ? A ALA 21  
22 1 Y 1 A SER 10  ? A SER 22  
23 1 Y 1 A LEU 11  ? A LEU 23  
24 1 Y 1 A PRO 12  ? A PRO 24  
25 1 Y 1 A ARG 13  ? A ARG 25  
26 1 Y 1 A GLY 14  ? A GLY 26  
27 1 Y 1 A ARG 15  ? A ARG 27  
28 1 Y 1 A ARG 16  ? A ARG 28  
29 1 Y 1 A THR 17  ? A THR 29  
30 1 Y 1 A ALA 18  ? A ALA 30  
31 1 Y 1 A ARG 19  ? A ARG 31  
32 1 Y 1 A PRO 20  ? A PRO 32  
33 1 Y 1 A SER 21  ? A SER 33  
34 1 Y 1 A GLY 22  ? A GLY 34  
35 1 Y 1 A ASP 23  ? A ASP 35  
36 1 Y 1 A ASP 24  ? A ASP 36  
37 1 Y 1 A PRO 94  ? A PRO 106 
38 1 Y 1 A ALA 95  ? A ALA 107 
39 1 Y 1 A ASP 96  ? A ASP 108 
40 1 Y 1 A ASN 215 ? A ASN 227 
41 1 Y 1 A ARG 216 ? A ARG 228 
# 
loop_
_chem_comp_atom.comp_id 
_chem_comp_atom.atom_id 
_chem_comp_atom.type_symbol 
_chem_comp_atom.pdbx_aromatic_flag 
_chem_comp_atom.pdbx_stereo_config 
_chem_comp_atom.pdbx_ordinal 
ALA N    N N N 1   
ALA CA   C N S 2   
ALA C    C N N 3   
ALA O    O N N 4   
ALA CB   C N N 5   
ALA OXT  O N N 6   
ALA H    H N N 7   
ALA H2   H N N 8   
ALA HA   H N N 9   
ALA HB1  H N N 10  
ALA HB2  H N N 11  
ALA HB3  H N N 12  
ALA HXT  H N N 13  
ARG N    N N N 14  
ARG CA   C N S 15  
ARG C    C N N 16  
ARG O    O N N 17  
ARG CB   C N N 18  
ARG CG   C N N 19  
ARG CD   C N N 20  
ARG NE   N N N 21  
ARG CZ   C N N 22  
ARG NH1  N N N 23  
ARG NH2  N N N 24  
ARG OXT  O N N 25  
ARG H    H N N 26  
ARG H2   H N N 27  
ARG HA   H N N 28  
ARG HB2  H N N 29  
ARG HB3  H N N 30  
ARG HG2  H N N 31  
ARG HG3  H N N 32  
ARG HD2  H N N 33  
ARG HD3  H N N 34  
ARG HE   H N N 35  
ARG HH11 H N N 36  
ARG HH12 H N N 37  
ARG HH21 H N N 38  
ARG HH22 H N N 39  
ARG HXT  H N N 40  
ASN N    N N N 41  
ASN CA   C N S 42  
ASN C    C N N 43  
ASN O    O N N 44  
ASN CB   C N N 45  
ASN CG   C N N 46  
ASN OD1  O N N 47  
ASN ND2  N N N 48  
ASN OXT  O N N 49  
ASN H    H N N 50  
ASN H2   H N N 51  
ASN HA   H N N 52  
ASN HB2  H N N 53  
ASN HB3  H N N 54  
ASN HD21 H N N 55  
ASN HD22 H N N 56  
ASN HXT  H N N 57  
ASP N    N N N 58  
ASP CA   C N S 59  
ASP C    C N N 60  
ASP O    O N N 61  
ASP CB   C N N 62  
ASP CG   C N N 63  
ASP OD1  O N N 64  
ASP OD2  O N N 65  
ASP OXT  O N N 66  
ASP H    H N N 67  
ASP H2   H N N 68  
ASP HA   H N N 69  
ASP HB2  H N N 70  
ASP HB3  H N N 71  
ASP HD2  H N N 72  
ASP HXT  H N N 73  
GHN C4   C N N 74  
GHN C14  C N N 75  
GHN C5   C Y N 76  
GHN C6   C Y N 77  
GHN C11  C Y N 78  
GHN C7   C Y N 79  
GHN C8   C Y N 80  
GHN C9   C Y N 81  
GHN C10  C Y N 82  
GHN C12  C Y N 83  
GHN C13  C Y N 84  
GHN N1   N Y N 85  
GHN N2   N N N 86  
GHN C3   C N N 87  
GHN C1   C N N 88  
GHN C2   C N N 89  
GHN O1   O N N 90  
GHN O2   O N N 91  
GHN S1   S Y N 92  
GHN S2   S N N 93  
GHN O3   O N N 94  
GHN O4   O N N 95  
GHN C15  C N N 96  
GHN C16  C N N 97  
GHN F1   F N N 98  
GHN F2   F N N 99  
GHN F3   F N N 100 
GHN H1   H N N 101 
GHN H2   H N N 102 
GHN H3   H N N 103 
GHN H4   H N N 104 
GHN H5   H N N 105 
GHN H6   H N N 106 
GHN H7   H N N 107 
GHN H8   H N N 108 
GHN H9   H N N 109 
GHN H10  H N N 110 
GHN H11  H N N 111 
GHN H12  H N N 112 
GHN H13  H N N 113 
GHN H14  H N N 114 
GHN H15  H N N 115 
GHN H16  H N N 116 
GHN H17  H N N 117 
GLN N    N N N 118 
GLN CA   C N S 119 
GLN C    C N N 120 
GLN O    O N N 121 
GLN CB   C N N 122 
GLN CG   C N N 123 
GLN CD   C N N 124 
GLN OE1  O N N 125 
GLN NE2  N N N 126 
GLN OXT  O N N 127 
GLN H    H N N 128 
GLN H2   H N N 129 
GLN HA   H N N 130 
GLN HB2  H N N 131 
GLN HB3  H N N 132 
GLN HG2  H N N 133 
GLN HG3  H N N 134 
GLN HE21 H N N 135 
GLN HE22 H N N 136 
GLN HXT  H N N 137 
GLU N    N N N 138 
GLU CA   C N S 139 
GLU C    C N N 140 
GLU O    O N N 141 
GLU CB   C N N 142 
GLU CG   C N N 143 
GLU CD   C N N 144 
GLU OE1  O N N 145 
GLU OE2  O N N 146 
GLU OXT  O N N 147 
GLU H    H N N 148 
GLU H2   H N N 149 
GLU HA   H N N 150 
GLU HB2  H N N 151 
GLU HB3  H N N 152 
GLU HG2  H N N 153 
GLU HG3  H N N 154 
GLU HE2  H N N 155 
GLU HXT  H N N 156 
GLY N    N N N 157 
GLY CA   C N N 158 
GLY C    C N N 159 
GLY O    O N N 160 
GLY OXT  O N N 161 
GLY H    H N N 162 
GLY H2   H N N 163 
GLY HA2  H N N 164 
GLY HA3  H N N 165 
GLY HXT  H N N 166 
HIS N    N N N 167 
HIS CA   C N S 168 
HIS C    C N N 169 
HIS O    O N N 170 
HIS CB   C N N 171 
HIS CG   C Y N 172 
HIS ND1  N Y N 173 
HIS CD2  C Y N 174 
HIS CE1  C Y N 175 
HIS NE2  N Y N 176 
HIS OXT  O N N 177 
HIS H    H N N 178 
HIS H2   H N N 179 
HIS HA   H N N 180 
HIS HB2  H N N 181 
HIS HB3  H N N 182 
HIS HD1  H N N 183 
HIS HD2  H N N 184 
HIS HE1  H N N 185 
HIS HE2  H N N 186 
HIS HXT  H N N 187 
HOH O    O N N 188 
HOH H1   H N N 189 
HOH H2   H N N 190 
ILE N    N N N 191 
ILE CA   C N S 192 
ILE C    C N N 193 
ILE O    O N N 194 
ILE CB   C N S 195 
ILE CG1  C N N 196 
ILE CG2  C N N 197 
ILE CD1  C N N 198 
ILE OXT  O N N 199 
ILE H    H N N 200 
ILE H2   H N N 201 
ILE HA   H N N 202 
ILE HB   H N N 203 
ILE HG12 H N N 204 
ILE HG13 H N N 205 
ILE HG21 H N N 206 
ILE HG22 H N N 207 
ILE HG23 H N N 208 
ILE HD11 H N N 209 
ILE HD12 H N N 210 
ILE HD13 H N N 211 
ILE HXT  H N N 212 
LEU N    N N N 213 
LEU CA   C N S 214 
LEU C    C N N 215 
LEU O    O N N 216 
LEU CB   C N N 217 
LEU CG   C N N 218 
LEU CD1  C N N 219 
LEU CD2  C N N 220 
LEU OXT  O N N 221 
LEU H    H N N 222 
LEU H2   H N N 223 
LEU HA   H N N 224 
LEU HB2  H N N 225 
LEU HB3  H N N 226 
LEU HG   H N N 227 
LEU HD11 H N N 228 
LEU HD12 H N N 229 
LEU HD13 H N N 230 
LEU HD21 H N N 231 
LEU HD22 H N N 232 
LEU HD23 H N N 233 
LEU HXT  H N N 234 
LYS N    N N N 235 
LYS CA   C N S 236 
LYS C    C N N 237 
LYS O    O N N 238 
LYS CB   C N N 239 
LYS CG   C N N 240 
LYS CD   C N N 241 
LYS CE   C N N 242 
LYS NZ   N N N 243 
LYS OXT  O N N 244 
LYS H    H N N 245 
LYS H2   H N N 246 
LYS HA   H N N 247 
LYS HB2  H N N 248 
LYS HB3  H N N 249 
LYS HG2  H N N 250 
LYS HG3  H N N 251 
LYS HD2  H N N 252 
LYS HD3  H N N 253 
LYS HE2  H N N 254 
LYS HE3  H N N 255 
LYS HZ1  H N N 256 
LYS HZ2  H N N 257 
LYS HZ3  H N N 258 
LYS HXT  H N N 259 
MET N    N N N 260 
MET CA   C N S 261 
MET C    C N N 262 
MET O    O N N 263 
MET CB   C N N 264 
MET CG   C N N 265 
MET SD   S N N 266 
MET CE   C N N 267 
MET OXT  O N N 268 
MET H    H N N 269 
MET H2   H N N 270 
MET HA   H N N 271 
MET HB2  H N N 272 
MET HB3  H N N 273 
MET HG2  H N N 274 
MET HG3  H N N 275 
MET HE1  H N N 276 
MET HE2  H N N 277 
MET HE3  H N N 278 
MET HXT  H N N 279 
PHE N    N N N 280 
PHE CA   C N S 281 
PHE C    C N N 282 
PHE O    O N N 283 
PHE CB   C N N 284 
PHE CG   C Y N 285 
PHE CD1  C Y N 286 
PHE CD2  C Y N 287 
PHE CE1  C Y N 288 
PHE CE2  C Y N 289 
PHE CZ   C Y N 290 
PHE OXT  O N N 291 
PHE H    H N N 292 
PHE H2   H N N 293 
PHE HA   H N N 294 
PHE HB2  H N N 295 
PHE HB3  H N N 296 
PHE HD1  H N N 297 
PHE HD2  H N N 298 
PHE HE1  H N N 299 
PHE HE2  H N N 300 
PHE HZ   H N N 301 
PHE HXT  H N N 302 
PRO N    N N N 303 
PRO CA   C N S 304 
PRO C    C N N 305 
PRO O    O N N 306 
PRO CB   C N N 307 
PRO CG   C N N 308 
PRO CD   C N N 309 
PRO OXT  O N N 310 
PRO H    H N N 311 
PRO HA   H N N 312 
PRO HB2  H N N 313 
PRO HB3  H N N 314 
PRO HG2  H N N 315 
PRO HG3  H N N 316 
PRO HD2  H N N 317 
PRO HD3  H N N 318 
PRO HXT  H N N 319 
SER N    N N N 320 
SER CA   C N S 321 
SER C    C N N 322 
SER O    O N N 323 
SER CB   C N N 324 
SER OG   O N N 325 
SER OXT  O N N 326 
SER H    H N N 327 
SER H2   H N N 328 
SER HA   H N N 329 
SER HB2  H N N 330 
SER HB3  H N N 331 
SER HG   H N N 332 
SER HXT  H N N 333 
THR N    N N N 334 
THR CA   C N S 335 
THR C    C N N 336 
THR O    O N N 337 
THR CB   C N R 338 
THR OG1  O N N 339 
THR CG2  C N N 340 
THR OXT  O N N 341 
THR H    H N N 342 
THR H2   H N N 343 
THR HA   H N N 344 
THR HB   H N N 345 
THR HG1  H N N 346 
THR HG21 H N N 347 
THR HG22 H N N 348 
THR HG23 H N N 349 
THR HXT  H N N 350 
TRP N    N N N 351 
TRP CA   C N S 352 
TRP C    C N N 353 
TRP O    O N N 354 
TRP CB   C N N 355 
TRP CG   C Y N 356 
TRP CD1  C Y N 357 
TRP CD2  C Y N 358 
TRP NE1  N Y N 359 
TRP CE2  C Y N 360 
TRP CE3  C Y N 361 
TRP CZ2  C Y N 362 
TRP CZ3  C Y N 363 
TRP CH2  C Y N 364 
TRP OXT  O N N 365 
TRP H    H N N 366 
TRP H2   H N N 367 
TRP HA   H N N 368 
TRP HB2  H N N 369 
TRP HB3  H N N 370 
TRP HD1  H N N 371 
TRP HE1  H N N 372 
TRP HE3  H N N 373 
TRP HZ2  H N N 374 
TRP HZ3  H N N 375 
TRP HH2  H N N 376 
TRP HXT  H N N 377 
TYR N    N N N 378 
TYR CA   C N S 379 
TYR C    C N N 380 
TYR O    O N N 381 
TYR CB   C N N 382 
TYR CG   C Y N 383 
TYR CD1  C Y N 384 
TYR CD2  C Y N 385 
TYR CE1  C Y N 386 
TYR CE2  C Y N 387 
TYR CZ   C Y N 388 
TYR OH   O N N 389 
TYR OXT  O N N 390 
TYR H    H N N 391 
TYR H2   H N N 392 
TYR HA   H N N 393 
TYR HB2  H N N 394 
TYR HB3  H N N 395 
TYR HD1  H N N 396 
TYR HD2  H N N 397 
TYR HE1  H N N 398 
TYR HE2  H N N 399 
TYR HH   H N N 400 
TYR HXT  H N N 401 
VAL N    N N N 402 
VAL CA   C N S 403 
VAL C    C N N 404 
VAL O    O N N 405 
VAL CB   C N N 406 
VAL CG1  C N N 407 
VAL CG2  C N N 408 
VAL OXT  O N N 409 
VAL H    H N N 410 
VAL H2   H N N 411 
VAL HA   H N N 412 
VAL HB   H N N 413 
VAL HG11 H N N 414 
VAL HG12 H N N 415 
VAL HG13 H N N 416 
VAL HG21 H N N 417 
VAL HG22 H N N 418 
VAL HG23 H N N 419 
VAL HXT  H N N 420 
# 
loop_
_chem_comp_bond.comp_id 
_chem_comp_bond.atom_id_1 
_chem_comp_bond.atom_id_2 
_chem_comp_bond.value_order 
_chem_comp_bond.pdbx_aromatic_flag 
_chem_comp_bond.pdbx_stereo_config 
_chem_comp_bond.pdbx_ordinal 
ALA N   CA   sing N N 1   
ALA N   H    sing N N 2   
ALA N   H2   sing N N 3   
ALA CA  C    sing N N 4   
ALA CA  CB   sing N N 5   
ALA CA  HA   sing N N 6   
ALA C   O    doub N N 7   
ALA C   OXT  sing N N 8   
ALA CB  HB1  sing N N 9   
ALA CB  HB2  sing N N 10  
ALA CB  HB3  sing N N 11  
ALA OXT HXT  sing N N 12  
ARG N   CA   sing N N 13  
ARG N   H    sing N N 14  
ARG N   H2   sing N N 15  
ARG CA  C    sing N N 16  
ARG CA  CB   sing N N 17  
ARG CA  HA   sing N N 18  
ARG C   O    doub N N 19  
ARG C   OXT  sing N N 20  
ARG CB  CG   sing N N 21  
ARG CB  HB2  sing N N 22  
ARG CB  HB3  sing N N 23  
ARG CG  CD   sing N N 24  
ARG CG  HG2  sing N N 25  
ARG CG  HG3  sing N N 26  
ARG CD  NE   sing N N 27  
ARG CD  HD2  sing N N 28  
ARG CD  HD3  sing N N 29  
ARG NE  CZ   sing N N 30  
ARG NE  HE   sing N N 31  
ARG CZ  NH1  sing N N 32  
ARG CZ  NH2  doub N N 33  
ARG NH1 HH11 sing N N 34  
ARG NH1 HH12 sing N N 35  
ARG NH2 HH21 sing N N 36  
ARG NH2 HH22 sing N N 37  
ARG OXT HXT  sing N N 38  
ASN N   CA   sing N N 39  
ASN N   H    sing N N 40  
ASN N   H2   sing N N 41  
ASN CA  C    sing N N 42  
ASN CA  CB   sing N N 43  
ASN CA  HA   sing N N 44  
ASN C   O    doub N N 45  
ASN C   OXT  sing N N 46  
ASN CB  CG   sing N N 47  
ASN CB  HB2  sing N N 48  
ASN CB  HB3  sing N N 49  
ASN CG  OD1  doub N N 50  
ASN CG  ND2  sing N N 51  
ASN ND2 HD21 sing N N 52  
ASN ND2 HD22 sing N N 53  
ASN OXT HXT  sing N N 54  
ASP N   CA   sing N N 55  
ASP N   H    sing N N 56  
ASP N   H2   sing N N 57  
ASP CA  C    sing N N 58  
ASP CA  CB   sing N N 59  
ASP CA  HA   sing N N 60  
ASP C   O    doub N N 61  
ASP C   OXT  sing N N 62  
ASP CB  CG   sing N N 63  
ASP CB  HB2  sing N N 64  
ASP CB  HB3  sing N N 65  
ASP CG  OD1  doub N N 66  
ASP CG  OD2  sing N N 67  
ASP OD2 HD2  sing N N 68  
ASP OXT HXT  sing N N 69  
GHN F2  C16  sing N N 70  
GHN O4  S2   doub N N 71  
GHN F3  C16  sing N N 72  
GHN C16 F1   sing N N 73  
GHN C16 C15  sing N N 74  
GHN C10 C9   doub Y N 75  
GHN C10 C11  sing Y N 76  
GHN S2  O3   doub N N 77  
GHN S2  N2   sing N N 78  
GHN S2  C11  sing N N 79  
GHN C15 C14  sing N N 80  
GHN C9  C8   sing Y N 81  
GHN N2  C14  sing N N 82  
GHN C11 C12  doub Y N 83  
GHN O2  C3   doub N N 84  
GHN N1  C5   doub Y N 85  
GHN N1  C6   sing Y N 86  
GHN C4  C3   sing N N 87  
GHN C4  C5   sing N N 88  
GHN C8  C6   sing N N 89  
GHN C8  C13  doub Y N 90  
GHN C12 C13  sing Y N 91  
GHN C3  O1   sing N N 92  
GHN C5  S1   sing Y N 93  
GHN C6  C7   doub Y N 94  
GHN O1  C2   sing N N 95  
GHN C2  C1   sing N N 96  
GHN C7  S1   sing Y N 97  
GHN C4  H1   sing N N 98  
GHN C4  H2   sing N N 99  
GHN C14 H3   sing N N 100 
GHN C14 H4   sing N N 101 
GHN C7  H5   sing N N 102 
GHN C9  H6   sing N N 103 
GHN C10 H7   sing N N 104 
GHN C12 H8   sing N N 105 
GHN C13 H9   sing N N 106 
GHN N2  H10  sing N N 107 
GHN C1  H11  sing N N 108 
GHN C1  H12  sing N N 109 
GHN C1  H13  sing N N 110 
GHN C2  H14  sing N N 111 
GHN C2  H15  sing N N 112 
GHN C15 H16  sing N N 113 
GHN C15 H17  sing N N 114 
GLN N   CA   sing N N 115 
GLN N   H    sing N N 116 
GLN N   H2   sing N N 117 
GLN CA  C    sing N N 118 
GLN CA  CB   sing N N 119 
GLN CA  HA   sing N N 120 
GLN C   O    doub N N 121 
GLN C   OXT  sing N N 122 
GLN CB  CG   sing N N 123 
GLN CB  HB2  sing N N 124 
GLN CB  HB3  sing N N 125 
GLN CG  CD   sing N N 126 
GLN CG  HG2  sing N N 127 
GLN CG  HG3  sing N N 128 
GLN CD  OE1  doub N N 129 
GLN CD  NE2  sing N N 130 
GLN NE2 HE21 sing N N 131 
GLN NE2 HE22 sing N N 132 
GLN OXT HXT  sing N N 133 
GLU N   CA   sing N N 134 
GLU N   H    sing N N 135 
GLU N   H2   sing N N 136 
GLU CA  C    sing N N 137 
GLU CA  CB   sing N N 138 
GLU CA  HA   sing N N 139 
GLU C   O    doub N N 140 
GLU C   OXT  sing N N 141 
GLU CB  CG   sing N N 142 
GLU CB  HB2  sing N N 143 
GLU CB  HB3  sing N N 144 
GLU CG  CD   sing N N 145 
GLU CG  HG2  sing N N 146 
GLU CG  HG3  sing N N 147 
GLU CD  OE1  doub N N 148 
GLU CD  OE2  sing N N 149 
GLU OE2 HE2  sing N N 150 
GLU OXT HXT  sing N N 151 
GLY N   CA   sing N N 152 
GLY N   H    sing N N 153 
GLY N   H2   sing N N 154 
GLY CA  C    sing N N 155 
GLY CA  HA2  sing N N 156 
GLY CA  HA3  sing N N 157 
GLY C   O    doub N N 158 
GLY C   OXT  sing N N 159 
GLY OXT HXT  sing N N 160 
HIS N   CA   sing N N 161 
HIS N   H    sing N N 162 
HIS N   H2   sing N N 163 
HIS CA  C    sing N N 164 
HIS CA  CB   sing N N 165 
HIS CA  HA   sing N N 166 
HIS C   O    doub N N 167 
HIS C   OXT  sing N N 168 
HIS CB  CG   sing N N 169 
HIS CB  HB2  sing N N 170 
HIS CB  HB3  sing N N 171 
HIS CG  ND1  sing Y N 172 
HIS CG  CD2  doub Y N 173 
HIS ND1 CE1  doub Y N 174 
HIS ND1 HD1  sing N N 175 
HIS CD2 NE2  sing Y N 176 
HIS CD2 HD2  sing N N 177 
HIS CE1 NE2  sing Y N 178 
HIS CE1 HE1  sing N N 179 
HIS NE2 HE2  sing N N 180 
HIS OXT HXT  sing N N 181 
HOH O   H1   sing N N 182 
HOH O   H2   sing N N 183 
ILE N   CA   sing N N 184 
ILE N   H    sing N N 185 
ILE N   H2   sing N N 186 
ILE CA  C    sing N N 187 
ILE CA  CB   sing N N 188 
ILE CA  HA   sing N N 189 
ILE C   O    doub N N 190 
ILE C   OXT  sing N N 191 
ILE CB  CG1  sing N N 192 
ILE CB  CG2  sing N N 193 
ILE CB  HB   sing N N 194 
ILE CG1 CD1  sing N N 195 
ILE CG1 HG12 sing N N 196 
ILE CG1 HG13 sing N N 197 
ILE CG2 HG21 sing N N 198 
ILE CG2 HG22 sing N N 199 
ILE CG2 HG23 sing N N 200 
ILE CD1 HD11 sing N N 201 
ILE CD1 HD12 sing N N 202 
ILE CD1 HD13 sing N N 203 
ILE OXT HXT  sing N N 204 
LEU N   CA   sing N N 205 
LEU N   H    sing N N 206 
LEU N   H2   sing N N 207 
LEU CA  C    sing N N 208 
LEU CA  CB   sing N N 209 
LEU CA  HA   sing N N 210 
LEU C   O    doub N N 211 
LEU C   OXT  sing N N 212 
LEU CB  CG   sing N N 213 
LEU CB  HB2  sing N N 214 
LEU CB  HB3  sing N N 215 
LEU CG  CD1  sing N N 216 
LEU CG  CD2  sing N N 217 
LEU CG  HG   sing N N 218 
LEU CD1 HD11 sing N N 219 
LEU CD1 HD12 sing N N 220 
LEU CD1 HD13 sing N N 221 
LEU CD2 HD21 sing N N 222 
LEU CD2 HD22 sing N N 223 
LEU CD2 HD23 sing N N 224 
LEU OXT HXT  sing N N 225 
LYS N   CA   sing N N 226 
LYS N   H    sing N N 227 
LYS N   H2   sing N N 228 
LYS CA  C    sing N N 229 
LYS CA  CB   sing N N 230 
LYS CA  HA   sing N N 231 
LYS C   O    doub N N 232 
LYS C   OXT  sing N N 233 
LYS CB  CG   sing N N 234 
LYS CB  HB2  sing N N 235 
LYS CB  HB3  sing N N 236 
LYS CG  CD   sing N N 237 
LYS CG  HG2  sing N N 238 
LYS CG  HG3  sing N N 239 
LYS CD  CE   sing N N 240 
LYS CD  HD2  sing N N 241 
LYS CD  HD3  sing N N 242 
LYS CE  NZ   sing N N 243 
LYS CE  HE2  sing N N 244 
LYS CE  HE3  sing N N 245 
LYS NZ  HZ1  sing N N 246 
LYS NZ  HZ2  sing N N 247 
LYS NZ  HZ3  sing N N 248 
LYS OXT HXT  sing N N 249 
MET N   CA   sing N N 250 
MET N   H    sing N N 251 
MET N   H2   sing N N 252 
MET CA  C    sing N N 253 
MET CA  CB   sing N N 254 
MET CA  HA   sing N N 255 
MET C   O    doub N N 256 
MET C   OXT  sing N N 257 
MET CB  CG   sing N N 258 
MET CB  HB2  sing N N 259 
MET CB  HB3  sing N N 260 
MET CG  SD   sing N N 261 
MET CG  HG2  sing N N 262 
MET CG  HG3  sing N N 263 
MET SD  CE   sing N N 264 
MET CE  HE1  sing N N 265 
MET CE  HE2  sing N N 266 
MET CE  HE3  sing N N 267 
MET OXT HXT  sing N N 268 
PHE N   CA   sing N N 269 
PHE N   H    sing N N 270 
PHE N   H2   sing N N 271 
PHE CA  C    sing N N 272 
PHE CA  CB   sing N N 273 
PHE CA  HA   sing N N 274 
PHE C   O    doub N N 275 
PHE C   OXT  sing N N 276 
PHE CB  CG   sing N N 277 
PHE CB  HB2  sing N N 278 
PHE CB  HB3  sing N N 279 
PHE CG  CD1  doub Y N 280 
PHE CG  CD2  sing Y N 281 
PHE CD1 CE1  sing Y N 282 
PHE CD1 HD1  sing N N 283 
PHE CD2 CE2  doub Y N 284 
PHE CD2 HD2  sing N N 285 
PHE CE1 CZ   doub Y N 286 
PHE CE1 HE1  sing N N 287 
PHE CE2 CZ   sing Y N 288 
PHE CE2 HE2  sing N N 289 
PHE CZ  HZ   sing N N 290 
PHE OXT HXT  sing N N 291 
PRO N   CA   sing N N 292 
PRO N   CD   sing N N 293 
PRO N   H    sing N N 294 
PRO CA  C    sing N N 295 
PRO CA  CB   sing N N 296 
PRO CA  HA   sing N N 297 
PRO C   O    doub N N 298 
PRO C   OXT  sing N N 299 
PRO CB  CG   sing N N 300 
PRO CB  HB2  sing N N 301 
PRO CB  HB3  sing N N 302 
PRO CG  CD   sing N N 303 
PRO CG  HG2  sing N N 304 
PRO CG  HG3  sing N N 305 
PRO CD  HD2  sing N N 306 
PRO CD  HD3  sing N N 307 
PRO OXT HXT  sing N N 308 
SER N   CA   sing N N 309 
SER N   H    sing N N 310 
SER N   H2   sing N N 311 
SER CA  C    sing N N 312 
SER CA  CB   sing N N 313 
SER CA  HA   sing N N 314 
SER C   O    doub N N 315 
SER C   OXT  sing N N 316 
SER CB  OG   sing N N 317 
SER CB  HB2  sing N N 318 
SER CB  HB3  sing N N 319 
SER OG  HG   sing N N 320 
SER OXT HXT  sing N N 321 
THR N   CA   sing N N 322 
THR N   H    sing N N 323 
THR N   H2   sing N N 324 
THR CA  C    sing N N 325 
THR CA  CB   sing N N 326 
THR CA  HA   sing N N 327 
THR C   O    doub N N 328 
THR C   OXT  sing N N 329 
THR CB  OG1  sing N N 330 
THR CB  CG2  sing N N 331 
THR CB  HB   sing N N 332 
THR OG1 HG1  sing N N 333 
THR CG2 HG21 sing N N 334 
THR CG2 HG22 sing N N 335 
THR CG2 HG23 sing N N 336 
THR OXT HXT  sing N N 337 
TRP N   CA   sing N N 338 
TRP N   H    sing N N 339 
TRP N   H2   sing N N 340 
TRP CA  C    sing N N 341 
TRP CA  CB   sing N N 342 
TRP CA  HA   sing N N 343 
TRP C   O    doub N N 344 
TRP C   OXT  sing N N 345 
TRP CB  CG   sing N N 346 
TRP CB  HB2  sing N N 347 
TRP CB  HB3  sing N N 348 
TRP CG  CD1  doub Y N 349 
TRP CG  CD2  sing Y N 350 
TRP CD1 NE1  sing Y N 351 
TRP CD1 HD1  sing N N 352 
TRP CD2 CE2  doub Y N 353 
TRP CD2 CE3  sing Y N 354 
TRP NE1 CE2  sing Y N 355 
TRP NE1 HE1  sing N N 356 
TRP CE2 CZ2  sing Y N 357 
TRP CE3 CZ3  doub Y N 358 
TRP CE3 HE3  sing N N 359 
TRP CZ2 CH2  doub Y N 360 
TRP CZ2 HZ2  sing N N 361 
TRP CZ3 CH2  sing Y N 362 
TRP CZ3 HZ3  sing N N 363 
TRP CH2 HH2  sing N N 364 
TRP OXT HXT  sing N N 365 
TYR N   CA   sing N N 366 
TYR N   H    sing N N 367 
TYR N   H2   sing N N 368 
TYR CA  C    sing N N 369 
TYR CA  CB   sing N N 370 
TYR CA  HA   sing N N 371 
TYR C   O    doub N N 372 
TYR C   OXT  sing N N 373 
TYR CB  CG   sing N N 374 
TYR CB  HB2  sing N N 375 
TYR CB  HB3  sing N N 376 
TYR CG  CD1  doub Y N 377 
TYR CG  CD2  sing Y N 378 
TYR CD1 CE1  sing Y N 379 
TYR CD1 HD1  sing N N 380 
TYR CD2 CE2  doub Y N 381 
TYR CD2 HD2  sing N N 382 
TYR CE1 CZ   doub Y N 383 
TYR CE1 HE1  sing N N 384 
TYR CE2 CZ   sing Y N 385 
TYR CE2 HE2  sing N N 386 
TYR CZ  OH   sing N N 387 
TYR OH  HH   sing N N 388 
TYR OXT HXT  sing N N 389 
VAL N   CA   sing N N 390 
VAL N   H    sing N N 391 
VAL N   H2   sing N N 392 
VAL CA  C    sing N N 393 
VAL CA  CB   sing N N 394 
VAL CA  HA   sing N N 395 
VAL C   O    doub N N 396 
VAL C   OXT  sing N N 397 
VAL CB  CG1  sing N N 398 
VAL CB  CG2  sing N N 399 
VAL CB  HB   sing N N 400 
VAL CG1 HG11 sing N N 401 
VAL CG1 HG12 sing N N 402 
VAL CG1 HG13 sing N N 403 
VAL CG2 HG21 sing N N 404 
VAL CG2 HG22 sing N N 405 
VAL CG2 HG23 sing N N 406 
VAL OXT HXT  sing N N 407 
# 
_atom_sites.entry_id                    6HO2 
_atom_sites.fract_transf_matrix[1][1]   0.00748280 
_atom_sites.fract_transf_matrix[1][2]   -0.00035288 
_atom_sites.fract_transf_matrix[1][3]   -0.00338159 
_atom_sites.fract_transf_matrix[2][1]   0.00076313 
_atom_sites.fract_transf_matrix[2][2]   0.00814035 
_atom_sites.fract_transf_matrix[2][3]   0.00083919 
_atom_sites.fract_transf_matrix[3][1]   0.01197734 
_atom_sites.fract_transf_matrix[3][2]   -0.00389703 
_atom_sites.fract_transf_matrix[3][3]   0.02691021 
_atom_sites.fract_transf_vector[1]      -0.144773 
_atom_sites.fract_transf_vector[2]      -0.287701 
_atom_sites.fract_transf_vector[3]      0.009001 
# 
loop_
_atom_type.symbol 
C 
F 
N 
O 
S 
# 
loop_
_atom_site.group_PDB 
_atom_site.id 
_atom_site.type_symbol 
_atom_site.label_atom_id 
_atom_site.label_alt_id 
_atom_site.label_comp_id 
_atom_site.label_asym_id 
_atom_site.label_entity_id 
_atom_site.label_seq_id 
_atom_site.pdbx_PDB_ins_code 
_atom_site.Cartn_x 
_atom_site.Cartn_y 
_atom_site.Cartn_z 
_atom_site.occupancy 
_atom_site.B_iso_or_equiv 
_atom_site.pdbx_formal_charge 
_atom_site.auth_seq_id 
_atom_site.auth_comp_id 
_atom_site.auth_asym_id 
_atom_site.auth_atom_id 
_atom_site.pdbx_PDB_model_num 
ATOM   1    N N   . ARG A 1 37  ? -3.176  -25.136 -4.425  1.00 41.75 ? 25  ARG A N   1 
ATOM   2    C CA  . ARG A 1 37  ? -4.600  -24.939 -4.017  1.00 47.00 ? 25  ARG A CA  1 
ATOM   3    C C   . ARG A 1 37  ? -4.727  -23.691 -3.139  1.00 40.92 ? 25  ARG A C   1 
ATOM   4    O O   . ARG A 1 37  ? -5.724  -22.975 -3.296  1.00 38.69 ? 25  ARG A O   1 
ATOM   5    C CB  . ARG A 1 37  ? -5.161  -26.174 -3.313  1.00 50.61 ? 25  ARG A CB  1 
ATOM   6    C CG  . ARG A 1 37  ? -5.429  -27.311 -4.290  1.00 58.04 ? 25  ARG A CG  1 
ATOM   7    C CD  . ARG A 1 37  ? -6.443  -28.325 -3.816  1.00 61.11 ? 25  ARG A CD  1 
ATOM   8    N NE  . ARG A 1 37  ? -6.117  -28.874 -2.506  1.00 69.76 ? 25  ARG A NE  1 
ATOM   9    C CZ  . ARG A 1 37  ? -6.599  -30.014 -2.009  1.00 67.07 ? 25  ARG A CZ  1 
ATOM   10   N NH1 . ARG A 1 37  ? -7.447  -30.749 -2.706  1.00 65.60 ? 25  ARG A NH1 1 
ATOM   11   N NH2 . ARG A 1 37  ? -6.234  -30.408 -0.800  1.00 63.84 ? 25  ARG A NH2 1 
ATOM   12   N N   . GLU A 1 38  ? -3.753  -23.419 -2.270  1.00 43.21 ? 26  GLU A N   1 
ATOM   13   C CA  . GLU A 1 38  ? -3.706  -22.119 -1.544  1.00 41.44 ? 26  GLU A CA  1 
ATOM   14   C C   . GLU A 1 38  ? -3.631  -20.984 -2.577  1.00 38.75 ? 26  GLU A C   1 
ATOM   15   O O   . GLU A 1 38  ? -4.492  -20.111 -2.549  1.00 37.47 ? 26  GLU A O   1 
ATOM   16   C CB  . GLU A 1 38  ? -2.541  -22.068 -0.573  1.00 44.01 ? 26  GLU A CB  1 
ATOM   17   C CG  . GLU A 1 38  ? -2.796  -21.123 0.568   1.00 49.45 ? 26  GLU A CG  1 
ATOM   18   C CD  . GLU A 1 38  ? -1.620  -21.017 1.519   1.00 55.83 ? 26  GLU A CD  1 
ATOM   19   O OE1 . GLU A 1 38  ? -1.693  -21.625 2.592   1.00 57.79 ? 26  GLU A OE1 1 
ATOM   20   O OE2 . GLU A 1 38  ? -0.644  -20.324 1.173   1.00 57.37 ? 26  GLU A OE2 1 
ATOM   21   N N   . LEU A 1 39  ? -2.675  -21.051 -3.502  1.00 38.53 ? 27  LEU A N   1 
ATOM   22   C CA  . LEU A 1 39  ? -2.447  -20.034 -4.560  1.00 39.13 ? 27  LEU A CA  1 
ATOM   23   C C   . LEU A 1 39  ? -3.684  -19.899 -5.463  1.00 38.25 ? 27  LEU A C   1 
ATOM   24   O O   . LEU A 1 39  ? -4.059  -18.751 -5.816  1.00 38.00 ? 27  LEU A O   1 
ATOM   25   C CB  . LEU A 1 39  ? -1.177  -20.407 -5.326  1.00 43.13 ? 27  LEU A CB  1 
ATOM   26   C CG  . LEU A 1 39  ? 0.132   -20.141 -4.575  1.00 46.83 ? 27  LEU A CG  1 
ATOM   27   C CD1 . LEU A 1 39  ? 1.337   -20.494 -5.445  1.00 49.81 ? 27  LEU A CD1 1 
ATOM   28   C CD2 . LEU A 1 39  ? 0.235   -18.680 -4.119  1.00 47.52 ? 27  LEU A CD2 1 
ATOM   29   N N   . ALA A 1 40  ? -4.373  -21.002 -5.755  1.00 38.08 ? 28  ALA A N   1 
ATOM   30   C CA  . ALA A 1 40  ? -5.635  -21.008 -6.525  1.00 36.94 ? 28  ALA A CA  1 
ATOM   31   C C   . ALA A 1 40  ? -6.725  -20.257 -5.762  1.00 34.39 ? 28  ALA A C   1 
ATOM   32   O O   . ALA A 1 40  ? -7.559  -19.625 -6.403  1.00 37.53 ? 28  ALA A O   1 
ATOM   33   C CB  . ALA A 1 40  ? -6.069  -22.437 -6.806  1.00 40.76 ? 28  ALA A CB  1 
ATOM   34   N N   . ILE A 1 41  ? -6.811  -20.426 -4.441  1.00 30.90 ? 29  ILE A N   1 
ATOM   35   C CA  . ILE A 1 41  ? -7.835  -19.707 -3.635  1.00 32.17 ? 29  ILE A CA  1 
ATOM   36   C C   . ILE A 1 41  ? -7.489  -18.201 -3.681  1.00 27.54 ? 29  ILE A C   1 
ATOM   37   O O   . ILE A 1 41  ? -8.386  -17.420 -3.911  1.00 27.41 ? 29  ILE A O   1 
ATOM   38   C CB  . ILE A 1 41  ? -7.873  -20.259 -2.195  1.00 30.18 ? 29  ILE A CB  1 
ATOM   39   C CG1 . ILE A 1 41  ? -8.433  -21.692 -2.155  1.00 31.77 ? 29  ILE A CG1 1 
ATOM   40   C CG2 . ILE A 1 41  ? -8.638  -19.325 -1.277  1.00 30.04 ? 29  ILE A CG2 1 
ATOM   41   C CD1 . ILE A 1 41  ? -8.284  -22.374 -0.777  1.00 31.52 ? 29  ILE A CD1 1 
ATOM   42   N N   . LEU A 1 42  ? -6.224  -17.836 -3.446  1.00 29.18 ? 30  LEU A N   1 
ATOM   43   C CA  . LEU A 1 42  ? -5.762  -16.417 -3.445  1.00 29.26 ? 30  LEU A CA  1 
ATOM   44   C C   . LEU A 1 42  ? -6.036  -15.783 -4.820  1.00 29.25 ? 30  LEU A C   1 
ATOM   45   O O   . LEU A 1 42  ? -6.638  -14.676 -4.840  1.00 29.37 ? 30  LEU A O   1 
ATOM   46   C CB  . LEU A 1 42  ? -4.287  -16.339 -3.054  1.00 27.58 ? 30  LEU A CB  1 
ATOM   47   C CG  . LEU A 1 42  ? -3.996  -16.756 -1.611  1.00 28.33 ? 30  LEU A CG  1 
ATOM   48   C CD1 . LEU A 1 42  ? -2.515  -17.010 -1.388  1.00 29.10 ? 30  LEU A CD1 1 
ATOM   49   C CD2 . LEU A 1 42  ? -4.509  -15.732 -0.622  1.00 29.41 ? 30  LEU A CD2 1 
ATOM   50   N N   . ALA A 1 43  ? -5.683  -16.460 -5.917  1.00 30.94 ? 31  ALA A N   1 
ATOM   51   C CA  . ALA A 1 43  ? -5.866  -15.927 -7.290  1.00 31.60 ? 31  ALA A CA  1 
ATOM   52   C C   . ALA A 1 43  ? -7.356  -15.754 -7.586  1.00 33.58 ? 31  ALA A C   1 
ATOM   53   O O   . ALA A 1 43  ? -7.760  -14.693 -8.138  1.00 34.32 ? 31  ALA A O   1 
ATOM   54   C CB  . ALA A 1 43  ? -5.152  -16.804 -8.277  1.00 33.75 ? 31  ALA A CB  1 
ATOM   55   N N   . THR A 1 44  ? -8.188  -16.703 -7.162  1.00 33.45 ? 32  THR A N   1 
ATOM   56   C CA  . THR A 1 44  ? -9.656  -16.632 -7.356  1.00 34.56 ? 32  THR A CA  1 
ATOM   57   C C   . THR A 1 44  ? -10.194 -15.411 -6.610  1.00 33.51 ? 32  THR A C   1 
ATOM   58   O O   . THR A 1 44  ? -11.007 -14.657 -7.207  1.00 34.73 ? 32  THR A O   1 
ATOM   59   C CB  . THR A 1 44  ? -10.373 -17.905 -6.877  1.00 33.70 ? 32  THR A CB  1 
ATOM   60   O OG1 . THR A 1 44  ? -9.862  -19.014 -7.603  1.00 33.51 ? 32  THR A OG1 1 
ATOM   61   C CG2 . THR A 1 44  ? -11.869 -17.826 -7.036  1.00 34.41 ? 32  THR A CG2 1 
ATOM   62   N N   . ALA A 1 45  ? -9.816  -15.242 -5.343  1.00 30.36 ? 33  ALA A N   1 
ATOM   63   C CA  . ALA A 1 45  ? -10.279 -14.114 -4.502  1.00 31.03 ? 33  ALA A CA  1 
ATOM   64   C C   . ALA A 1 45  ? -9.862  -12.783 -5.171  1.00 33.74 ? 33  ALA A C   1 
ATOM   65   O O   . ALA A 1 45  ? -10.697 -11.885 -5.247  1.00 29.96 ? 33  ALA A O   1 
ATOM   66   C CB  . ALA A 1 45  ? -9.709  -14.224 -3.111  1.00 31.34 ? 33  ALA A CB  1 
ATOM   67   N N   . GLU A 1 46  ? -8.620  -12.659 -5.639  1.00 29.96 ? 34  GLU A N   1 
ATOM   68   C CA  . GLU A 1 46  ? -8.151  -11.389 -6.264  1.00 32.49 ? 34  GLU A CA  1 
ATOM   69   C C   . GLU A 1 46  ? -8.994  -11.149 -7.536  1.00 37.14 ? 34  GLU A C   1 
ATOM   70   O O   . GLU A 1 46  ? -9.519  -10.011 -7.721  1.00 31.89 ? 34  GLU A O   1 
ATOM   71   C CB  . GLU A 1 46  ? -6.636  -11.427 -6.510  1.00 34.15 ? 34  GLU A CB  1 
ATOM   72   C CG  . GLU A 1 46  ? -6.081  -10.137 -7.145  1.00 37.41 ? 34  GLU A CG  1 
ATOM   73   C CD  . GLU A 1 46  ? -4.609  -9.822  -6.915  1.00 36.52 ? 34  GLU A CD  1 
ATOM   74   O OE1 . GLU A 1 46  ? -3.833  -10.766 -6.662  1.00 37.42 ? 34  GLU A OE1 1 
ATOM   75   O OE2 . GLU A 1 46  ? -4.233  -8.615  -6.944  1.00 38.84 ? 34  GLU A OE2 1 
ATOM   76   N N   . ASN A 1 47  ? -9.232  -12.197 -8.334  1.00 35.17 ? 35  ASN A N   1 
ATOM   77   C CA  . ASN A 1 47  ? -10.077 -12.099 -9.553  1.00 37.58 ? 35  ASN A CA  1 
ATOM   78   C C   . ASN A 1 47  ? -11.470 -11.590 -9.204  1.00 40.24 ? 35  ASN A C   1 
ATOM   79   O O   . ASN A 1 47  ? -11.909 -10.658 -9.858  1.00 40.75 ? 35  ASN A O   1 
ATOM   80   C CB  . ASN A 1 47  ? -10.151 -13.397 -10.338 1.00 43.91 ? 35  ASN A CB  1 
ATOM   81   C CG  . ASN A 1 47  ? -9.086  -13.393 -11.399 1.00 51.44 ? 35  ASN A CG  1 
ATOM   82   O OD1 . ASN A 1 47  ? -9.405  -13.240 -12.577 1.00 68.82 ? 35  ASN A OD1 1 
ATOM   83   N ND2 . ASN A 1 47  ? -7.830  -13.455 -10.985 1.00 48.15 ? 35  ASN A ND2 1 
ATOM   84   N N   . LEU A 1 48  ? -12.120 -12.141 -8.190  1.00 38.77 ? 36  LEU A N   1 
ATOM   85   C CA  . LEU A 1 48  ? -13.534 -11.815 -7.890  1.00 41.99 ? 36  LEU A CA  1 
ATOM   86   C C   . LEU A 1 48  ? -13.629 -10.434 -7.234  1.00 45.00 ? 36  LEU A C   1 
ATOM   87   O O   . LEU A 1 48  ? -14.623 -9.748  -7.479  1.00 41.00 ? 36  LEU A O   1 
ATOM   88   C CB  . LEU A 1 48  ? -14.121 -12.921 -7.012  1.00 44.92 ? 36  LEU A CB  1 
ATOM   89   C CG  . LEU A 1 48  ? -14.250 -14.280 -7.713  1.00 48.72 ? 36  LEU A CG  1 
ATOM   90   C CD1 . LEU A 1 48  ? -14.564 -15.378 -6.713  1.00 48.99 ? 36  LEU A CD1 1 
ATOM   91   C CD2 . LEU A 1 48  ? -15.309 -14.233 -8.803  1.00 48.48 ? 36  LEU A CD2 1 
ATOM   92   N N   . LEU A 1 49  ? -12.629 -10.043 -6.437  1.00 39.48 ? 37  LEU A N   1 
ATOM   93   C CA  . LEU A 1 49  ? -12.577 -8.697  -5.816  1.00 38.59 ? 37  LEU A CA  1 
ATOM   94   C C   . LEU A 1 49  ? -12.524 -7.621  -6.908  1.00 38.44 ? 37  LEU A C   1 
ATOM   95   O O   . LEU A 1 49  ? -12.903 -6.495  -6.596  1.00 36.67 ? 37  LEU A O   1 
ATOM   96   C CB  . LEU A 1 49  ? -11.375 -8.627  -4.873  1.00 37.32 ? 37  LEU A CB  1 
ATOM   97   C CG  . LEU A 1 49  ? -11.646 -9.288  -3.518  1.00 37.58 ? 37  LEU A CG  1 
ATOM   98   C CD1 . LEU A 1 49  ? -10.384 -9.446  -2.714  1.00 33.95 ? 37  LEU A CD1 1 
ATOM   99   C CD2 . LEU A 1 49  ? -12.693 -8.516  -2.727  1.00 37.78 ? 37  LEU A CD2 1 
ATOM   100  N N   . GLU A 1 50  ? -12.031 -7.938  -8.109  1.00 38.11 ? 38  GLU A N   1 
ATOM   101  C CA  . GLU A 1 50  ? -11.995 -6.973  -9.246  1.00 50.51 ? 38  GLU A CA  1 
ATOM   102  C C   . GLU A 1 50  ? -13.430 -6.633  -9.663  1.00 51.52 ? 38  GLU A C   1 
ATOM   103  O O   . GLU A 1 50  ? -13.638 -5.503  -10.065 1.00 54.42 ? 38  GLU A O   1 
ATOM   104  C CB  . GLU A 1 50  ? -11.131 -7.491  -10.405 1.00 55.26 ? 38  GLU A CB  1 
ATOM   105  C CG  . GLU A 1 50  ? -9.671  -7.051  -10.309 1.00 66.50 ? 38  GLU A CG  1 
ATOM   106  C CD  . GLU A 1 50  ? -8.633  -8.087  -10.709 1.00 74.49 ? 38  GLU A CD  1 
ATOM   107  O OE1 . GLU A 1 50  ? -8.811  -8.723  -11.766 1.00 78.83 ? 38  GLU A OE1 1 
ATOM   108  O OE2 . GLU A 1 50  ? -7.657  -8.272  -9.951  1.00 78.79 ? 38  GLU A OE2 1 
ATOM   109  N N   . ASP A 1 51  ? -14.394 -7.540  -9.462  1.00 60.17 ? 39  ASP A N   1 
ATOM   110  C CA  . ASP A 1 51  ? -15.807 -7.387  -9.909  1.00 58.43 ? 39  ASP A CA  1 
ATOM   111  C C   . ASP A 1 51  ? -16.761 -7.035  -8.761  1.00 55.29 ? 39  ASP A C   1 
ATOM   112  O O   . ASP A 1 51  ? -17.807 -6.468  -9.077  1.00 57.96 ? 39  ASP A O   1 
ATOM   113  C CB  . ASP A 1 51  ? -16.317 -8.656  -10.591 1.00 64.14 ? 39  ASP A CB  1 
ATOM   114  C CG  . ASP A 1 51  ? -15.882 -8.761  -12.039 1.00 71.65 ? 39  ASP A CG  1 
ATOM   115  O OD1 . ASP A 1 51  ? -14.692 -8.488  -12.324 1.00 76.25 ? 39  ASP A OD1 1 
ATOM   116  O OD2 . ASP A 1 51  ? -16.733 -9.104  -12.875 1.00 83.37 ? 39  ASP A OD2 1 
ATOM   117  N N   . ARG A 1 52  ? -16.493 -7.380  -7.498  1.00 52.44 ? 40  ARG A N   1 
ATOM   118  C CA  . ARG A 1 52  ? -17.482 -7.076  -6.425  1.00 50.81 ? 40  ARG A CA  1 
ATOM   119  C C   . ARG A 1 52  ? -16.844 -7.062  -5.043  1.00 46.45 ? 40  ARG A C   1 
ATOM   120  O O   . ARG A 1 52  ? -15.727 -7.522  -4.847  1.00 40.06 ? 40  ARG A O   1 
ATOM   121  C CB  . ARG A 1 52  ? -18.655 -8.063  -6.492  1.00 63.06 ? 40  ARG A CB  1 
ATOM   122  C CG  . ARG A 1 52  ? -18.282 -9.536  -6.594  1.00 64.36 ? 40  ARG A CG  1 
ATOM   123  C CD  . ARG A 1 52  ? -19.572 -10.349 -6.591  1.00 69.33 ? 40  ARG A CD  1 
ATOM   124  N NE  . ARG A 1 52  ? -19.403 -11.756 -6.238  1.00 68.02 ? 40  ARG A NE  1 
ATOM   125  C CZ  . ARG A 1 52  ? -19.033 -12.721 -7.074  1.00 59.39 ? 40  ARG A CZ  1 
ATOM   126  N NH1 . ARG A 1 52  ? -18.780 -12.460 -8.343  1.00 55.99 ? 40  ARG A NH1 1 
ATOM   127  N NH2 . ARG A 1 52  ? -18.910 -13.952 -6.622  1.00 60.94 ? 40  ARG A NH2 1 
ATOM   128  N N   . PRO A 1 53  ? -17.545 -6.499  -4.041  1.00 45.52 ? 41  PRO A N   1 
ATOM   129  C CA  . PRO A 1 53  ? -17.001 -6.398  -2.688  1.00 47.35 ? 41  PRO A CA  1 
ATOM   130  C C   . PRO A 1 53  ? -16.823 -7.779  -2.029  1.00 50.95 ? 41  PRO A C   1 
ATOM   131  O O   . PRO A 1 53  ? -17.398 -8.744  -2.515  1.00 50.47 ? 41  PRO A O   1 
ATOM   132  C CB  . PRO A 1 53  ? -18.043 -5.547  -1.939  1.00 48.93 ? 41  PRO A CB  1 
ATOM   133  C CG  . PRO A 1 53  ? -18.903 -4.916  -3.022  1.00 48.65 ? 41  PRO A CG  1 
ATOM   134  C CD  . PRO A 1 53  ? -18.888 -5.901  -4.166  1.00 48.04 ? 41  PRO A CD  1 
ATOM   135  N N   . LEU A 1 54  ? -16.035 -7.849  -0.952  1.00 51.98 ? 42  LEU A N   1 
ATOM   136  C CA  . LEU A 1 54  ? -15.796 -9.115  -0.213  1.00 51.43 ? 42  LEU A CA  1 
ATOM   137  C C   . LEU A 1 54  ? -17.128 -9.645  0.350   1.00 56.60 ? 42  LEU A C   1 
ATOM   138  O O   . LEU A 1 54  ? -17.330 -10.863 0.306   1.00 57.17 ? 42  LEU A O   1 
ATOM   139  C CB  . LEU A 1 54  ? -14.781 -8.909  0.910   1.00 47.13 ? 42  LEU A CB  1 
ATOM   140  C CG  . LEU A 1 54  ? -14.330 -10.221 1.561   1.00 44.11 ? 42  LEU A CG  1 
ATOM   141  C CD1 . LEU A 1 54  ? -13.506 -11.083 0.595   1.00 46.36 ? 42  LEU A CD1 1 
ATOM   142  C CD2 . LEU A 1 54  ? -13.557 -9.952  2.830   1.00 44.53 ? 42  LEU A CD2 1 
ATOM   143  N N   . ALA A 1 55  ? -18.003 -8.761  0.837   1.00 60.18 ? 43  ALA A N   1 
ATOM   144  C CA  . ALA A 1 55  ? -19.363 -9.087  1.334   1.00 57.38 ? 43  ALA A CA  1 
ATOM   145  C C   . ALA A 1 55  ? -20.175 -9.835  0.264   1.00 58.51 ? 43  ALA A C   1 
ATOM   146  O O   . ALA A 1 55  ? -21.012 -10.667 0.631   1.00 63.47 ? 43  ALA A O   1 
ATOM   147  C CB  . ALA A 1 55  ? -20.067 -7.827  1.765   1.00 53.96 ? 43  ALA A CB  1 
ATOM   148  N N   . ASP A 1 56  ? -19.945 -9.575  -1.020  1.00 56.93 ? 44  ASP A N   1 
ATOM   149  C CA  . ASP A 1 56  ? -20.712 -10.215 -2.119  1.00 52.99 ? 44  ASP A CA  1 
ATOM   150  C C   . ASP A 1 56  ? -19.936 -11.401 -2.696  1.00 51.83 ? 44  ASP A C   1 
ATOM   151  O O   . ASP A 1 56  ? -20.330 -11.901 -3.771  1.00 55.30 ? 44  ASP A O   1 
ATOM   152  C CB  . ASP A 1 56  ? -21.068 -9.193  -3.196  1.00 56.61 ? 44  ASP A CB  1 
ATOM   153  C CG  . ASP A 1 56  ? -21.975 -8.079  -2.698  1.00 60.87 ? 44  ASP A CG  1 
ATOM   154  O OD1 . ASP A 1 56  ? -22.077 -7.888  -1.453  1.00 63.07 ? 44  ASP A OD1 1 
ATOM   155  O OD2 . ASP A 1 56  ? -22.587 -7.415  -3.558  1.00 67.70 ? 44  ASP A OD2 1 
ATOM   156  N N   . ILE A 1 57  ? -18.869 -11.841 -2.027  1.00 50.23 ? 45  ILE A N   1 
ATOM   157  C CA  . ILE A 1 57  ? -18.127 -13.079 -2.405  1.00 52.35 ? 45  ILE A CA  1 
ATOM   158  C C   . ILE A 1 57  ? -18.293 -14.077 -1.259  1.00 49.55 ? 45  ILE A C   1 
ATOM   159  O O   . ILE A 1 57  ? -18.077 -13.701 -0.087  1.00 55.92 ? 45  ILE A O   1 
ATOM   160  C CB  . ILE A 1 57  ? -16.647 -12.772 -2.701  1.00 49.62 ? 45  ILE A CB  1 
ATOM   161  C CG1 . ILE A 1 57  ? -16.497 -11.766 -3.840  1.00 49.56 ? 45  ILE A CG1 1 
ATOM   162  C CG2 . ILE A 1 57  ? -15.875 -14.047 -2.999  1.00 52.79 ? 45  ILE A CG2 1 
ATOM   163  C CD1 . ILE A 1 57  ? -15.081 -11.284 -4.040  1.00 46.64 ? 45  ILE A CD1 1 
ATOM   164  N N   . SER A 1 58  ? -18.692 -15.305 -1.561  1.00 57.23 ? 46  SER A N   1 
ATOM   165  C CA  . SER A 1 58  ? -18.888 -16.347 -0.514  1.00 57.54 ? 46  SER A CA  1 
ATOM   166  C C   . SER A 1 58  ? -17.808 -17.422 -0.676  1.00 52.57 ? 46  SER A C   1 
ATOM   167  O O   . SER A 1 58  ? -17.211 -17.512 -1.763  1.00 49.97 ? 46  SER A O   1 
ATOM   168  C CB  . SER A 1 58  ? -20.275 -16.931 -0.557  1.00 52.81 ? 46  SER A CB  1 
ATOM   169  O OG  . SER A 1 58  ? -20.386 -17.789 -1.672  1.00 48.66 ? 46  SER A OG  1 
ATOM   170  N N   . VAL A 1 59  ? -17.607 -18.229 0.363   1.00 56.43 ? 47  VAL A N   1 
ATOM   171  C CA  . VAL A 1 59  ? -16.581 -19.315 0.391   1.00 52.26 ? 47  VAL A CA  1 
ATOM   172  C C   . VAL A 1 59  ? -16.827 -20.266 -0.792  1.00 49.44 ? 47  VAL A C   1 
ATOM   173  O O   . VAL A 1 59  ? -15.837 -20.721 -1.447  1.00 46.37 ? 47  VAL A O   1 
ATOM   174  C CB  . VAL A 1 59  ? -16.593 -20.036 1.750   1.00 55.57 ? 47  VAL A CB  1 
ATOM   175  C CG1 . VAL A 1 59  ? -15.633 -21.212 1.754   1.00 56.53 ? 47  VAL A CG1 1 
ATOM   176  C CG2 . VAL A 1 59  ? -16.282 -19.091 2.901   1.00 52.17 ? 47  VAL A CG2 1 
ATOM   177  N N   . ASP A 1 60  ? -18.096 -20.520 -1.124  1.00 55.70 ? 48  ASP A N   1 
ATOM   178  C CA  . ASP A 1 60  ? -18.465 -21.420 -2.249  1.00 58.18 ? 48  ASP A CA  1 
ATOM   179  C C   . ASP A 1 60  ? -17.837 -20.891 -3.545  1.00 54.61 ? 48  ASP A C   1 
ATOM   180  O O   . ASP A 1 60  ? -17.258 -21.695 -4.340  1.00 47.31 ? 48  ASP A O   1 
ATOM   181  C CB  . ASP A 1 60  ? -19.987 -21.595 -2.369  1.00 68.54 ? 48  ASP A CB  1 
ATOM   182  C CG  . ASP A 1 60  ? -20.375 -22.630 -3.420  1.00 75.68 ? 48  ASP A CG  1 
ATOM   183  O OD1 . ASP A 1 60  ? -19.816 -23.755 -3.375  1.00 71.55 ? 48  ASP A OD1 1 
ATOM   184  O OD2 . ASP A 1 60  ? -21.208 -22.298 -4.301  1.00 84.96 ? 48  ASP A OD2 1 
ATOM   185  N N   . ASP A 1 61  ? -17.921 -19.576 -3.751  1.00 60.11 ? 49  ASP A N   1 
ATOM   186  C CA  . ASP A 1 61  ? -17.349 -18.907 -4.949  1.00 56.78 ? 49  ASP A CA  1 
ATOM   187  C C   . ASP A 1 61  ? -15.828 -19.120 -4.942  1.00 46.85 ? 49  ASP A C   1 
ATOM   188  O O   . ASP A 1 61  ? -15.277 -19.534 -5.976  1.00 44.42 ? 49  ASP A O   1 
ATOM   189  C CB  . ASP A 1 61  ? -17.784 -17.441 -5.007  1.00 64.19 ? 49  ASP A CB  1 
ATOM   190  C CG  . ASP A 1 61  ? -19.273 -17.247 -4.781  1.00 65.08 ? 49  ASP A CG  1 
ATOM   191  O OD1 . ASP A 1 61  ? -19.774 -17.714 -3.729  1.00 62.09 ? 49  ASP A OD1 1 
ATOM   192  O OD2 . ASP A 1 61  ? -19.921 -16.662 -5.662  1.00 62.05 ? 49  ASP A OD2 1 
ATOM   193  N N   . LEU A 1 62  ? -15.164 -18.924 -3.802  1.00 48.38 ? 50  LEU A N   1 
ATOM   194  C CA  . LEU A 1 62  ? -13.685 -19.112 -3.719  1.00 39.75 ? 50  LEU A CA  1 
ATOM   195  C C   . LEU A 1 62  ? -13.345 -20.582 -3.935  1.00 41.14 ? 50  LEU A C   1 
ATOM   196  O O   . LEU A 1 62  ? -12.392 -20.889 -4.733  1.00 38.95 ? 50  LEU A O   1 
ATOM   197  C CB  . LEU A 1 62  ? -13.196 -18.610 -2.363  1.00 40.34 ? 50  LEU A CB  1 
ATOM   198  C CG  . LEU A 1 62  ? -13.474 -17.137 -2.087  1.00 41.85 ? 50  LEU A CG  1 
ATOM   199  C CD1 . LEU A 1 62  ? -13.081 -16.780 -0.665  1.00 41.56 ? 50  LEU A CD1 1 
ATOM   200  C CD2 . LEU A 1 62  ? -12.765 -16.254 -3.112  1.00 42.93 ? 50  LEU A CD2 1 
ATOM   201  N N   . ALA A 1 63  ? -14.116 -21.463 -3.277  1.00 44.98 ? 51  ALA A N   1 
ATOM   202  C CA  . ALA A 1 63  ? -13.974 -22.938 -3.389  1.00 44.24 ? 51  ALA A CA  1 
ATOM   203  C C   . ALA A 1 63  ? -14.125 -23.318 -4.862  1.00 38.40 ? 51  ALA A C   1 
ATOM   204  O O   . ALA A 1 63  ? -13.203 -23.895 -5.431  1.00 36.58 ? 51  ALA A O   1 
ATOM   205  C CB  . ALA A 1 63  ? -14.996 -23.632 -2.499  1.00 43.40 ? 51  ALA A CB  1 
ATOM   206  N N   . LYS A 1 64  ? -15.248 -22.951 -5.468  1.00 48.37 ? 52  LYS A N   1 
ATOM   207  C CA  . LYS A 1 64  ? -15.548 -23.289 -6.885  1.00 52.65 ? 52  LYS A CA  1 
ATOM   208  C C   . LYS A 1 64  ? -14.390 -22.784 -7.751  1.00 52.70 ? 52  LYS A C   1 
ATOM   209  O O   . LYS A 1 64  ? -13.712 -23.619 -8.387  1.00 48.03 ? 52  LYS A O   1 
ATOM   210  C CB  . LYS A 1 64  ? -16.909 -22.698 -7.267  1.00 64.82 ? 52  LYS A CB  1 
ATOM   211  C CG  . LYS A 1 64  ? -17.125 -22.487 -8.760  1.00 78.23 ? 52  LYS A CG  1 
ATOM   212  C CD  . LYS A 1 64  ? -18.440 -21.824 -9.085  1.00 83.88 ? 52  LYS A CD  1 
ATOM   213  C CE  . LYS A 1 64  ? -19.585 -22.809 -9.119  1.00 92.45 ? 52  LYS A CE  1 
ATOM   214  N NZ  . LYS A 1 64  ? -20.891 -22.113 -9.120  1.00 91.89 ? 52  LYS A NZ  1 
ATOM   215  N N   . GLY A 1 65  ? -14.086 -21.474 -7.688  1.00 53.42 ? 53  GLY A N   1 
ATOM   216  C CA  . GLY A 1 65  ? -13.022 -20.858 -8.506  1.00 44.17 ? 53  GLY A CA  1 
ATOM   217  C C   . GLY A 1 65  ? -11.723 -21.606 -8.375  1.00 40.83 ? 53  GLY A C   1 
ATOM   218  O O   . GLY A 1 65  ? -10.980 -21.666 -9.362  1.00 46.75 ? 53  GLY A O   1 
ATOM   219  N N   . ALA A 1 66  ? -11.434 -22.174 -7.202  1.00 41.81 ? 54  ALA A N   1 
ATOM   220  C CA  . ALA A 1 66  ? -10.131 -22.822 -6.888  1.00 40.46 ? 54  ALA A CA  1 
ATOM   221  C C   . ALA A 1 66  ? -10.166 -24.319 -7.189  1.00 38.77 ? 54  ALA A C   1 
ATOM   222  O O   . ALA A 1 66  ? -9.079  -24.951 -7.136  1.00 41.71 ? 54  ALA A O   1 
ATOM   223  C CB  . ALA A 1 66  ? -9.765  -22.585 -5.439  1.00 44.49 ? 54  ALA A CB  1 
ATOM   224  N N   . GLY A 1 67  ? -11.339 -24.868 -7.516  1.00 42.78 ? 55  GLY A N   1 
ATOM   225  C CA  . GLY A 1 67  ? -11.486 -26.274 -7.974  1.00 44.37 ? 55  GLY A CA  1 
ATOM   226  C C   . GLY A 1 67  ? -11.449 -27.256 -6.802  1.00 43.47 ? 55  GLY A C   1 
ATOM   227  O O   . GLY A 1 67  ? -10.806 -28.349 -6.912  1.00 39.21 ? 55  GLY A O   1 
ATOM   228  N N   . ILE A 1 68  ? -12.066 -26.854 -5.692  1.00 40.10 ? 56  ILE A N   1 
ATOM   229  C CA  . ILE A 1 68  ? -12.071 -27.624 -4.416  1.00 40.14 ? 56  ILE A CA  1 
ATOM   230  C C   . ILE A 1 68  ? -13.459 -27.476 -3.826  1.00 36.44 ? 56  ILE A C   1 
ATOM   231  O O   . ILE A 1 68  ? -14.147 -26.534 -4.216  1.00 35.01 ? 56  ILE A O   1 
ATOM   232  C CB  . ILE A 1 68  ? -10.985 -27.132 -3.428  1.00 36.67 ? 56  ILE A CB  1 
ATOM   233  C CG1 . ILE A 1 68  ? -11.227 -25.693 -2.959  1.00 37.98 ? 56  ILE A CG1 1 
ATOM   234  C CG2 . ILE A 1 68  ? -9.598  -27.318 -4.009  1.00 37.85 ? 56  ILE A CG2 1 
ATOM   235  C CD1 . ILE A 1 68  ? -10.196 -25.167 -1.946  1.00 39.85 ? 56  ILE A CD1 1 
ATOM   236  N N   . SER A 1 69  ? -13.801 -28.307 -2.837  1.00 39.44 ? 57  SER A N   1 
ATOM   237  C CA  . SER A 1 69  ? -15.073 -28.226 -2.065  1.00 33.09 ? 57  SER A CA  1 
ATOM   238  C C   . SER A 1 69  ? -14.933 -27.145 -1.005  1.00 35.02 ? 57  SER A C   1 
ATOM   239  O O   . SER A 1 69  ? -13.790 -26.768 -0.697  1.00 37.00 ? 57  SER A O   1 
ATOM   240  C CB  . SER A 1 69  ? -15.378 -29.581 -1.419  1.00 37.52 ? 57  SER A CB  1 
ATOM   241  O OG  . SER A 1 69  ? -14.424 -29.873 -0.385  1.00 30.63 ? 57  SER A OG  1 
ATOM   242  N N   . ARG A 1 70  ? -16.043 -26.740 -0.399  1.00 35.15 ? 58  ARG A N   1 
ATOM   243  C CA  . ARG A 1 70  ? -16.086 -25.803 0.739   1.00 38.97 ? 58  ARG A CA  1 
ATOM   244  C C   . ARG A 1 70  ? -15.361 -26.344 1.967   1.00 41.95 ? 58  ARG A C   1 
ATOM   245  O O   . ARG A 1 70  ? -14.638 -25.566 2.602   1.00 35.08 ? 58  ARG A O   1 
ATOM   246  C CB  . ARG A 1 70  ? -17.526 -25.425 1.100   1.00 49.17 ? 58  ARG A CB  1 
ATOM   247  C CG  . ARG A 1 70  ? -18.301 -24.698 0.006   1.00 55.40 ? 58  ARG A CG  1 
ATOM   248  C CD  . ARG A 1 70  ? -19.699 -24.211 0.415   1.00 58.16 ? 58  ARG A CD  1 
ATOM   249  N NE  . ARG A 1 70  ? -19.707 -23.038 1.301   1.00 59.72 ? 58  ARG A NE  1 
ATOM   250  C CZ  . ARG A 1 70  ? -19.569 -23.054 2.642   1.00 60.23 ? 58  ARG A CZ  1 
ATOM   251  N NH1 . ARG A 1 70  ? -19.400 -24.187 3.312   1.00 58.06 ? 58  ARG A NH1 1 
ATOM   252  N NH2 . ARG A 1 70  ? -19.601 -21.917 3.320   1.00 52.99 ? 58  ARG A NH2 1 
ATOM   253  N N   . PRO A 1 71  ? -15.560 -27.610 2.448   1.00 33.25 ? 59  PRO A N   1 
ATOM   254  C CA  . PRO A 1 71  ? -14.822 -28.046 3.624   1.00 30.99 ? 59  PRO A CA  1 
ATOM   255  C C   . PRO A 1 71  ? -13.329 -28.057 3.272   1.00 23.29 ? 59  PRO A C   1 
ATOM   256  O O   . PRO A 1 71  ? -12.521 -27.781 4.150   1.00 27.71 ? 59  PRO A O   1 
ATOM   257  C CB  . PRO A 1 71  ? -15.410 -29.430 3.996   1.00 29.20 ? 59  PRO A CB  1 
ATOM   258  C CG  . PRO A 1 71  ? -16.075 -29.873 2.739   1.00 32.78 ? 59  PRO A CG  1 
ATOM   259  C CD  . PRO A 1 71  ? -16.540 -28.610 2.013   1.00 37.69 ? 59  PRO A CD  1 
ATOM   260  N N   . THR A 1 72  ? -12.979 -28.313 2.015   1.00 25.99 ? 60  THR A N   1 
ATOM   261  C CA  . THR A 1 72  ? -11.532 -28.328 1.626   1.00 25.86 ? 60  THR A CA  1 
ATOM   262  C C   . THR A 1 72  ? -10.992 -26.884 1.736   1.00 26.85 ? 60  THR A C   1 
ATOM   263  O O   . THR A 1 72  ? -9.867  -26.731 2.268   1.00 27.34 ? 60  THR A O   1 
ATOM   264  C CB  . THR A 1 72  ? -11.269 -29.021 0.295   1.00 24.71 ? 60  THR A CB  1 
ATOM   265  O OG1 . THR A 1 72  ? -11.514 -30.440 0.354   1.00 25.17 ? 60  THR A OG1 1 
ATOM   266  C CG2 . THR A 1 72  ? -9.831  -28.800 -0.110  1.00 26.39 ? 60  THR A CG2 1 
ATOM   267  N N   . PHE A 1 73  ? -11.791 -25.878 1.366   1.00 26.56 ? 61  PHE A N   1 
ATOM   268  C CA  . PHE A 1 73  ? -11.429 -24.444 1.569   1.00 29.08 ? 61  PHE A CA  1 
ATOM   269  C C   . PHE A 1 73  ? -10.960 -24.251 3.016   1.00 35.01 ? 61  PHE A C   1 
ATOM   270  O O   . PHE A 1 73  ? -9.824  -23.758 3.212   1.00 33.51 ? 61  PHE A O   1 
ATOM   271  C CB  . PHE A 1 73  ? -12.598 -23.506 1.262   1.00 30.65 ? 61  PHE A CB  1 
ATOM   272  C CG  . PHE A 1 73  ? -12.357 -22.059 1.653   1.00 32.63 ? 61  PHE A CG  1 
ATOM   273  C CD1 . PHE A 1 73  ? -12.616 -21.604 2.944   1.00 36.05 ? 61  PHE A CD1 1 
ATOM   274  C CD2 . PHE A 1 73  ? -11.851 -21.146 0.730   1.00 35.73 ? 61  PHE A CD2 1 
ATOM   275  C CE1 . PHE A 1 73  ? -12.393 -20.272 3.300   1.00 38.88 ? 61  PHE A CE1 1 
ATOM   276  C CE2 . PHE A 1 73  ? -11.631 -19.816 1.085   1.00 36.21 ? 61  PHE A CE2 1 
ATOM   277  C CZ  . PHE A 1 73  ? -11.902 -19.374 2.364   1.00 35.53 ? 61  PHE A CZ  1 
ATOM   278  N N   . TYR A 1 74  ? -11.783 -24.690 3.986   1.00 34.60 ? 62  TYR A N   1 
ATOM   279  C CA  . TYR A 1 74  ? -11.618 -24.414 5.445   1.00 35.64 ? 62  TYR A CA  1 
ATOM   280  C C   . TYR A 1 74  ? -10.358 -25.068 5.982   1.00 34.05 ? 62  TYR A C   1 
ATOM   281  O O   . TYR A 1 74  ? -9.916  -24.721 7.072   1.00 36.96 ? 62  TYR A O   1 
ATOM   282  C CB  . TYR A 1 74  ? -12.848 -24.844 6.240   1.00 36.44 ? 62  TYR A CB  1 
ATOM   283  C CG  . TYR A 1 74  ? -13.992 -23.897 6.053   1.00 42.44 ? 62  TYR A CG  1 
ATOM   284  C CD1 . TYR A 1 74  ? -13.941 -22.618 6.586   1.00 38.92 ? 62  TYR A CD1 1 
ATOM   285  C CD2 . TYR A 1 74  ? -15.087 -24.250 5.276   1.00 47.47 ? 62  TYR A CD2 1 
ATOM   286  C CE1 . TYR A 1 74  ? -14.985 -21.730 6.396   1.00 38.19 ? 62  TYR A CE1 1 
ATOM   287  C CE2 . TYR A 1 74  ? -16.131 -23.363 5.072   1.00 50.14 ? 62  TYR A CE2 1 
ATOM   288  C CZ  . TYR A 1 74  ? -16.081 -22.105 5.652   1.00 45.01 ? 62  TYR A CZ  1 
ATOM   289  O OH  . TYR A 1 74  ? -17.106 -21.230 5.451   1.00 49.11 ? 62  TYR A OH  1 
ATOM   290  N N   . PHE A 1 75  ? -9.756  -25.959 5.210   1.00 35.25 ? 63  PHE A N   1 
ATOM   291  C CA  . PHE A 1 75  ? -8.447  -26.532 5.559   1.00 36.72 ? 63  PHE A CA  1 
ATOM   292  C C   . PHE A 1 75  ? -7.332  -25.499 5.348   1.00 43.56 ? 63  PHE A C   1 
ATOM   293  O O   . PHE A 1 75  ? -6.344  -25.546 6.107   1.00 41.32 ? 63  PHE A O   1 
ATOM   294  C CB  . PHE A 1 75  ? -8.184  -27.791 4.742   1.00 41.28 ? 63  PHE A CB  1 
ATOM   295  C CG  . PHE A 1 75  ? -6.903  -28.454 5.140   1.00 43.69 ? 63  PHE A CG  1 
ATOM   296  C CD1 . PHE A 1 75  ? -6.807  -29.101 6.368   1.00 48.40 ? 63  PHE A CD1 1 
ATOM   297  C CD2 . PHE A 1 75  ? -5.778  -28.358 4.337   1.00 48.38 ? 63  PHE A CD2 1 
ATOM   298  C CE1 . PHE A 1 75  ? -5.612  -29.678 6.770   1.00 45.81 ? 63  PHE A CE1 1 
ATOM   299  C CE2 . PHE A 1 75  ? -4.581  -28.939 4.738   1.00 51.41 ? 63  PHE A CE2 1 
ATOM   300  C CZ  . PHE A 1 75  ? -4.502  -29.598 5.951   1.00 51.74 ? 63  PHE A CZ  1 
ATOM   301  N N   . TYR A 1 76  ? -7.441  -24.652 4.316   1.00 36.33 ? 64  TYR A N   1 
ATOM   302  C CA  . TYR A 1 76  ? -6.422  -23.624 3.967   1.00 32.94 ? 64  TYR A CA  1 
ATOM   303  C C   . TYR A 1 76  ? -6.703  -22.311 4.707   1.00 32.73 ? 64  TYR A C   1 
ATOM   304  O O   . TYR A 1 76  ? -5.741  -21.651 5.033   1.00 33.74 ? 64  TYR A O   1 
ATOM   305  C CB  . TYR A 1 76  ? -6.362  -23.428 2.444   1.00 32.52 ? 64  TYR A CB  1 
ATOM   306  C CG  . TYR A 1 76  ? -5.886  -24.660 1.738   1.00 31.55 ? 64  TYR A CG  1 
ATOM   307  C CD1 . TYR A 1 76  ? -4.537  -24.950 1.653   1.00 36.63 ? 64  TYR A CD1 1 
ATOM   308  C CD2 . TYR A 1 76  ? -6.785  -25.589 1.251   1.00 33.95 ? 64  TYR A CD2 1 
ATOM   309  C CE1 . TYR A 1 76  ? -4.085  -26.105 1.032   1.00 39.96 ? 64  TYR A CE1 1 
ATOM   310  C CE2 . TYR A 1 76  ? -6.351  -26.748 0.638   1.00 35.61 ? 64  TYR A CE2 1 
ATOM   311  C CZ  . TYR A 1 76  ? -5.000  -27.016 0.549   1.00 39.12 ? 64  TYR A CZ  1 
ATOM   312  O OH  . TYR A 1 76  ? -4.590  -28.161 -0.052  1.00 43.49 ? 64  TYR A OH  1 
ATOM   313  N N   . PHE A 1 77  ? -7.960  -21.914 4.911   1.00 32.34 ? 65  PHE A N   1 
ATOM   314  C CA  . PHE A 1 77  ? -8.288  -20.595 5.506   1.00 35.56 ? 65  PHE A CA  1 
ATOM   315  C C   . PHE A 1 77  ? -9.499  -20.749 6.406   1.00 38.54 ? 65  PHE A C   1 
ATOM   316  O O   . PHE A 1 77  ? -10.432 -21.463 6.050   1.00 35.19 ? 65  PHE A O   1 
ATOM   317  C CB  . PHE A 1 77  ? -8.591  -19.528 4.430   1.00 34.44 ? 65  PHE A CB  1 
ATOM   318  C CG  . PHE A 1 77  ? -7.410  -19.194 3.550   1.00 33.17 ? 65  PHE A CG  1 
ATOM   319  C CD1 . PHE A 1 77  ? -6.483  -18.225 3.929   1.00 34.89 ? 65  PHE A CD1 1 
ATOM   320  C CD2 . PHE A 1 77  ? -7.217  -19.858 2.348   1.00 31.76 ? 65  PHE A CD2 1 
ATOM   321  C CE1 . PHE A 1 77  ? -5.386  -17.935 3.129   1.00 30.39 ? 65  PHE A CE1 1 
ATOM   322  C CE2 . PHE A 1 77  ? -6.112  -19.577 1.556   1.00 33.33 ? 65  PHE A CE2 1 
ATOM   323  C CZ  . PHE A 1 77  ? -5.221  -18.591 1.934   1.00 34.85 ? 65  PHE A CZ  1 
ATOM   324  N N   . PRO A 1 78  ? -9.499  -20.078 7.585   1.00 40.25 ? 66  PRO A N   1 
ATOM   325  C CA  . PRO A 1 78  ? -10.662 -20.084 8.467   1.00 40.30 ? 66  PRO A CA  1 
ATOM   326  C C   . PRO A 1 78  ? -11.854 -19.285 7.944   1.00 47.47 ? 66  PRO A C   1 
ATOM   327  O O   . PRO A 1 78  ? -12.914 -19.544 8.424   1.00 48.50 ? 66  PRO A O   1 
ATOM   328  C CB  . PRO A 1 78  ? -10.127 -19.521 9.795   1.00 44.84 ? 66  PRO A CB  1 
ATOM   329  C CG  . PRO A 1 78  ? -8.869  -18.740 9.414   1.00 44.05 ? 66  PRO A CG  1 
ATOM   330  C CD  . PRO A 1 78  ? -8.323  -19.414 8.176   1.00 40.37 ? 66  PRO A CD  1 
ATOM   331  N N   . SER A 1 79  ? -11.677 -18.396 6.951   1.00 44.03 ? 67  SER A N   1 
ATOM   332  C CA  . SER A 1 79  ? -12.719 -17.430 6.505   1.00 43.63 ? 67  SER A CA  1 
ATOM   333  C C   . SER A 1 79  ? -12.309 -16.737 5.199   1.00 38.36 ? 67  SER A C   1 
ATOM   334  O O   . SER A 1 79  ? -11.094 -16.682 4.906   1.00 32.51 ? 67  SER A O   1 
ATOM   335  C CB  . SER A 1 79  ? -12.896 -16.388 7.559   1.00 44.96 ? 67  SER A CB  1 
ATOM   336  O OG  . SER A 1 79  ? -11.609 -15.934 7.945   1.00 45.65 ? 67  SER A OG  1 
ATOM   337  N N   . LYS A 1 80  ? -13.264 -16.143 4.500   1.00 37.78 ? 68  LYS A N   1 
ATOM   338  C CA  . LYS A 1 80  ? -12.946 -15.296 3.322   1.00 42.20 ? 68  LYS A CA  1 
ATOM   339  C C   . LYS A 1 80  ? -12.149 -14.065 3.798   1.00 40.75 ? 68  LYS A C   1 
ATOM   340  O O   . LYS A 1 80  ? -11.277 -13.616 3.022   1.00 40.92 ? 68  LYS A O   1 
ATOM   341  C CB  . LYS A 1 80  ? -14.198 -14.960 2.521   1.00 40.40 ? 68  LYS A CB  1 
ATOM   342  C CG  . LYS A 1 80  ? -15.264 -14.173 3.258   1.00 46.20 ? 68  LYS A CG  1 
ATOM   343  C CD  . LYS A 1 80  ? -16.499 -14.028 2.422   1.00 45.09 ? 68  LYS A CD  1 
ATOM   344  C CE  . LYS A 1 80  ? -17.528 -13.102 3.032   1.00 51.69 ? 68  LYS A CE  1 
ATOM   345  N NZ  . LYS A 1 80  ? -18.651 -12.896 2.093   1.00 53.12 ? 68  LYS A NZ  1 
ATOM   346  N N   . GLU A 1 81  ? -12.345 -13.619 5.049   1.00 40.98 ? 69  GLU A N   1 
ATOM   347  C CA  . GLU A 1 81  ? -11.635 -12.447 5.646   1.00 39.15 ? 69  GLU A CA  1 
ATOM   348  C C   . GLU A 1 81  ? -10.158 -12.807 5.792   1.00 40.04 ? 69  GLU A C   1 
ATOM   349  O O   . GLU A 1 81  ? -9.301  -11.957 5.518   1.00 35.89 ? 69  GLU A O   1 
ATOM   350  C CB  . GLU A 1 81  ? -12.234 -12.012 6.985   1.00 39.84 ? 69  GLU A CB  1 
ATOM   351  C CG  . GLU A 1 81  ? -13.640 -11.438 6.856   1.00 45.94 ? 69  GLU A CG  1 
ATOM   352  C CD  . GLU A 1 81  ? -14.797 -12.422 6.702   1.00 48.60 ? 69  GLU A CD  1 
ATOM   353  O OE1 . GLU A 1 81  ? -14.666 -13.591 7.130   1.00 51.57 ? 69  GLU A OE1 1 
ATOM   354  O OE2 . GLU A 1 81  ? -15.827 -12.022 6.127   1.00 53.23 ? 69  GLU A OE2 1 
ATOM   355  N N   . ALA A 1 82  ? -9.836  -14.065 6.113   1.00 35.42 ? 70  ALA A N   1 
ATOM   356  C CA  . ALA A 1 82  ? -8.420  -14.494 6.234   1.00 33.44 ? 70  ALA A CA  1 
ATOM   357  C C   . ALA A 1 82  ? -7.777  -14.514 4.842   1.00 29.25 ? 70  ALA A C   1 
ATOM   358  O O   . ALA A 1 82  ? -6.539  -14.320 4.726   1.00 28.73 ? 70  ALA A O   1 
ATOM   359  C CB  . ALA A 1 82  ? -8.328  -15.855 6.907   1.00 33.48 ? 70  ALA A CB  1 
ATOM   360  N N   . VAL A 1 83  ? -8.559  -14.838 3.818   1.00 27.35 ? 71  VAL A N   1 
ATOM   361  C CA  . VAL A 1 83  ? -8.070  -14.830 2.411   1.00 31.68 ? 71  VAL A CA  1 
ATOM   362  C C   . VAL A 1 83  ? -7.618  -13.388 2.079   1.00 28.15 ? 71  VAL A C   1 
ATOM   363  O O   . VAL A 1 83  ? -6.483  -13.226 1.607   1.00 28.87 ? 71  VAL A O   1 
ATOM   364  C CB  . VAL A 1 83  ? -9.109  -15.389 1.414   1.00 31.72 ? 71  VAL A CB  1 
ATOM   365  C CG1 . VAL A 1 83  ? -8.600  -15.317 -0.020  1.00 31.19 ? 71  VAL A CG1 1 
ATOM   366  C CG2 . VAL A 1 83  ? -9.472  -16.849 1.739   1.00 32.65 ? 71  VAL A CG2 1 
ATOM   367  N N   . LEU A 1 84  ? -8.456  -12.395 2.348   1.00 29.65 ? 72  LEU A N   1 
ATOM   368  C CA  . LEU A 1 84  ? -8.102  -10.969 2.054   1.00 32.86 ? 72  LEU A CA  1 
ATOM   369  C C   . LEU A 1 84  ? -6.852  -10.561 2.833   1.00 31.46 ? 72  LEU A C   1 
ATOM   370  O O   . LEU A 1 84  ? -5.967  -9.873  2.275   1.00 32.40 ? 72  LEU A O   1 
ATOM   371  C CB  . LEU A 1 84  ? -9.280  -10.074 2.426   1.00 33.05 ? 72  LEU A CB  1 
ATOM   372  C CG  . LEU A 1 84  ? -9.042  -8.566  2.272   1.00 36.88 ? 72  LEU A CG  1 
ATOM   373  C CD1 . LEU A 1 84  ? -8.674  -8.219  0.829   1.00 34.55 ? 72  LEU A CD1 1 
ATOM   374  C CD2 . LEU A 1 84  ? -10.279 -7.789  2.725   1.00 37.32 ? 72  LEU A CD2 1 
ATOM   375  N N   . LEU A 1 85  ? -6.764  -10.968 4.093   1.00 32.69 ? 73  LEU A N   1 
ATOM   376  C CA  . LEU A 1 85  ? -5.618  -10.626 4.968   1.00 30.15 ? 73  LEU A CA  1 
ATOM   377  C C   . LEU A 1 85  ? -4.353  -11.166 4.337   1.00 29.12 ? 73  LEU A C   1 
ATOM   378  O O   . LEU A 1 85  ? -3.345  -10.432 4.359   1.00 28.05 ? 73  LEU A O   1 
ATOM   379  C CB  . LEU A 1 85  ? -5.819  -11.162 6.389   1.00 33.29 ? 73  LEU A CB  1 
ATOM   380  C CG  . LEU A 1 85  ? -4.621  -11.022 7.334   1.00 34.44 ? 73  LEU A CG  1 
ATOM   381  C CD1 . LEU A 1 85  ? -4.262  -9.552  7.560   1.00 31.75 ? 73  LEU A CD1 1 
ATOM   382  C CD2 . LEU A 1 85  ? -4.930  -11.696 8.665   1.00 32.85 ? 73  LEU A CD2 1 
ATOM   383  N N   . THR A 1 86  ? -4.381  -12.393 3.790   1.00 27.05 ? 74  THR A N   1 
ATOM   384  C CA  . THR A 1 86  ? -3.169  -12.972 3.177   1.00 27.27 ? 74  THR A CA  1 
ATOM   385  C C   . THR A 1 86  ? -2.829  -12.196 1.905   1.00 24.97 ? 74  THR A C   1 
ATOM   386  O O   . THR A 1 86  ? -1.636  -11.983 1.679   1.00 26.94 ? 74  THR A O   1 
ATOM   387  C CB  . THR A 1 86  ? -3.326  -14.461 2.834   1.00 28.71 ? 74  THR A CB  1 
ATOM   388  O OG1 . THR A 1 86  ? -3.628  -15.119 4.066   1.00 31.82 ? 74  THR A OG1 1 
ATOM   389  C CG2 . THR A 1 86  ? -2.075  -15.018 2.215   1.00 28.15 ? 74  THR A CG2 1 
ATOM   390  N N   . LEU A 1 87  ? -3.829  -11.897 1.081   1.00 23.87 ? 75  LEU A N   1 
ATOM   391  C CA  . LEU A 1 87  ? -3.587  -11.139 -0.171  1.00 27.53 ? 75  LEU A CA  1 
ATOM   392  C C   . LEU A 1 87  ? -2.961  -9.795  0.219   1.00 25.35 ? 75  LEU A C   1 
ATOM   393  O O   . LEU A 1 87  ? -1.961  -9.397  -0.425  1.00 25.63 ? 75  LEU A O   1 
ATOM   394  C CB  . LEU A 1 87  ? -4.898  -10.902 -0.909  1.00 26.45 ? 75  LEU A CB  1 
ATOM   395  C CG  . LEU A 1 87  ? -5.427  -12.117 -1.668  1.00 28.44 ? 75  LEU A CG  1 
ATOM   396  C CD1 . LEU A 1 87  ? -6.865  -11.898 -2.041  1.00 33.10 ? 75  LEU A CD1 1 
ATOM   397  C CD2 . LEU A 1 87  ? -4.592  -12.411 -2.881  1.00 30.43 ? 75  LEU A CD2 1 
ATOM   398  N N   . LEU A 1 88  ? -3.533  -9.131  1.225   1.00 24.10 ? 76  LEU A N   1 
ATOM   399  C CA  . LEU A 1 88  ? -3.034  -7.771  1.596   1.00 25.48 ? 76  LEU A CA  1 
ATOM   400  C C   . LEU A 1 88  ? -1.600  -7.891  2.079   1.00 24.53 ? 76  LEU A C   1 
ATOM   401  O O   . LEU A 1 88  ? -0.743  -7.095  1.647   1.00 27.36 ? 76  LEU A O   1 
ATOM   402  C CB  . LEU A 1 88  ? -3.912  -7.127  2.646   1.00 26.85 ? 76  LEU A CB  1 
ATOM   403  C CG  . LEU A 1 88  ? -3.519  -5.697  3.032   1.00 28.08 ? 76  LEU A CG  1 
ATOM   404  C CD1 . LEU A 1 88  ? -3.474  -4.810  1.796   1.00 27.58 ? 76  LEU A CD1 1 
ATOM   405  C CD2 . LEU A 1 88  ? -4.525  -5.164  4.052   1.00 27.69 ? 76  LEU A CD2 1 
ATOM   406  N N   . ASP A 1 89  ? -1.338  -8.880  2.926   1.00 26.83 ? 77  ASP A N   1 
ATOM   407  C CA  . ASP A 1 89  ? 0.007   -9.156  3.491   1.00 26.84 ? 77  ASP A CA  1 
ATOM   408  C C   . ASP A 1 89  ? 1.008   -9.326  2.354   1.00 26.84 ? 77  ASP A C   1 
ATOM   409  O O   . ASP A 1 89  ? 2.126   -8.835  2.492   1.00 25.56 ? 77  ASP A O   1 
ATOM   410  C CB  . ASP A 1 89  ? -0.042  -10.387 4.400   1.00 32.42 ? 77  ASP A CB  1 
ATOM   411  C CG  . ASP A 1 89  ? 1.301   -10.667 5.026   1.00 36.07 ? 77  ASP A CG  1 
ATOM   412  O OD1 . ASP A 1 89  ? 2.093   -11.361 4.384   1.00 47.66 ? 77  ASP A OD1 1 
ATOM   413  O OD2 . ASP A 1 89  ? 1.595   -10.060 6.054   1.00 43.02 ? 77  ASP A OD2 1 
ATOM   414  N N   . ARG A 1 90  ? 0.634   -10.024 1.273   1.00 25.70 ? 78  ARG A N   1 
ATOM   415  C CA  . ARG A 1 90  ? 1.567   -10.270 0.139   1.00 28.67 ? 78  ARG A CA  1 
ATOM   416  C C   . ARG A 1 90  ? 1.859   -8.965  -0.602  1.00 24.01 ? 78  ARG A C   1 
ATOM   417  O O   . ARG A 1 90  ? 3.014   -8.720  -0.934  1.00 25.01 ? 78  ARG A O   1 
ATOM   418  C CB  . ARG A 1 90  ? 0.980   -11.321 -0.808  1.00 34.34 ? 78  ARG A CB  1 
ATOM   419  C CG  . ARG A 1 90  ? 0.986   -12.726 -0.219  1.00 40.99 ? 78  ARG A CG  1 
ATOM   420  C CD  . ARG A 1 90  ? -0.032  -13.606 -0.942  1.00 50.53 ? 78  ARG A CD  1 
ATOM   421  N NE  . ARG A 1 90  ? 0.384   -13.826 -2.327  1.00 54.71 ? 78  ARG A NE  1 
ATOM   422  C CZ  . ARG A 1 90  ? 1.201   -14.799 -2.717  1.00 58.82 ? 78  ARG A CZ  1 
ATOM   423  N NH1 . ARG A 1 90  ? 1.553   -14.891 -3.987  1.00 61.32 ? 78  ARG A NH1 1 
ATOM   424  N NH2 . ARG A 1 90  ? 1.668   -15.671 -1.837  1.00 57.06 ? 78  ARG A NH2 1 
ATOM   425  N N   . VAL A 1 91  ? 0.840   -8.162  -0.883  1.00 24.63 ? 79  VAL A N   1 
ATOM   426  C CA  . VAL A 1 91  ? 1.012   -6.870  -1.614  1.00 25.55 ? 79  VAL A CA  1 
ATOM   427  C C   . VAL A 1 91  ? 1.889   -5.933  -0.755  1.00 27.07 ? 79  VAL A C   1 
ATOM   428  O O   . VAL A 1 91  ? 2.865   -5.363  -1.263  1.00 26.05 ? 79  VAL A O   1 
ATOM   429  C CB  . VAL A 1 91  ? -0.354  -6.261  -1.980  1.00 28.23 ? 79  VAL A CB  1 
ATOM   430  C CG1 . VAL A 1 91  ? -0.215  -4.868  -2.576  1.00 30.84 ? 79  VAL A CG1 1 
ATOM   431  C CG2 . VAL A 1 91  ? -1.111  -7.160  -2.960  1.00 29.72 ? 79  VAL A CG2 1 
ATOM   432  N N   . VAL A 1 92  ? 1.581   -5.809  0.538   1.00 23.68 ? 80  VAL A N   1 
ATOM   433  C CA  . VAL A 1 92  ? 2.319   -4.899  1.465   1.00 23.57 ? 80  VAL A CA  1 
ATOM   434  C C   . VAL A 1 92  ? 3.783   -5.311  1.504   1.00 23.60 ? 80  VAL A C   1 
ATOM   435  O O   . VAL A 1 92  ? 4.714   -4.449  1.443   1.00 20.09 ? 80  VAL A O   1 
ATOM   436  C CB  . VAL A 1 92  ? 1.601   -4.951  2.817   1.00 26.62 ? 80  VAL A CB  1 
ATOM   437  C CG1 . VAL A 1 92  ? 2.500   -4.672  3.989   1.00 31.33 ? 80  VAL A CG1 1 
ATOM   438  C CG2 . VAL A 1 92  ? 0.363   -4.068  2.819   1.00 27.31 ? 80  VAL A CG2 1 
ATOM   439  N N   . ASN A 1 93  ? 4.018   -6.621  1.589   1.00 24.66 ? 81  ASN A N   1 
ATOM   440  C CA  . ASN A 1 93  ? 5.392   -7.161  1.709   1.00 24.40 ? 81  ASN A CA  1 
ATOM   441  C C   . ASN A 1 93  ? 6.127   -6.956  0.382   1.00 23.04 ? 81  ASN A C   1 
ATOM   442  O O   . ASN A 1 93  ? 7.329   -6.690  0.426   1.00 24.29 ? 81  ASN A O   1 
ATOM   443  C CB  . ASN A 1 93  ? 5.381   -8.619  2.192   1.00 27.33 ? 81  ASN A CB  1 
ATOM   444  C CG  . ASN A 1 93  ? 5.374   -8.708  3.708   1.00 27.95 ? 81  ASN A CG  1 
ATOM   445  O OD1 . ASN A 1 93  ? 6.386   -8.427  4.342   1.00 31.68 ? 81  ASN A OD1 1 
ATOM   446  N ND2 . ASN A 1 93  ? 4.223   -8.991  4.290   1.00 27.95 ? 81  ASN A ND2 1 
ATOM   447  N N   . GLN A 1 94  ? 5.457   -7.081  -0.757  1.00 24.21 ? 82  GLN A N   1 
ATOM   448  C CA  . GLN A 1 94  ? 6.086   -6.822  -2.075  1.00 24.87 ? 82  GLN A CA  1 
ATOM   449  C C   . GLN A 1 94  ? 6.510   -5.345  -2.153  1.00 24.56 ? 82  GLN A C   1 
ATOM   450  O O   . GLN A 1 94  ? 7.593   -5.045  -2.630  1.00 23.15 ? 82  GLN A O   1 
ATOM   451  C CB  . GLN A 1 94  ? 5.087   -7.203  -3.174  1.00 29.84 ? 82  GLN A CB  1 
ATOM   452  C CG  . GLN A 1 94  ? 5.555   -6.878  -4.579  1.00 33.80 ? 82  GLN A CG  1 
ATOM   453  C CD  . GLN A 1 94  ? 4.479   -7.213  -5.586  1.00 44.46 ? 82  GLN A CD  1 
ATOM   454  O OE1 . GLN A 1 94  ? 3.604   -8.045  -5.336  1.00 52.82 ? 82  GLN A OE1 1 
ATOM   455  N NE2 . GLN A 1 94  ? 4.512   -6.535  -6.718  1.00 44.63 ? 82  GLN A NE2 1 
ATOM   456  N N   . ALA A 1 95  ? 5.666   -4.415  -1.704  1.00 21.99 ? 83  ALA A N   1 
ATOM   457  C CA  . ALA A 1 95  ? 6.025   -2.980  -1.690  1.00 23.23 ? 83  ALA A CA  1 
ATOM   458  C C   . ALA A 1 95  ? 7.245   -2.838  -0.781  1.00 21.29 ? 83  ALA A C   1 
ATOM   459  O O   . ALA A 1 95  ? 8.178   -2.116  -1.115  1.00 22.99 ? 83  ALA A O   1 
ATOM   460  C CB  . ALA A 1 95  ? 4.861   -2.154  -1.174  1.00 23.02 ? 83  ALA A CB  1 
ATOM   461  N N   . ASP A 1 96  ? 7.174   -3.462  0.393   1.00 22.67 ? 84  ASP A N   1 
ATOM   462  C CA  . ASP A 1 96  ? 8.217   -3.257  1.420   1.00 22.86 ? 84  ASP A CA  1 
ATOM   463  C C   . ASP A 1 96  ? 9.543   -3.801  0.887   1.00 23.78 ? 84  ASP A C   1 
ATOM   464  O O   . ASP A 1 96  ? 10.557  -3.125  1.063   1.00 22.95 ? 84  ASP A O   1 
ATOM   465  C CB  . ASP A 1 96  ? 7.814   -3.872  2.752   1.00 23.40 ? 84  ASP A CB  1 
ATOM   466  C CG  . ASP A 1 96  ? 8.772   -3.447  3.848   1.00 29.51 ? 84  ASP A CG  1 
ATOM   467  O OD1 . ASP A 1 96  ? 8.885   -2.214  4.084   1.00 24.45 ? 84  ASP A OD1 1 
ATOM   468  O OD2 . ASP A 1 96  ? 9.457   -4.346  4.395   1.00 27.63 ? 84  ASP A OD2 1 
ATOM   469  N N   . MET A 1 97  ? 9.540   -4.968  0.243   1.00 25.49 ? 85  MET A N   1 
ATOM   470  C CA  . MET A 1 97  ? 10.791  -5.557  -0.330  1.00 30.66 ? 85  MET A CA  1 
ATOM   471  C C   . MET A 1 97  ? 11.306  -4.692  -1.480  1.00 28.65 ? 85  MET A C   1 
ATOM   472  O O   . MET A 1 97  ? 12.545  -4.498  -1.582  1.00 27.30 ? 85  MET A O   1 
ATOM   473  C CB  . MET A 1 97  ? 10.546  -6.992  -0.822  1.00 36.10 ? 85  MET A CB  1 
ATOM   474  C CG  . MET A 1 97  ? 10.345  -7.971  0.328   1.00 41.87 ? 85  MET A CG  1 
ATOM   475  S SD  . MET A 1 97  ? 9.907   -9.646  -0.253  1.00 60.73 ? 85  MET A SD  1 
ATOM   476  C CE  . MET A 1 97  ? 11.393  -10.074 -1.170  1.00 59.61 ? 85  MET A CE  1 
ATOM   477  N N   . ALA A 1 98  ? 10.421  -4.143  -2.317  1.00 25.94 ? 86  ALA A N   1 
ATOM   478  C CA  . ALA A 1 98  ? 10.843  -3.227  -3.402  1.00 27.21 ? 86  ALA A CA  1 
ATOM   479  C C   . ALA A 1 98  ? 11.513  -2.003  -2.777  1.00 27.25 ? 86  ALA A C   1 
ATOM   480  O O   . ALA A 1 98  ? 12.521  -1.544  -3.298  1.00 28.76 ? 86  ALA A O   1 
ATOM   481  C CB  . ALA A 1 98  ? 9.666   -2.833  -4.260  1.00 27.95 ? 86  ALA A CB  1 
ATOM   482  N N   . LEU A 1 99  ? 10.968  -1.450  -1.694  1.00 27.11 ? 87  LEU A N   1 
ATOM   483  C CA  . LEU A 1 99  ? 11.605  -0.242  -1.088  1.00 26.29 ? 87  LEU A CA  1 
ATOM   484  C C   . LEU A 1 99  ? 12.966  -0.616  -0.465  1.00 29.02 ? 87  LEU A C   1 
ATOM   485  O O   . LEU A 1 99  ? 13.919  0.164   -0.628  1.00 29.22 ? 87  LEU A O   1 
ATOM   486  C CB  . LEU A 1 99  ? 10.647  0.355   -0.066  1.00 26.62 ? 87  LEU A CB  1 
ATOM   487  C CG  . LEU A 1 99  ? 11.060  1.674   0.560   1.00 28.36 ? 87  LEU A CG  1 
ATOM   488  C CD1 . LEU A 1 99  ? 11.108  2.791   -0.467  1.00 29.14 ? 87  LEU A CD1 1 
ATOM   489  C CD2 . LEU A 1 99  ? 10.089  2.011   1.670   1.00 27.92 ? 87  LEU A CD2 1 
ATOM   490  N N   . GLN A 1 100 ? 13.071  -1.781  0.169   1.00 29.60 ? 88  GLN A N   1 
ATOM   491  C CA  . GLN A 1 100 ? 14.366  -2.309  0.707   1.00 36.55 ? 88  GLN A CA  1 
ATOM   492  C C   . GLN A 1 100 ? 15.402  -2.403  -0.411  1.00 32.74 ? 88  GLN A C   1 
ATOM   493  O O   . GLN A 1 100 ? 16.560  -2.004  -0.150  1.00 36.11 ? 88  GLN A O   1 
ATOM   494  C CB  . GLN A 1 100 ? 14.167  -3.663  1.387   1.00 39.82 ? 88  GLN A CB  1 
ATOM   495  C CG  . GLN A 1 100 ? 13.568  -3.487  2.766   1.00 49.73 ? 88  GLN A CG  1 
ATOM   496  C CD  . GLN A 1 100 ? 13.359  -4.811  3.449   1.00 60.35 ? 88  GLN A CD  1 
ATOM   497  O OE1 . GLN A 1 100 ? 12.222  -5.216  3.694   1.00 61.69 ? 88  GLN A OE1 1 
ATOM   498  N NE2 . GLN A 1 100 ? 14.464  -5.498  3.717   1.00 49.94 ? 88  GLN A NE2 1 
ATOM   499  N N   . THR A 1 101 ? 14.993  -2.810  -1.621  1.00 33.10 ? 89  THR A N   1 
ATOM   500  C CA  . THR A 1 101 ? 15.894  -2.980  -2.790  1.00 34.67 ? 89  THR A CA  1 
ATOM   501  C C   . THR A 1 101 ? 16.510  -1.630  -3.150  1.00 41.24 ? 89  THR A C   1 
ATOM   502  O O   . THR A 1 101 ? 17.755  -1.543  -3.263  1.00 36.79 ? 89  THR A O   1 
ATOM   503  C CB  . THR A 1 101 ? 15.162  -3.647  -3.960  1.00 38.56 ? 89  THR A CB  1 
ATOM   504  O OG1 . THR A 1 101 ? 14.852  -4.963  -3.518  1.00 38.90 ? 89  THR A OG1 1 
ATOM   505  C CG2 . THR A 1 101 ? 15.980  -3.765  -5.226  1.00 40.69 ? 89  THR A CG2 1 
ATOM   506  N N   . LEU A 1 102 ? 15.689  -0.585  -3.258  1.00 41.41 ? 90  LEU A N   1 
ATOM   507  C CA  . LEU A 1 102 ? 16.167  0.807   -3.481  1.00 40.72 ? 90  LEU A CA  1 
ATOM   508  C C   . LEU A 1 102 ? 17.138  1.249   -2.386  1.00 40.89 ? 90  LEU A C   1 
ATOM   509  O O   . LEU A 1 102 ? 18.096  1.971   -2.698  1.00 43.19 ? 90  LEU A O   1 
ATOM   510  C CB  . LEU A 1 102 ? 14.955  1.752   -3.473  1.00 41.31 ? 90  LEU A CB  1 
ATOM   511  C CG  . LEU A 1 102 ? 14.115  1.763   -4.738  1.00 41.05 ? 90  LEU A CG  1 
ATOM   512  C CD1 . LEU A 1 102 ? 13.007  2.809   -4.603  1.00 40.70 ? 90  LEU A CD1 1 
ATOM   513  C CD2 . LEU A 1 102 ? 14.983  2.045   -5.951  1.00 42.02 ? 90  LEU A CD2 1 
ATOM   514  N N   . ALA A 1 103 ? 16.822  0.920   -1.134  1.00 47.54 ? 91  ALA A N   1 
ATOM   515  C CA  . ALA A 1 103 ? 17.521  1.403   0.076   1.00 50.48 ? 91  ALA A CA  1 
ATOM   516  C C   . ALA A 1 103 ? 18.954  0.857   0.111   1.00 57.21 ? 91  ALA A C   1 
ATOM   517  O O   . ALA A 1 103 ? 19.839  1.574   0.614   1.00 55.00 ? 91  ALA A O   1 
ATOM   518  C CB  . ALA A 1 103 ? 16.743  0.995   1.300   1.00 48.04 ? 91  ALA A CB  1 
ATOM   519  N N   . GLU A 1 104 ? 19.160  -0.366  -0.391  1.00 59.89 ? 92  GLU A N   1 
ATOM   520  C CA  . GLU A 1 104 ? 20.460  -1.091  -0.354  1.00 62.90 ? 92  GLU A CA  1 
ATOM   521  C C   . GLU A 1 104 ? 21.395  -0.639  -1.482  1.00 64.94 ? 92  GLU A C   1 
ATOM   522  O O   . GLU A 1 104 ? 22.586  -0.921  -1.364  1.00 65.63 ? 92  GLU A O   1 
ATOM   523  C CB  . GLU A 1 104 ? 20.254  -2.592  -0.534  1.00 61.79 ? 92  GLU A CB  1 
ATOM   524  C CG  . GLU A 1 104 ? 19.557  -3.274  0.623   1.00 62.30 ? 92  GLU A CG  1 
ATOM   525  C CD  . GLU A 1 104 ? 19.213  -4.707  0.272   1.00 63.01 ? 92  GLU A CD  1 
ATOM   526  O OE1 . GLU A 1 104 ? 19.824  -5.230  -0.674  1.00 67.57 ? 92  GLU A OE1 1 
ATOM   527  O OE2 . GLU A 1 104 ? 18.342  -5.288  0.926   1.00 65.51 ? 92  GLU A OE2 1 
ATOM   528  N N   . ASN A 1 105 ? 20.888  0.011   -2.532  1.00 65.53 ? 93  ASN A N   1 
ATOM   529  C CA  . ASN A 1 105 ? 21.665  0.245   -3.781  1.00 70.97 ? 93  ASN A CA  1 
ATOM   530  C C   . ASN A 1 105 ? 22.329  1.637   -3.754  1.00 64.87 ? 93  ASN A C   1 
ATOM   531  O O   . ASN A 1 105 ? 21.660  2.615   -3.377  1.00 70.04 ? 93  ASN A O   1 
ATOM   532  C CB  . ASN A 1 105 ? 20.804  -0.105  -4.998  1.00 67.32 ? 93  ASN A CB  1 
ATOM   533  C CG  . ASN A 1 105 ? 20.738  -1.607  -5.206  1.00 68.73 ? 93  ASN A CG  1 
ATOM   534  O OD1 . ASN A 1 105 ? 21.228  -2.117  -6.206  1.00 76.62 ? 93  ASN A OD1 1 
ATOM   535  N ND2 . ASN A 1 105 ? 20.196  -2.340  -4.250  1.00 60.84 ? 93  ASN A ND2 1 
ATOM   536  N N   . THR A 1 109 ? 21.716  9.732   -8.816  1.00 67.81 ? 97  THR A N   1 
ATOM   537  C CA  . THR A 1 109 ? 20.513  10.489  -9.280  1.00 59.63 ? 97  THR A CA  1 
ATOM   538  C C   . THR A 1 109 ? 20.273  11.705  -8.361  1.00 54.51 ? 97  THR A C   1 
ATOM   539  O O   . THR A 1 109 ? 20.789  11.723  -7.225  1.00 61.33 ? 97  THR A O   1 
ATOM   540  C CB  . THR A 1 109 ? 19.302  9.552   -9.453  1.00 57.92 ? 97  THR A CB  1 
ATOM   541  O OG1 . THR A 1 109 ? 18.459  10.103  -10.466 1.00 62.69 ? 97  THR A OG1 1 
ATOM   542  C CG2 . THR A 1 109 ? 18.511  9.296   -8.189  1.00 50.69 ? 97  THR A CG2 1 
ATOM   543  N N   . ASP A 1 110 ? 19.545  12.704  -8.870  1.00 46.96 ? 98  ASP A N   1 
ATOM   544  C CA  . ASP A 1 110 ? 19.185  13.936  -8.132  1.00 39.43 ? 98  ASP A CA  1 
ATOM   545  C C   . ASP A 1 110 ? 18.135  13.575  -7.066  1.00 35.58 ? 98  ASP A C   1 
ATOM   546  O O   . ASP A 1 110 ? 17.523  12.469  -7.132  1.00 29.22 ? 98  ASP A O   1 
ATOM   547  C CB  . ASP A 1 110 ? 18.800  15.052  -9.113  1.00 43.10 ? 98  ASP A CB  1 
ATOM   548  C CG  . ASP A 1 110 ? 17.437  14.982  -9.799  1.00 42.69 ? 98  ASP A CG  1 
ATOM   549  O OD1 . ASP A 1 110 ? 16.617  14.122  -9.476  1.00 38.56 ? 98  ASP A OD1 1 
ATOM   550  O OD2 . ASP A 1 110 ? 17.207  15.833  -10.650 1.00 51.02 ? 98  ASP A OD2 1 
ATOM   551  N N   . ARG A 1 111 ? 17.941  14.475  -6.117  1.00 31.67 ? 99  ARG A N   1 
ATOM   552  C CA  . ARG A 1 111 ? 17.032  14.282  -4.955  1.00 36.44 ? 99  ARG A CA  1 
ATOM   553  C C   . ARG A 1 111 ? 15.581  14.091  -5.434  1.00 30.75 ? 99  ARG A C   1 
ATOM   554  O O   . ARG A 1 111 ? 14.904  13.185  -4.901  1.00 32.58 ? 99  ARG A O   1 
ATOM   555  C CB  . ARG A 1 111 ? 17.213  15.434  -3.966  1.00 36.56 ? 99  ARG A CB  1 
ATOM   556  C CG  . ARG A 1 111 ? 16.823  16.787  -4.528  1.00 41.17 ? 99  ARG A CG  1 
ATOM   557  C CD  . ARG A 1 111 ? 17.506  17.977  -3.863  1.00 42.10 ? 99  ARG A CD  1 
ATOM   558  N NE  . ARG A 1 111 ? 16.659  19.132  -4.132  1.00 44.40 ? 99  ARG A NE  1 
ATOM   559  C CZ  . ARG A 1 111 ? 16.808  20.342  -3.597  1.00 49.44 ? 99  ARG A CZ  1 
ATOM   560  N NH1 . ARG A 1 111 ? 17.803  20.578  -2.762  1.00 48.70 ? 99  ARG A NH1 1 
ATOM   561  N NH2 . ARG A 1 111 ? 15.960  21.310  -3.914  1.00 52.17 ? 99  ARG A NH2 1 
ATOM   562  N N   . GLU A 1 112 ? 15.118  14.856  -6.426  1.00 28.80 ? 100 GLU A N   1 
ATOM   563  C CA  . GLU A 1 112 ? 13.732  14.706  -6.918  1.00 29.49 ? 100 GLU A CA  1 
ATOM   564  C C   . GLU A 1 112 ? 13.519  13.269  -7.411  1.00 28.75 ? 100 GLU A C   1 
ATOM   565  O O   . GLU A 1 112 ? 12.524  12.613  -7.040  1.00 26.61 ? 100 GLU A O   1 
ATOM   566  C CB  . GLU A 1 112 ? 13.418  15.753  -7.978  1.00 32.09 ? 100 GLU A CB  1 
ATOM   567  C CG  . GLU A 1 112 ? 12.105  15.469  -8.658  1.00 37.93 ? 100 GLU A CG  1 
ATOM   568  C CD  . GLU A 1 112 ? 11.497  16.631  -9.401  1.00 46.94 ? 100 GLU A CD  1 
ATOM   569  O OE1 . GLU A 1 112 ? 11.928  17.767  -9.153  1.00 55.84 ? 100 GLU A OE1 1 
ATOM   570  O OE2 . GLU A 1 112 ? 10.572  16.384  -10.197 1.00 57.42 ? 100 GLU A OE2 1 
ATOM   571  N N   . ASN A 1 113 ? 14.456  12.747  -8.180  1.00 27.24 ? 101 ASN A N   1 
ATOM   572  C CA  . ASN A 1 113 ? 14.366  11.375  -8.732  1.00 28.83 ? 101 ASN A CA  1 
ATOM   573  C C   . ASN A 1 113 ? 14.428  10.309  -7.634  1.00 25.75 ? 101 ASN A C   1 
ATOM   574  O O   . ASN A 1 113 ? 13.799  9.224   -7.796  1.00 25.88 ? 101 ASN A O   1 
ATOM   575  C CB  . ASN A 1 113 ? 15.489  11.121  -9.748  1.00 33.32 ? 101 ASN A CB  1 
ATOM   576  C CG  . ASN A 1 113 ? 14.998  10.216  -10.850 1.00 39.04 ? 101 ASN A CG  1 
ATOM   577  O OD1 . ASN A 1 113 ? 13.958  10.510  -11.457 1.00 41.60 ? 101 ASN A OD1 1 
ATOM   578  N ND2 . ASN A 1 113 ? 15.724  9.133   -11.101 1.00 44.96 ? 101 ASN A ND2 1 
ATOM   579  N N   . MET A 1 114 ? 15.231  10.535  -6.591  1.00 25.16 ? 102 MET A N   1 
ATOM   580  C CA  . MET A 1 114 ? 15.339  9.590   -5.460  1.00 24.59 ? 102 MET A CA  1 
ATOM   581  C C   . MET A 1 114 ? 13.940  9.475   -4.840  1.00 23.10 ? 102 MET A C   1 
ATOM   582  O O   . MET A 1 114 ? 13.525  8.356   -4.538  1.00 20.17 ? 102 MET A O   1 
ATOM   583  C CB  . MET A 1 114 ? 16.328  10.109  -4.408  1.00 29.89 ? 102 MET A CB  1 
ATOM   584  C CG  . MET A 1 114 ? 16.321  9.317   -3.083  1.00 37.43 ? 102 MET A CG  1 
ATOM   585  S SD  . MET A 1 114 ? 17.551  9.946   -1.874  1.00 39.73 ? 102 MET A SD  1 
ATOM   586  C CE  . MET A 1 114 ? 16.780  11.446  -1.272  1.00 35.88 ? 102 MET A CE  1 
ATOM   587  N N   . TRP A 1 115 ? 13.275  10.609  -4.601  1.00 21.62 ? 103 TRP A N   1 
ATOM   588  C CA  . TRP A 1 115 ? 11.947  10.581  -3.932  1.00 20.62 ? 103 TRP A CA  1 
ATOM   589  C C   . TRP A 1 115 ? 10.943  9.963   -4.904  1.00 19.11 ? 103 TRP A C   1 
ATOM   590  O O   . TRP A 1 115 ? 10.135  9.131   -4.457  1.00 20.75 ? 103 TRP A O   1 
ATOM   591  C CB  . TRP A 1 115 ? 11.530  11.951  -3.369  1.00 20.28 ? 103 TRP A CB  1 
ATOM   592  C CG  . TRP A 1 115 ? 12.383  12.346  -2.203  1.00 21.33 ? 103 TRP A CG  1 
ATOM   593  C CD1 . TRP A 1 115 ? 13.305  13.352  -2.153  1.00 22.96 ? 103 TRP A CD1 1 
ATOM   594  C CD2 . TRP A 1 115 ? 12.382  11.746  -0.891  1.00 21.05 ? 103 TRP A CD2 1 
ATOM   595  N NE1 . TRP A 1 115 ? 13.911  13.379  -0.919  1.00 20.93 ? 103 TRP A NE1 1 
ATOM   596  C CE2 . TRP A 1 115 ? 13.365  12.418  -0.123  1.00 21.97 ? 103 TRP A CE2 1 
ATOM   597  C CE3 . TRP A 1 115 ? 11.702  10.665  -0.314  1.00 20.08 ? 103 TRP A CE3 1 
ATOM   598  C CZ2 . TRP A 1 115 ? 13.622  12.094  1.212   1.00 21.85 ? 103 TRP A CZ2 1 
ATOM   599  C CZ3 . TRP A 1 115 ? 11.987  10.315  0.989   1.00 21.52 ? 103 TRP A CZ3 1 
ATOM   600  C CH2 . TRP A 1 115 ? 12.915  11.036  1.752   1.00 21.20 ? 103 TRP A CH2 1 
ATOM   601  N N   . ARG A 1 116 ? 11.004  10.331  -6.176  1.00 19.02 ? 104 ARG A N   1 
ATOM   602  C CA  . ARG A 1 116 ? 10.046  9.857   -7.189  1.00 20.58 ? 104 ARG A CA  1 
ATOM   603  C C   . ARG A 1 116 ? 10.148  8.322   -7.274  1.00 20.78 ? 104 ARG A C   1 
ATOM   604  O O   . ARG A 1 116 ? 9.126   7.651   -7.261  1.00 19.86 ? 104 ARG A O   1 
ATOM   605  C CB  . ARG A 1 116 ? 10.298  10.574  -8.529  1.00 21.11 ? 104 ARG A CB  1 
ATOM   606  C CG  . ARG A 1 116 ? 9.428   10.068  -9.676  1.00 24.12 ? 104 ARG A CG  1 
ATOM   607  C CD  . ARG A 1 116 ? 9.750   10.770  -11.009 1.00 25.26 ? 104 ARG A CD  1 
ATOM   608  N NE  . ARG A 1 116 ? 9.550   12.209  -10.885 1.00 30.25 ? 104 ARG A NE  1 
ATOM   609  C CZ  . ARG A 1 116 ? 8.352   12.830  -10.962 1.00 38.34 ? 104 ARG A CZ  1 
ATOM   610  N NH1 . ARG A 1 116 ? 7.236   12.166  -11.229 1.00 39.92 ? 104 ARG A NH1 1 
ATOM   611  N NH2 . ARG A 1 116 ? 8.272   14.143  -10.823 1.00 35.65 ? 104 ARG A NH2 1 
ATOM   612  N N   . THR A 1 117 ? 11.364  7.775   -7.292  1.00 22.33 ? 105 THR A N   1 
ATOM   613  C CA  . THR A 1 117 ? 11.581  6.315   -7.396  1.00 21.75 ? 105 THR A CA  1 
ATOM   614  C C   . THR A 1 117 ? 10.965  5.625   -6.177  1.00 21.94 ? 105 THR A C   1 
ATOM   615  O O   . THR A 1 117 ? 10.370  4.557   -6.344  1.00 21.12 ? 105 THR A O   1 
ATOM   616  C CB  . THR A 1 117 ? 13.062  5.973   -7.637  1.00 26.19 ? 105 THR A CB  1 
ATOM   617  O OG1 . THR A 1 117 ? 13.520  6.655   -8.800  1.00 23.71 ? 105 THR A OG1 1 
ATOM   618  C CG2 . THR A 1 117 ? 13.271  4.500   -7.925  1.00 30.32 ? 105 THR A CG2 1 
ATOM   619  N N   . GLY A 1 118 ? 11.099  6.197   -4.980  1.00 21.40 ? 106 GLY A N   1 
ATOM   620  C CA  . GLY A 1 118 ? 10.518  5.614   -3.764  1.00 20.64 ? 106 GLY A CA  1 
ATOM   621  C C   . GLY A 1 118 ? 9.004   5.691   -3.764  1.00 18.44 ? 106 GLY A C   1 
ATOM   622  O O   . GLY A 1 118 ? 8.320   4.659   -3.507  1.00 19.36 ? 106 GLY A O   1 
ATOM   623  N N   . ILE A 1 119 ? 8.443   6.845   -4.085  1.00 17.55 ? 107 ILE A N   1 
ATOM   624  C CA  . ILE A 1 119 ? 6.952   6.944   -4.157  1.00 17.24 ? 107 ILE A CA  1 
ATOM   625  C C   . ILE A 1 119 ? 6.429   5.948   -5.202  1.00 17.23 ? 107 ILE A C   1 
ATOM   626  O O   . ILE A 1 119 ? 5.360   5.310   -5.005  1.00 18.00 ? 107 ILE A O   1 
ATOM   627  C CB  . ILE A 1 119 ? 6.524   8.393   -4.448  1.00 17.84 ? 107 ILE A CB  1 
ATOM   628  C CG1 . ILE A 1 119 ? 6.957   9.340   -3.313  1.00 17.50 ? 107 ILE A CG1 1 
ATOM   629  C CG2 . ILE A 1 119 ? 5.042   8.404   -4.729  1.00 15.95 ? 107 ILE A CG2 1 
ATOM   630  C CD1 . ILE A 1 119 ? 6.783   10.809  -3.627  1.00 19.74 ? 107 ILE A CD1 1 
ATOM   631  N N   . ASN A 1 120 ? 7.153   5.798   -6.311  1.00 18.03 ? 108 ASN A N   1 
ATOM   632  C CA  . ASN A 1 120 ? 6.752   4.955   -7.461  1.00 17.18 ? 108 ASN A CA  1 
ATOM   633  C C   . ASN A 1 120 ? 6.615   3.505   -7.027  1.00 17.39 ? 108 ASN A C   1 
ATOM   634  O O   . ASN A 1 120 ? 5.832   2.800   -7.668  1.00 19.09 ? 108 ASN A O   1 
ATOM   635  C CB  . ASN A 1 120 ? 7.769   5.069   -8.616  1.00 19.15 ? 108 ASN A CB  1 
ATOM   636  C CG  . ASN A 1 120 ? 7.230   4.408   -9.870  1.00 20.30 ? 108 ASN A CG  1 
ATOM   637  O OD1 . ASN A 1 120 ? 6.144   4.770   -10.330 1.00 19.70 ? 108 ASN A OD1 1 
ATOM   638  N ND2 . ASN A 1 120 ? 7.966   3.431   -10.400 1.00 18.67 ? 108 ASN A ND2 1 
ATOM   639  N N   . VAL A 1 121 ? 7.398   3.044   -6.036  1.00 17.53 ? 109 VAL A N   1 
ATOM   640  C CA  . VAL A 1 121 ? 7.260   1.653   -5.512  1.00 19.57 ? 109 VAL A CA  1 
ATOM   641  C C   . VAL A 1 121 ? 5.802   1.432   -5.099  1.00 17.55 ? 109 VAL A C   1 
ATOM   642  O O   . VAL A 1 121 ? 5.194   0.370   -5.399  1.00 17.78 ? 109 VAL A O   1 
ATOM   643  C CB  . VAL A 1 121 ? 8.216   1.433   -4.317  1.00 23.73 ? 109 VAL A CB  1 
ATOM   644  C CG1 . VAL A 1 121 ? 7.809   0.226   -3.468  1.00 27.14 ? 109 VAL A CG1 1 
ATOM   645  C CG2 . VAL A 1 121 ? 9.655   1.310   -4.789  1.00 27.45 ? 109 VAL A CG2 1 
ATOM   646  N N   . PHE A 1 122 ? 5.207   2.413   -4.419  1.00 16.93 ? 110 PHE A N   1 
ATOM   647  C CA  . PHE A 1 122 ? 3.827   2.295   -3.866  1.00 16.78 ? 110 PHE A CA  1 
ATOM   648  C C   . PHE A 1 122 ? 2.773   2.500   -4.963  1.00 17.33 ? 110 PHE A C   1 
ATOM   649  O O   . PHE A 1 122 ? 1.806   1.711   -5.047  1.00 16.86 ? 110 PHE A O   1 
ATOM   650  C CB  . PHE A 1 122 ? 3.688   3.270   -2.691  1.00 17.72 ? 110 PHE A CB  1 
ATOM   651  C CG  . PHE A 1 122 ? 4.569   2.880   -1.537  1.00 16.60 ? 110 PHE A CG  1 
ATOM   652  C CD1 . PHE A 1 122 ? 4.169   1.902   -0.643  1.00 18.99 ? 110 PHE A CD1 1 
ATOM   653  C CD2 . PHE A 1 122 ? 5.820   3.450   -1.370  1.00 18.49 ? 110 PHE A CD2 1 
ATOM   654  C CE1 . PHE A 1 122 ? 5.006   1.503   0.411   1.00 18.09 ? 110 PHE A CE1 1 
ATOM   655  C CE2 . PHE A 1 122 ? 6.672   3.043   -0.346  1.00 18.92 ? 110 PHE A CE2 1 
ATOM   656  C CZ  . PHE A 1 122 ? 6.264   2.066   0.549   1.00 19.26 ? 110 PHE A CZ  1 
ATOM   657  N N   . PHE A 1 123 ? 3.003   3.470   -5.841  1.00 18.38 ? 111 PHE A N   1 
ATOM   658  C CA  . PHE A 1 123 ? 2.144   3.719   -7.024  1.00 19.90 ? 111 PHE A CA  1 
ATOM   659  C C   . PHE A 1 123 ? 2.037   2.448   -7.887  1.00 20.09 ? 111 PHE A C   1 
ATOM   660  O O   . PHE A 1 123 ? 0.931   2.020   -8.199  1.00 21.01 ? 111 PHE A O   1 
ATOM   661  C CB  . PHE A 1 123 ? 2.700   4.924   -7.779  1.00 22.25 ? 111 PHE A CB  1 
ATOM   662  C CG  . PHE A 1 123 ? 1.971   5.251   -9.056  1.00 21.57 ? 111 PHE A CG  1 
ATOM   663  C CD1 . PHE A 1 123 ? 0.692   5.781   -9.019  1.00 21.37 ? 111 PHE A CD1 1 
ATOM   664  C CD2 . PHE A 1 123 ? 2.556   5.002   -10.285 1.00 22.40 ? 111 PHE A CD2 1 
ATOM   665  C CE1 . PHE A 1 123 ? 0.032   6.102   -10.207 1.00 21.66 ? 111 PHE A CE1 1 
ATOM   666  C CE2 . PHE A 1 123 ? 1.886   5.300   -11.473 1.00 23.51 ? 111 PHE A CE2 1 
ATOM   667  C CZ  . PHE A 1 123 ? 0.638   5.882   -11.425 1.00 20.56 ? 111 PHE A CZ  1 
ATOM   668  N N   . GLU A 1 124 ? 3.161   1.838   -8.271  1.00 20.76 ? 112 GLU A N   1 
ATOM   669  C CA  . GLU A 1 124 ? 3.155   0.622   -9.128  1.00 22.46 ? 112 GLU A CA  1 
ATOM   670  C C   . GLU A 1 124 ? 2.672   -0.592  -8.360  1.00 23.02 ? 112 GLU A C   1 
ATOM   671  O O   . GLU A 1 124 ? 1.927   -1.397  -8.955  1.00 23.70 ? 112 GLU A O   1 
ATOM   672  C CB  . GLU A 1 124 ? 4.564   0.295   -9.639  1.00 25.06 ? 112 GLU A CB  1 
ATOM   673  C CG  . GLU A 1 124 ? 4.983   1.235   -10.732 1.00 27.77 ? 112 GLU A CG  1 
ATOM   674  C CD  . GLU A 1 124 ? 4.170   1.039   -11.997 1.00 32.72 ? 112 GLU A CD  1 
ATOM   675  O OE1 . GLU A 1 124 ? 3.706   -0.107  -12.211 1.00 34.21 ? 112 GLU A OE1 1 
ATOM   676  O OE2 . GLU A 1 124 ? 3.940   2.047   -12.718 1.00 39.28 ? 112 GLU A OE2 1 
ATOM   677  N N   . THR A 1 125 ? 3.123   -0.793  -7.121  1.00 20.18 ? 113 THR A N   1 
ATOM   678  C CA  . THR A 1 125 ? 2.797   -2.039  -6.406  1.00 22.39 ? 113 THR A CA  1 
ATOM   679  C C   . THR A 1 125 ? 1.300   -2.033  -6.101  1.00 22.16 ? 113 THR A C   1 
ATOM   680  O O   . THR A 1 125 ? 0.625   -3.042  -6.433  1.00 23.32 ? 113 THR A O   1 
ATOM   681  C CB  . THR A 1 125 ? 3.638   -2.278  -5.135  1.00 24.03 ? 113 THR A CB  1 
ATOM   682  O OG1 . THR A 1 125 ? 5.037   -2.268  -5.422  1.00 22.74 ? 113 THR A OG1 1 
ATOM   683  C CG2 . THR A 1 125 ? 3.283   -3.597  -4.491  1.00 27.72 ? 113 THR A CG2 1 
ATOM   684  N N   . PHE A 1 126 ? 0.764   -0.959  -5.509  1.00 19.40 ? 114 PHE A N   1 
ATOM   685  C CA  . PHE A 1 126 ? -0.665  -0.920  -5.093  1.00 19.62 ? 114 PHE A CA  1 
ATOM   686  C C   . PHE A 1 126 ? -1.503  -0.756  -6.357  1.00 21.23 ? 114 PHE A C   1 
ATOM   687  O O   . PHE A 1 126 ? -2.644  -1.280  -6.443  1.00 19.05 ? 114 PHE A O   1 
ATOM   688  C CB  . PHE A 1 126 ? -0.903  0.122   -3.997  1.00 22.38 ? 114 PHE A CB  1 
ATOM   689  C CG  . PHE A 1 126 ? -0.339  -0.300  -2.658  1.00 25.41 ? 114 PHE A CG  1 
ATOM   690  C CD1 . PHE A 1 126 ? -0.950  -1.318  -1.934  1.00 35.11 ? 114 PHE A CD1 1 
ATOM   691  C CD2 . PHE A 1 126 ? 0.734   0.342   -2.079  1.00 29.86 ? 114 PHE A CD2 1 
ATOM   692  C CE1 . PHE A 1 126 ? -0.462  -1.714  -0.689  1.00 38.27 ? 114 PHE A CE1 1 
ATOM   693  C CE2 . PHE A 1 126 ? 1.240   -0.081  -0.848  1.00 33.49 ? 114 PHE A CE2 1 
ATOM   694  C CZ  . PHE A 1 126 ? 0.678   -1.128  -0.175  1.00 30.74 ? 114 PHE A CZ  1 
ATOM   695  N N   . GLY A 1 127 ? -0.933  -0.054  -7.338  1.00 22.93 ? 115 GLY A N   1 
ATOM   696  C CA  . GLY A 1 127 ? -1.608  0.248   -8.620  1.00 24.76 ? 115 GLY A CA  1 
ATOM   697  C C   . GLY A 1 127 ? -1.797  -1.001  -9.471  1.00 25.23 ? 115 GLY A C   1 
ATOM   698  O O   . GLY A 1 127 ? -2.680  -1.011  -10.298 1.00 27.69 ? 115 GLY A O   1 
ATOM   699  N N   . SER A 1 128 ? -0.969  -2.011  -9.274  1.00 26.39 ? 116 SER A N   1 
ATOM   700  C CA  . SER A 1 128 ? -1.030  -3.337  -9.934  1.00 29.75 ? 116 SER A CA  1 
ATOM   701  C C   . SER A 1 128 ? -1.986  -4.272  -9.204  1.00 27.38 ? 116 SER A C   1 
ATOM   702  O O   . SER A 1 128 ? -2.228  -5.374  -9.696  1.00 29.13 ? 116 SER A O   1 
ATOM   703  C CB  . SER A 1 128 ? 0.360   -3.886  -10.036 1.00 29.70 ? 116 SER A CB  1 
ATOM   704  O OG  . SER A 1 128 ? 1.050   -3.017  -10.927 1.00 28.71 ? 116 SER A OG  1 
ATOM   705  N N   . HIS A 1 129 ? -2.418  -3.904  -8.011  1.00 25.97 ? 117 HIS A N   1 
ATOM   706  C CA  . HIS A 1 129 ? -3.297  -4.738  -7.159  1.00 28.50 ? 117 HIS A CA  1 
ATOM   707  C C   . HIS A 1 129 ? -4.419  -3.838  -6.635  1.00 29.46 ? 117 HIS A C   1 
ATOM   708  O O   . HIS A 1 129 ? -4.599  -3.775  -5.427  1.00 26.65 ? 117 HIS A O   1 
ATOM   709  C CB  . HIS A 1 129 ? -2.477  -5.463  -6.071  1.00 27.72 ? 117 HIS A CB  1 
ATOM   710  C CG  . HIS A 1 129 ? -1.405  -6.349  -6.603  1.00 28.24 ? 117 HIS A CG  1 
ATOM   711  N ND1 . HIS A 1 129 ? -1.666  -7.634  -7.044  1.00 32.14 ? 117 HIS A ND1 1 
ATOM   712  C CD2 . HIS A 1 129 ? -0.091  -6.130  -6.850  1.00 33.59 ? 117 HIS A CD2 1 
ATOM   713  C CE1 . HIS A 1 129 ? -0.549  -8.170  -7.521  1.00 31.37 ? 117 HIS A CE1 1 
ATOM   714  N NE2 . HIS A 1 129 ? 0.431   -7.277  -7.405  1.00 31.57 ? 117 HIS A NE2 1 
ATOM   715  N N   . LYS A 1 130 ? -5.175  -3.184  -7.530  1.00 28.69 ? 118 LYS A N   1 
ATOM   716  C CA  . LYS A 1 130 ? -6.176  -2.177  -7.098  1.00 28.39 ? 118 LYS A CA  1 
ATOM   717  C C   . LYS A 1 130 ? -7.295  -2.814  -6.277  1.00 30.44 ? 118 LYS A C   1 
ATOM   718  O O   . LYS A 1 130 ? -7.743  -2.184  -5.313  1.00 24.47 ? 118 LYS A O   1 
ATOM   719  C CB  . LYS A 1 130 ? -6.779  -1.442  -8.293  1.00 29.40 ? 118 LYS A CB  1 
ATOM   720  C CG  . LYS A 1 130 ? -5.860  -0.438  -8.957  1.00 31.08 ? 118 LYS A CG  1 
ATOM   721  C CD  . LYS A 1 130 ? -6.580  0.248   -10.075 1.00 32.69 ? 118 LYS A CD  1 
ATOM   722  C CE  . LYS A 1 130 ? -5.873  1.460   -10.595 1.00 38.73 ? 118 LYS A CE  1 
ATOM   723  N NZ  . LYS A 1 130 ? -4.658  1.094   -11.329 1.00 39.27 ? 118 LYS A NZ  1 
ATOM   724  N N   . ALA A 1 131 ? -7.795  -3.986  -6.682  1.00 27.06 ? 119 ALA A N   1 
ATOM   725  C CA  . ALA A 1 131 ? -8.946  -4.622  -6.011  1.00 26.67 ? 119 ALA A CA  1 
ATOM   726  C C   . ALA A 1 131 ? -8.525  -5.059  -4.601  1.00 24.50 ? 119 ALA A C   1 
ATOM   727  O O   . ALA A 1 131 ? -9.285  -4.839  -3.652  1.00 26.64 ? 119 ALA A O   1 
ATOM   728  C CB  . ALA A 1 131 ? -9.447  -5.768  -6.856  1.00 31.32 ? 119 ALA A CB  1 
ATOM   729  N N   . VAL A 1 132 ? -7.326  -5.597  -4.428  1.00 24.94 ? 120 VAL A N   1 
ATOM   730  C CA  . VAL A 1 132 ? -6.831  -5.975  -3.068  1.00 25.30 ? 120 VAL A CA  1 
ATOM   731  C C   . VAL A 1 132 ? -6.593  -4.716  -2.219  1.00 28.62 ? 120 VAL A C   1 
ATOM   732  O O   . VAL A 1 132 ? -7.050  -4.692  -1.045  1.00 29.70 ? 120 VAL A O   1 
ATOM   733  C CB  . VAL A 1 132 ? -5.578  -6.849  -3.143  1.00 24.44 ? 120 VAL A CB  1 
ATOM   734  C CG1 . VAL A 1 132 ? -4.914  -6.984  -1.761  1.00 26.58 ? 120 VAL A CG1 1 
ATOM   735  C CG2 . VAL A 1 132 ? -5.941  -8.214  -3.734  1.00 28.04 ? 120 VAL A CG2 1 
ATOM   736  N N   . THR A 1 133 ? -5.962  -3.679  -2.786  1.00 29.81 ? 121 THR A N   1 
ATOM   737  C CA  . THR A 1 133 ? -5.814  -2.329  -2.131  1.00 28.05 ? 121 THR A CA  1 
ATOM   738  C C   . THR A 1 133 ? -7.158  -1.834  -1.584  1.00 29.66 ? 121 THR A C   1 
ATOM   739  O O   . THR A 1 133 ? -7.242  -1.572  -0.358  1.00 27.73 ? 121 THR A O   1 
ATOM   740  C CB  . THR A 1 133 ? -5.247  -1.307  -3.121  1.00 27.89 ? 121 THR A CB  1 
ATOM   741  O OG1 . THR A 1 133 ? -3.967  -1.816  -3.487  1.00 23.84 ? 121 THR A OG1 1 
ATOM   742  C CG2 . THR A 1 133 ? -5.098  0.088   -2.546  1.00 30.84 ? 121 THR A CG2 1 
ATOM   743  N N   . ARG A 1 134 ? -8.155  -1.704  -2.455  1.00 29.10 ? 122 ARG A N   1 
ATOM   744  C CA  . ARG A 1 134 ? -9.501  -1.175  -2.128  1.00 31.77 ? 122 ARG A CA  1 
ATOM   745  C C   . ARG A 1 134 ? -10.085 -2.050  -0.999  1.00 33.32 ? 122 ARG A C   1 
ATOM   746  O O   . ARG A 1 134 ? -10.342 -1.524  0.076   1.00 29.40 ? 122 ARG A O   1 
ATOM   747  C CB  . ARG A 1 134 ? -10.350 -1.177  -3.397  1.00 38.85 ? 122 ARG A CB  1 
ATOM   748  C CG  . ARG A 1 134 ? -11.836 -0.889  -3.225  1.00 46.00 ? 122 ARG A CG  1 
ATOM   749  C CD  . ARG A 1 134 ? -12.560 -0.966  -4.575  1.00 56.22 ? 122 ARG A CD  1 
ATOM   750  N NE  . ARG A 1 134 ? -11.882 -0.129  -5.580  1.00 72.09 ? 122 ARG A NE  1 
ATOM   751  C CZ  . ARG A 1 134 ? -11.165 -0.555  -6.646  1.00 73.19 ? 122 ARG A CZ  1 
ATOM   752  N NH1 . ARG A 1 134 ? -10.581 0.336   -7.435  1.00 62.87 ? 122 ARG A NH1 1 
ATOM   753  N NH2 . ARG A 1 134 ? -11.027 -1.845  -6.933  1.00 65.13 ? 122 ARG A NH2 1 
ATOM   754  N N   . ALA A 1 135 ? -10.169 -3.374  -1.182  1.00 30.57 ? 123 ALA A N   1 
ATOM   755  C CA  . ALA A 1 135 ? -10.858 -4.256  -0.209  1.00 28.59 ? 123 ALA A CA  1 
ATOM   756  C C   . ALA A 1 135 ? -10.073 -4.241  1.100   1.00 27.87 ? 123 ALA A C   1 
ATOM   757  O O   . ALA A 1 135 ? -10.681 -4.108  2.192   1.00 32.00 ? 123 ALA A O   1 
ATOM   758  C CB  . ALA A 1 135 ? -11.015 -5.633  -0.812  1.00 29.51 ? 123 ALA A CB  1 
ATOM   759  N N   . GLY A 1 136 ? -8.750  -4.311  1.029   1.00 26.87 ? 124 GLY A N   1 
ATOM   760  C CA  . GLY A 1 136 ? -7.887  -4.271  2.227   1.00 27.61 ? 124 GLY A CA  1 
ATOM   761  C C   . GLY A 1 136 ? -8.068  -2.991  3.024   1.00 29.18 ? 124 GLY A C   1 
ATOM   762  O O   . GLY A 1 136 ? -8.102  -3.036  4.277   1.00 30.20 ? 124 GLY A O   1 
ATOM   763  N N   . GLN A 1 137 ? -8.180  -1.856  2.343   1.00 29.72 ? 125 GLN A N   1 
ATOM   764  C CA  . GLN A 1 137 ? -8.343  -0.558  3.053   1.00 30.00 ? 125 GLN A CA  1 
ATOM   765  C C   . GLN A 1 137 ? -9.721  -0.579  3.725   1.00 28.81 ? 125 GLN A C   1 
ATOM   766  O O   . GLN A 1 137 ? -9.797  -0.167  4.870   1.00 26.77 ? 125 GLN A O   1 
ATOM   767  C CB  . GLN A 1 137 ? -8.137  0.632   2.101   1.00 30.43 ? 125 GLN A CB  1 
ATOM   768  C CG  . GLN A 1 137 ? -6.673  0.826   1.677   1.00 30.88 ? 125 GLN A CG  1 
ATOM   769  C CD  . GLN A 1 137 ? -5.720  1.003   2.847   1.00 30.46 ? 125 GLN A CD  1 
ATOM   770  O OE1 . GLN A 1 137 ? -5.929  1.845   3.691   1.00 30.59 ? 125 GLN A OE1 1 
ATOM   771  N NE2 . GLN A 1 137 ? -4.701  0.156   2.958   1.00 31.44 ? 125 GLN A NE2 1 
ATOM   772  N N   . ALA A 1 138 ? -10.760 -1.048  3.041   1.00 28.69 ? 126 ALA A N   1 
ATOM   773  C CA  . ALA A 1 138 ? -12.136 -1.100  3.611   1.00 29.73 ? 126 ALA A CA  1 
ATOM   774  C C   . ALA A 1 138 ? -12.146 -2.043  4.823   1.00 33.84 ? 126 ALA A C   1 
ATOM   775  O O   . ALA A 1 138 ? -12.795 -1.708  5.841   1.00 32.28 ? 126 ALA A O   1 
ATOM   776  C CB  . ALA A 1 138 ? -13.119 -1.521  2.549   1.00 30.39 ? 126 ALA A CB  1 
ATOM   777  N N   . ALA A 1 139 ? -11.367 -3.135  4.792   1.00 31.92 ? 127 ALA A N   1 
ATOM   778  C CA  . ALA A 1 139 ? -11.346 -4.112  5.913   1.00 31.56 ? 127 ALA A CA  1 
ATOM   779  C C   . ALA A 1 139 ? -10.664 -3.538  7.160   1.00 35.06 ? 127 ALA A C   1 
ATOM   780  O O   . ALA A 1 139 ? -10.876 -4.125  8.249   1.00 29.19 ? 127 ALA A O   1 
ATOM   781  C CB  . ALA A 1 139 ? -10.736 -5.406  5.473   1.00 30.42 ? 127 ALA A CB  1 
ATOM   782  N N   . ARG A 1 140 ? -9.922  -2.420  7.073   1.00 29.68 ? 128 ARG A N   1 
ATOM   783  C CA  . ARG A 1 140 ? -9.288  -1.812  8.276   1.00 31.50 ? 128 ARG A CA  1 
ATOM   784  C C   . ARG A 1 140 ? -10.345 -1.463  9.331   1.00 33.67 ? 128 ARG A C   1 
ATOM   785  O O   . ARG A 1 140 ? -10.013 -1.458  10.532  1.00 34.17 ? 128 ARG A O   1 
ATOM   786  C CB  . ARG A 1 140 ? -8.502  -0.552  7.928   1.00 27.90 ? 128 ARG A CB  1 
ATOM   787  C CG  . ARG A 1 140 ? -7.226  -0.865  7.163   1.00 30.06 ? 128 ARG A CG  1 
ATOM   788  C CD  . ARG A 1 140 ? -6.619  0.399   6.630   1.00 30.91 ? 128 ARG A CD  1 
ATOM   789  N NE  . ARG A 1 140 ? -6.222  1.271   7.720   1.00 30.91 ? 128 ARG A NE  1 
ATOM   790  C CZ  . ARG A 1 140 ? -5.759  2.506   7.567   1.00 34.39 ? 128 ARG A CZ  1 
ATOM   791  N NH1 . ARG A 1 140 ? -5.658  3.038   6.358   1.00 30.92 ? 128 ARG A NH1 1 
ATOM   792  N NH2 . ARG A 1 140 ? -5.391  3.191   8.633   1.00 32.45 ? 128 ARG A NH2 1 
ATOM   793  N N   . ALA A 1 141 ? -11.556 -1.158  8.904   1.00 32.52 ? 129 ALA A N   1 
ATOM   794  C CA  . ALA A 1 141 ? -12.666 -0.748  9.792   1.00 37.64 ? 129 ALA A CA  1 
ATOM   795  C C   . ALA A 1 141 ? -13.205 -1.965  10.580  1.00 39.69 ? 129 ALA A C   1 
ATOM   796  O O   . ALA A 1 141 ? -13.685 -1.745  11.699  1.00 39.81 ? 129 ALA A O   1 
ATOM   797  C CB  . ALA A 1 141 ? -13.735 -0.054  8.977   1.00 33.01 ? 129 ALA A CB  1 
ATOM   798  N N   . THR A 1 142 ? -13.143 -3.192  10.042  1.00 41.91 ? 130 THR A N   1 
ATOM   799  C CA  . THR A 1 142 ? -13.905 -4.361  10.569  1.00 40.39 ? 130 THR A CA  1 
ATOM   800  C C   . THR A 1 142 ? -12.973 -5.498  10.990  1.00 46.77 ? 130 THR A C   1 
ATOM   801  O O   . THR A 1 142 ? -13.476 -6.459  11.568  1.00 47.77 ? 130 THR A O   1 
ATOM   802  C CB  . THR A 1 142 ? -14.927 -4.844  9.539   1.00 40.62 ? 130 THR A CB  1 
ATOM   803  O OG1 . THR A 1 142 ? -14.196 -5.261  8.391   1.00 37.23 ? 130 THR A OG1 1 
ATOM   804  C CG2 . THR A 1 142 ? -15.923 -3.772  9.155   1.00 41.03 ? 130 THR A CG2 1 
ATOM   805  N N   . SER A 1 143 ? -11.676 -5.405  10.711  1.00 36.64 ? 131 SER A N   1 
ATOM   806  C CA  . SER A 1 143 ? -10.704 -6.466  11.021  1.00 38.10 ? 131 SER A CA  1 
ATOM   807  C C   . SER A 1 143 ? -9.494  -5.878  11.747  1.00 39.89 ? 131 SER A C   1 
ATOM   808  O O   . SER A 1 143 ? -8.759  -5.080  11.154  1.00 37.56 ? 131 SER A O   1 
ATOM   809  C CB  . SER A 1 143 ? -10.274 -7.192  9.797   1.00 37.01 ? 131 SER A CB  1 
ATOM   810  O OG  . SER A 1 143 ? -9.044  -7.839  10.080  1.00 38.61 ? 131 SER A OG  1 
ATOM   811  N N   . VAL A 1 144 ? -9.267  -6.309  12.983  1.00 39.52 ? 132 VAL A N   1 
ATOM   812  C CA  . VAL A 1 144 ? -8.138  -5.825  13.813  1.00 37.24 ? 132 VAL A CA  1 
ATOM   813  C C   . VAL A 1 144 ? -6.833  -6.323  13.198  1.00 35.51 ? 132 VAL A C   1 
ATOM   814  O O   . VAL A 1 144 ? -5.813  -5.607  13.314  1.00 33.75 ? 132 VAL A O   1 
ATOM   815  C CB  . VAL A 1 144 ? -8.314  -6.278  15.278  1.00 42.37 ? 132 VAL A CB  1 
ATOM   816  C CG1 . VAL A 1 144 ? -7.074  -6.026  16.116  1.00 41.88 ? 132 VAL A CG1 1 
ATOM   817  C CG2 . VAL A 1 144 ? -9.527  -5.606  15.897  1.00 41.43 ? 132 VAL A CG2 1 
ATOM   818  N N   . GLU A 1 145 ? -6.797  -7.514  12.597  1.00 31.86 ? 133 GLU A N   1 
ATOM   819  C CA  . GLU A 1 145 ? -5.514  -7.968  12.000  1.00 34.27 ? 133 GLU A CA  1 
ATOM   820  C C   . GLU A 1 145 ? -5.206  -7.124  10.754  1.00 28.53 ? 133 GLU A C   1 
ATOM   821  O O   . GLU A 1 145 ? -4.017  -6.858  10.511  1.00 28.47 ? 133 GLU A O   1 
ATOM   822  C CB  . GLU A 1 145 ? -5.523  -9.443  11.629  1.00 40.53 ? 133 GLU A CB  1 
ATOM   823  C CG  . GLU A 1 145 ? -5.828  -10.333 12.808  1.00 49.21 ? 133 GLU A CG  1 
ATOM   824  C CD  . GLU A 1 145 ? -7.199  -10.942 12.637  1.00 59.27 ? 133 GLU A CD  1 
ATOM   825  O OE1 . GLU A 1 145 ? -8.237  -10.237 12.907  1.00 60.73 ? 133 GLU A OE1 1 
ATOM   826  O OE2 . GLU A 1 145 ? -7.221  -12.087 12.135  1.00 61.91 ? 133 GLU A OE2 1 
ATOM   827  N N   . VAL A 1 146 ? -6.213  -6.742  9.975   1.00 28.90 ? 134 VAL A N   1 
ATOM   828  C CA  . VAL A 1 146 ? -5.915  -5.887  8.780   1.00 27.38 ? 134 VAL A CA  1 
ATOM   829  C C   . VAL A 1 146 ? -5.461  -4.503  9.288   1.00 26.94 ? 134 VAL A C   1 
ATOM   830  O O   . VAL A 1 146 ? -4.442  -4.025  8.803   1.00 26.99 ? 134 VAL A O   1 
ATOM   831  C CB  . VAL A 1 146 ? -7.095  -5.822  7.806   1.00 29.58 ? 134 VAL A CB  1 
ATOM   832  C CG1 . VAL A 1 146 ? -6.908  -4.744  6.742   1.00 29.01 ? 134 VAL A CG1 1 
ATOM   833  C CG2 . VAL A 1 146 ? -7.362  -7.176  7.151   1.00 30.69 ? 134 VAL A CG2 1 
ATOM   834  N N   . ALA A 1 147 ? -6.145  -3.898  10.264  1.00 27.80 ? 135 ALA A N   1 
ATOM   835  C CA  . ALA A 1 147 ? -5.733  -2.603  10.870  1.00 28.93 ? 135 ALA A CA  1 
ATOM   836  C C   . ALA A 1 147 ? -4.316  -2.726  11.427  1.00 30.39 ? 135 ALA A C   1 
ATOM   837  O O   . ALA A 1 147 ? -3.521  -1.807  11.247  1.00 27.92 ? 135 ALA A O   1 
ATOM   838  C CB  . ALA A 1 147 ? -6.709  -2.120  11.921  1.00 29.31 ? 135 ALA A CB  1 
ATOM   839  N N   . GLU A 1 148 ? -3.960  -3.832  12.073  1.00 28.00 ? 136 GLU A N   1 
ATOM   840  C CA  . GLU A 1 148 ? -2.640  -3.942  12.717  1.00 28.16 ? 136 GLU A CA  1 
ATOM   841  C C   . GLU A 1 148 ? -1.574  -4.156  11.650  1.00 23.59 ? 136 GLU A C   1 
ATOM   842  O O   . GLU A 1 148 ? -0.487  -3.627  11.821  1.00 24.20 ? 136 GLU A O   1 
ATOM   843  C CB  . GLU A 1 148 ? -2.647  -5.014  13.810  1.00 34.96 ? 136 GLU A CB  1 
ATOM   844  C CG  . GLU A 1 148 ? -3.420  -4.551  15.043  1.00 41.51 ? 136 GLU A CG  1 
ATOM   845  C CD  . GLU A 1 148 ? -3.410  -5.580  16.167  1.00 53.41 ? 136 GLU A CD  1 
ATOM   846  O OE1 . GLU A 1 148 ? -3.248  -6.792  15.841  1.00 42.21 ? 136 GLU A OE1 1 
ATOM   847  O OE2 . GLU A 1 148 ? -3.560  -5.176  17.356  1.00 52.95 ? 136 GLU A OE2 1 
ATOM   848  N N   . LEU A 1 149 ? -1.896  -4.860  10.572  1.00 25.31 ? 137 LEU A N   1 
ATOM   849  C CA  . LEU A 1 149 ? -0.940  -5.081  9.451   1.00 26.32 ? 137 LEU A CA  1 
ATOM   850  C C   . LEU A 1 149 ? -0.623  -3.722  8.804   1.00 21.31 ? 137 LEU A C   1 
ATOM   851  O O   . LEU A 1 149 ? 0.548   -3.376  8.638   1.00 21.99 ? 137 LEU A O   1 
ATOM   852  C CB  . LEU A 1 149 ? -1.589  -6.038  8.447   1.00 26.26 ? 137 LEU A CB  1 
ATOM   853  C CG  . LEU A 1 149 ? -0.768  -6.273  7.184   1.00 27.83 ? 137 LEU A CG  1 
ATOM   854  C CD1 . LEU A 1 149 ? 0.586   -6.871  7.514   1.00 30.57 ? 137 LEU A CD1 1 
ATOM   855  C CD2 . LEU A 1 149 ? -1.531  -7.150  6.204   1.00 32.60 ? 137 LEU A CD2 1 
ATOM   856  N N   . TRP A 1 150 ? -1.665  -2.974  8.500   1.00 23.14 ? 138 TRP A N   1 
ATOM   857  C CA  . TRP A 1 150 ? -1.534  -1.661  7.832   1.00 23.63 ? 138 TRP A CA  1 
ATOM   858  C C   . TRP A 1 150 ? -0.746  -0.728  8.746   1.00 22.32 ? 138 TRP A C   1 
ATOM   859  O O   . TRP A 1 150 ? 0.254   -0.152  8.327   1.00 19.71 ? 138 TRP A O   1 
ATOM   860  C CB  . TRP A 1 150 ? -2.892  -1.083  7.419   1.00 24.60 ? 138 TRP A CB  1 
ATOM   861  C CG  . TRP A 1 150 ? -2.634  0.092   6.537   1.00 23.20 ? 138 TRP A CG  1 
ATOM   862  C CD1 . TRP A 1 150 ? -2.701  1.414   6.876   1.00 22.83 ? 138 TRP A CD1 1 
ATOM   863  C CD2 . TRP A 1 150 ? -2.086  0.043   5.211   1.00 23.54 ? 138 TRP A CD2 1 
ATOM   864  N NE1 . TRP A 1 150 ? -2.351  2.193   5.804   1.00 23.24 ? 138 TRP A NE1 1 
ATOM   865  C CE2 . TRP A 1 150 ? -1.943  1.382   4.777   1.00 24.55 ? 138 TRP A CE2 1 
ATOM   866  C CE3 . TRP A 1 150 ? -1.788  -0.991  4.322   1.00 23.88 ? 138 TRP A CE3 1 
ATOM   867  C CZ2 . TRP A 1 150 ? -1.436  1.695   3.517   1.00 23.77 ? 138 TRP A CZ2 1 
ATOM   868  C CZ3 . TRP A 1 150 ? -1.343  -0.679  3.059   1.00 23.45 ? 138 TRP A CZ3 1 
ATOM   869  C CH2 . TRP A 1 150 ? -1.170  0.643   2.672   1.00 22.61 ? 138 TRP A CH2 1 
ATOM   870  N N   . SER A 1 151 ? -1.112  -0.673  10.021  1.00 23.09 ? 139 SER A N   1 
ATOM   871  C CA  . SER A 1 151 ? -0.441  0.197   11.014  1.00 23.35 ? 139 SER A CA  1 
ATOM   872  C C   . SER A 1 151 ? 1.042   -0.157  11.137  1.00 20.99 ? 139 SER A C   1 
ATOM   873  O O   . SER A 1 151 ? 1.889   0.751   11.217  1.00 20.57 ? 139 SER A O   1 
ATOM   874  C CB  . SER A 1 151 ? -1.169  0.123   12.345  1.00 23.57 ? 139 SER A CB  1 
ATOM   875  O OG  . SER A 1 151 ? -0.359  0.707   13.330  1.00 30.76 ? 139 SER A OG  1 
ATOM   876  N N   . THR A 1 152 ? 1.402   -1.439  11.188  1.00 21.89 ? 140 THR A N   1 
ATOM   877  C CA  . THR A 1 152 ? 2.811   -1.886  11.365  1.00 21.55 ? 140 THR A CA  1 
ATOM   878  C C   . THR A 1 152 ? 3.673   -1.410  10.188  1.00 21.07 ? 140 THR A C   1 
ATOM   879  O O   . THR A 1 152 ? 4.784   -0.856  10.404  1.00 19.65 ? 140 THR A O   1 
ATOM   880  C CB  . THR A 1 152 ? 2.857   -3.425  11.445  1.00 27.79 ? 140 THR A CB  1 
ATOM   881  O OG1 . THR A 1 152 ? 2.130   -3.782  12.616  1.00 31.13 ? 140 THR A OG1 1 
ATOM   882  C CG2 . THR A 1 152 ? 4.240   -4.016  11.494  1.00 30.68 ? 140 THR A CG2 1 
ATOM   883  N N   . PHE A 1 153 ? 3.206   -1.619  8.956   1.00 21.44 ? 141 PHE A N   1 
ATOM   884  C CA  . PHE A 1 153 ? 3.999   -1.207  7.765   1.00 20.53 ? 141 PHE A CA  1 
ATOM   885  C C   . PHE A 1 153 ? 4.029   0.315   7.650   1.00 19.27 ? 141 PHE A C   1 
ATOM   886  O O   . PHE A 1 153 ? 5.096   0.833   7.254   1.00 18.77 ? 141 PHE A O   1 
ATOM   887  C CB  . PHE A 1 153 ? 3.519   -1.924  6.507   1.00 22.74 ? 141 PHE A CB  1 
ATOM   888  C CG  . PHE A 1 153 ? 4.138   -3.299  6.427   1.00 24.17 ? 141 PHE A CG  1 
ATOM   889  C CD1 . PHE A 1 153 ? 5.382   -3.485  5.830   1.00 25.39 ? 141 PHE A CD1 1 
ATOM   890  C CD2 . PHE A 1 153 ? 3.534   -4.378  7.077   1.00 27.50 ? 141 PHE A CD2 1 
ATOM   891  C CE1 . PHE A 1 153 ? 5.937   -4.764  5.768   1.00 27.15 ? 141 PHE A CE1 1 
ATOM   892  C CE2 . PHE A 1 153 ? 4.126   -5.641  7.066   1.00 27.38 ? 141 PHE A CE2 1 
ATOM   893  C CZ  . PHE A 1 153 ? 5.308   -5.830  6.388   1.00 25.99 ? 141 PHE A CZ  1 
ATOM   894  N N   . MET A 1 154 ? 2.927   1.005   7.957   1.00 19.89 ? 142 MET A N   1 
ATOM   895  C CA  . MET A 1 154 ? 2.942   2.502   7.888   1.00 18.03 ? 142 MET A CA  1 
ATOM   896  C C   . MET A 1 154 ? 4.040   3.034   8.830   1.00 18.14 ? 142 MET A C   1 
ATOM   897  O O   . MET A 1 154 ? 4.831   3.949   8.449   1.00 17.79 ? 142 MET A O   1 
ATOM   898  C CB  . MET A 1 154 ? 1.573   3.082   8.217   1.00 17.22 ? 142 MET A CB  1 
ATOM   899  C CG  . MET A 1 154 ? 0.559   2.913   7.086   1.00 17.72 ? 142 MET A CG  1 
ATOM   900  S SD  . MET A 1 154 ? 1.006   3.800   5.557   1.00 22.12 ? 142 MET A SD  1 
ATOM   901  C CE  . MET A 1 154 ? 0.754   5.521   6.037   1.00 21.28 ? 142 MET A CE  1 
ATOM   902  N N   . GLN A 1 155 ? 4.132   2.475   10.036  1.00 20.93 ? 143 GLN A N   1 
ATOM   903  C CA  . GLN A 1 155 ? 5.179   2.907   10.996  1.00 20.96 ? 143 GLN A CA  1 
ATOM   904  C C   . GLN A 1 155 ? 6.565   2.674   10.398  1.00 18.61 ? 143 GLN A C   1 
ATOM   905  O O   . GLN A 1 155 ? 7.405   3.539   10.510  1.00 16.67 ? 143 GLN A O   1 
ATOM   906  C CB  . GLN A 1 155 ? 5.043   2.177   12.325  1.00 24.20 ? 143 GLN A CB  1 
ATOM   907  C CG  . GLN A 1 155 ? 3.755   2.541   13.045  1.00 27.88 ? 143 GLN A CG  1 
ATOM   908  C CD  . GLN A 1 155 ? 3.641   1.741   14.329  1.00 34.10 ? 143 GLN A CD  1 
ATOM   909  O OE1 . GLN A 1 155 ? 4.595   1.633   15.074  1.00 39.14 ? 143 GLN A OE1 1 
ATOM   910  N NE2 . GLN A 1 155 ? 2.487   1.126   14.570  1.00 41.93 ? 143 GLN A NE2 1 
ATOM   911  N N   . LYS A 1 156 ? 6.791   1.529   9.791   1.00 18.26 ? 144 LYS A N   1 
ATOM   912  C CA  . LYS A 1 156 ? 8.086   1.220   9.169   1.00 21.71 ? 144 LYS A CA  1 
ATOM   913  C C   . LYS A 1 156 ? 8.381   2.196   8.025   1.00 19.06 ? 144 LYS A C   1 
ATOM   914  O O   . LYS A 1 156 ? 9.514   2.642   7.900   1.00 18.21 ? 144 LYS A O   1 
ATOM   915  C CB  . LYS A 1 156 ? 8.026   -0.234  8.704   1.00 25.09 ? 144 LYS A CB  1 
ATOM   916  C CG  . LYS A 1 156 ? 9.297   -0.706  8.056   1.00 30.31 ? 144 LYS A CG  1 
ATOM   917  C CD  . LYS A 1 156 ? 9.354   -2.214  7.801   1.00 36.48 ? 144 LYS A CD  1 
ATOM   918  C CE  . LYS A 1 156 ? 10.715  -2.578  7.215   1.00 37.09 ? 144 LYS A CE  1 
ATOM   919  N NZ  . LYS A 1 156 ? 10.719  -3.972  6.724   1.00 39.94 ? 144 LYS A NZ  1 
ATOM   920  N N   . TRP A 1 157 ? 7.409   2.464   7.153   1.00 18.49 ? 145 TRP A N   1 
ATOM   921  C CA  . TRP A 1 157 ? 7.666   3.333   5.964   1.00 18.70 ? 145 TRP A CA  1 
ATOM   922  C C   . TRP A 1 157 ? 7.900   4.789   6.392   1.00 17.45 ? 145 TRP A C   1 
ATOM   923  O O   . TRP A 1 157 ? 8.800   5.467   5.824   1.00 18.81 ? 145 TRP A O   1 
ATOM   924  C CB  . TRP A 1 157 ? 6.486   3.190   5.001   1.00 19.42 ? 145 TRP A CB  1 
ATOM   925  C CG  . TRP A 1 157 ? 6.383   1.797   4.473   1.00 20.02 ? 145 TRP A CG  1 
ATOM   926  C CD1 . TRP A 1 157 ? 7.439   0.955   4.226   1.00 21.21 ? 145 TRP A CD1 1 
ATOM   927  C CD2 . TRP A 1 157 ? 5.204   1.095   4.049   1.00 19.26 ? 145 TRP A CD2 1 
ATOM   928  N NE1 . TRP A 1 157 ? 6.986   -0.224  3.700   1.00 21.08 ? 145 TRP A NE1 1 
ATOM   929  C CE2 . TRP A 1 157 ? 5.633   -0.175  3.578   1.00 20.90 ? 145 TRP A CE2 1 
ATOM   930  C CE3 . TRP A 1 157 ? 3.842   1.387   4.000   1.00 18.11 ? 145 TRP A CE3 1 
ATOM   931  C CZ2 . TRP A 1 157 ? 4.750   -1.117  3.047   1.00 19.76 ? 145 TRP A CZ2 1 
ATOM   932  C CZ3 . TRP A 1 157 ? 2.972   0.444   3.515   1.00 21.57 ? 145 TRP A CZ3 1 
ATOM   933  C CH2 . TRP A 1 157 ? 3.418   -0.786  3.029   1.00 19.28 ? 145 TRP A CH2 1 
ATOM   934  N N   . ILE A 1 158 ? 7.165   5.240   7.417   1.00 19.31 ? 146 ILE A N   1 
ATOM   935  C CA  . ILE A 1 158 ? 7.358   6.589   8.030   1.00 18.56 ? 146 ILE A CA  1 
ATOM   936  C C   . ILE A 1 158 ? 8.772   6.661   8.665   1.00 18.64 ? 146 ILE A C   1 
ATOM   937  O O   . ILE A 1 158 ? 9.480   7.617   8.400   1.00 17.02 ? 146 ILE A O   1 
ATOM   938  C CB  . ILE A 1 158 ? 6.220   6.854   9.035   1.00 17.44 ? 146 ILE A CB  1 
ATOM   939  C CG1 . ILE A 1 158 ? 4.918   7.144   8.274   1.00 17.18 ? 146 ILE A CG1 1 
ATOM   940  C CG2 . ILE A 1 158 ? 6.604   7.978   9.987   1.00 18.96 ? 146 ILE A CG2 1 
ATOM   941  C CD1 . ILE A 1 158 ? 3.680   7.090   9.146   1.00 18.77 ? 146 ILE A CD1 1 
ATOM   942  N N   . ALA A 1 159 ? 9.185   5.644   9.424   1.00 20.04 ? 147 ALA A N   1 
ATOM   943  C CA  . ALA A 1 159 ? 10.512  5.641   10.106  1.00 21.43 ? 147 ALA A CA  1 
ATOM   944  C C   . ALA A 1 159 ? 11.578  5.709   9.017   1.00 21.08 ? 147 ALA A C   1 
ATOM   945  O O   . ALA A 1 159 ? 12.499  6.530   9.134   1.00 19.36 ? 147 ALA A O   1 
ATOM   946  C CB  . ALA A 1 159 ? 10.688  4.437   11.027  1.00 21.24 ? 147 ALA A CB  1 
ATOM   947  N N   . TYR A 1 160 ? 11.425  4.950   7.924   1.00 21.96 ? 148 TYR A N   1 
ATOM   948  C CA  . TYR A 1 160 ? 12.430  4.996   6.825   1.00 22.29 ? 148 TYR A CA  1 
ATOM   949  C C   . TYR A 1 160 ? 12.419  6.367   6.118   1.00 21.86 ? 148 TYR A C   1 
ATOM   950  O O   . TYR A 1 160 ? 13.474  6.961   5.892   1.00 19.33 ? 148 TYR A O   1 
ATOM   951  C CB  . TYR A 1 160 ? 12.274  3.806   5.877   1.00 24.67 ? 148 TYR A CB  1 
ATOM   952  C CG  . TYR A 1 160 ? 13.355  3.821   4.844   1.00 26.74 ? 148 TYR A CG  1 
ATOM   953  C CD1 . TYR A 1 160 ? 14.686  3.842   5.220   1.00 32.69 ? 148 TYR A CD1 1 
ATOM   954  C CD2 . TYR A 1 160 ? 13.067  3.884   3.498   1.00 31.12 ? 148 TYR A CD2 1 
ATOM   955  C CE1 . TYR A 1 160 ? 15.708  3.881   4.289   1.00 33.81 ? 148 TYR A CE1 1 
ATOM   956  C CE2 . TYR A 1 160 ? 14.084  3.936   2.557   1.00 33.45 ? 148 TYR A CE2 1 
ATOM   957  C CZ  . TYR A 1 160 ? 15.401  3.971   2.954   1.00 34.55 ? 148 TYR A CZ  1 
ATOM   958  O OH  . TYR A 1 160 ? 16.424  4.028   2.050   1.00 49.81 ? 148 TYR A OH  1 
ATOM   959  N N   . THR A 1 161 ? 11.246  6.930   5.838   1.00 19.70 ? 149 THR A N   1 
ATOM   960  C CA  . THR A 1 161 ? 11.131  8.299   5.304   1.00 18.69 ? 149 THR A CA  1 
ATOM   961  C C   . THR A 1 161 ? 11.891  9.277   6.202   1.00 19.48 ? 149 THR A C   1 
ATOM   962  O O   . THR A 1 161 ? 12.682  10.074  5.683   1.00 18.90 ? 149 THR A O   1 
ATOM   963  C CB  . THR A 1 161 ? 9.659   8.743   5.169   1.00 17.34 ? 149 THR A CB  1 
ATOM   964  O OG1 . THR A 1 161 ? 8.948   7.788   4.373   1.00 17.62 ? 149 THR A OG1 1 
ATOM   965  C CG2 . THR A 1 161 ? 9.566   10.112  4.538   1.00 16.74 ? 149 THR A CG2 1 
ATOM   966  N N   . ALA A 1 162 ? 11.651  9.244   7.510   1.00 21.03 ? 150 ALA A N   1 
ATOM   967  C CA  . ALA A 1 162 ? 12.289  10.206  8.448   1.00 20.24 ? 150 ALA A CA  1 
ATOM   968  C C   . ALA A 1 162 ? 13.815  9.983   8.438   1.00 19.86 ? 150 ALA A C   1 
ATOM   969  O O   . ALA A 1 162 ? 14.549  10.971  8.516   1.00 19.01 ? 150 ALA A O   1 
ATOM   970  C CB  . ALA A 1 162 ? 11.715  10.067  9.843   1.00 19.66 ? 150 ALA A CB  1 
ATOM   971  N N   . ALA A 1 163 ? 14.273  8.733   8.470   1.00 22.60 ? 151 ALA A N   1 
ATOM   972  C CA  . ALA A 1 163 ? 15.730  8.429   8.441   1.00 24.83 ? 151 ALA A CA  1 
ATOM   973  C C   . ALA A 1 163 ? 16.349  9.065   7.202   1.00 25.10 ? 151 ALA A C   1 
ATOM   974  O O   . ALA A 1 163 ? 17.449  9.642   7.293   1.00 23.61 ? 151 ALA A O   1 
ATOM   975  C CB  . ALA A 1 163 ? 16.000  6.937   8.483   1.00 26.40 ? 151 ALA A CB  1 
ATOM   976  N N   . VAL A 1 164 ? 15.686  8.998   6.038   1.00 24.06 ? 152 VAL A N   1 
ATOM   977  C CA  . VAL A 1 164 ? 16.308  9.559   4.811   1.00 23.83 ? 152 VAL A CA  1 
ATOM   978  C C   . VAL A 1 164 ? 16.249  11.091  4.904   1.00 24.39 ? 152 VAL A C   1 
ATOM   979  O O   . VAL A 1 164 ? 17.222  11.728  4.578   1.00 23.90 ? 152 VAL A O   1 
ATOM   980  C CB  . VAL A 1 164 ? 15.683  8.970   3.526   1.00 26.18 ? 152 VAL A CB  1 
ATOM   981  C CG1 . VAL A 1 164 ? 16.247  9.631   2.285   1.00 24.08 ? 152 VAL A CG1 1 
ATOM   982  C CG2 . VAL A 1 164 ? 15.876  7.452   3.482   1.00 27.21 ? 152 VAL A CG2 1 
ATOM   983  N N   . ILE A 1 165 ? 15.150  11.696  5.366   1.00 22.43 ? 153 ILE A N   1 
ATOM   984  C CA  . ILE A 1 165 ? 15.100  13.174  5.548   1.00 21.56 ? 153 ILE A CA  1 
ATOM   985  C C   . ILE A 1 165 ? 16.250  13.598  6.491   1.00 22.80 ? 153 ILE A C   1 
ATOM   986  O O   . ILE A 1 165 ? 16.872  14.602  6.202   1.00 25.27 ? 153 ILE A O   1 
ATOM   987  C CB  . ILE A 1 165 ? 13.715  13.619  6.074   1.00 21.72 ? 153 ILE A CB  1 
ATOM   988  C CG1 . ILE A 1 165 ? 12.617  13.385  5.016   1.00 21.06 ? 153 ILE A CG1 1 
ATOM   989  C CG2 . ILE A 1 165 ? 13.729  15.058  6.560   1.00 21.29 ? 153 ILE A CG2 1 
ATOM   990  C CD1 . ILE A 1 165 ? 11.219  13.523  5.559   1.00 22.22 ? 153 ILE A CD1 1 
ATOM   991  N N   . ASP A 1 166 ? 16.418  12.933  7.632   1.00 24.27 ? 154 ASP A N   1 
ATOM   992  C CA  . ASP A 1 166 ? 17.511  13.242  8.601   1.00 28.61 ? 154 ASP A CA  1 
ATOM   993  C C   . ASP A 1 166 ? 18.882  13.101  7.914   1.00 29.56 ? 154 ASP A C   1 
ATOM   994  O O   . ASP A 1 166 ? 19.717  13.997  8.099   1.00 31.07 ? 154 ASP A O   1 
ATOM   995  C CB  . ASP A 1 166 ? 17.428  12.367  9.850   1.00 29.25 ? 154 ASP A CB  1 
ATOM   996  C CG  . ASP A 1 166 ? 16.413  12.872  10.857  1.00 32.65 ? 154 ASP A CG  1 
ATOM   997  O OD1 . ASP A 1 166 ? 16.093  14.063  10.832  1.00 36.04 ? 154 ASP A OD1 1 
ATOM   998  O OD2 . ASP A 1 166 ? 15.894  12.051  11.608  1.00 42.75 ? 154 ASP A OD2 1 
ATOM   999  N N   . ALA A 1 167 ? 19.109  12.070  7.113   1.00 29.73 ? 155 ALA A N   1 
ATOM   1000 C CA  . ALA A 1 167 ? 20.389  11.928  6.360   1.00 31.49 ? 155 ALA A CA  1 
ATOM   1001 C C   . ALA A 1 167 ? 20.577  13.129  5.417   1.00 32.39 ? 155 ALA A C   1 
ATOM   1002 O O   . ALA A 1 167 ? 21.686  13.660  5.327   1.00 34.05 ? 155 ALA A O   1 
ATOM   1003 C CB  . ALA A 1 167 ? 20.416  10.609  5.628   1.00 31.20 ? 155 ALA A CB  1 
ATOM   1004 N N   . GLU A 1 168 ? 19.528  13.594  4.742   1.00 28.60 ? 156 GLU A N   1 
ATOM   1005 C CA  . GLU A 1 168 ? 19.605  14.781  3.855   1.00 27.98 ? 156 GLU A CA  1 
ATOM   1006 C C   . GLU A 1 168 ? 19.914  16.024  4.685   1.00 32.58 ? 156 GLU A C   1 
ATOM   1007 O O   . GLU A 1 168 ? 20.620  16.963  4.176   1.00 33.62 ? 156 GLU A O   1 
ATOM   1008 C CB  . GLU A 1 168 ? 18.307  14.976  3.059   1.00 27.79 ? 156 GLU A CB  1 
ATOM   1009 C CG  . GLU A 1 168 ? 18.069  13.871  2.048   1.00 28.13 ? 156 GLU A CG  1 
ATOM   1010 C CD  . GLU A 1 168 ? 18.996  13.987  0.854   1.00 29.48 ? 156 GLU A CD  1 
ATOM   1011 O OE1 . GLU A 1 168 ? 18.686  14.770  -0.068  1.00 29.68 ? 156 GLU A OE1 1 
ATOM   1012 O OE2 . GLU A 1 168 ? 20.088  13.462  0.942   1.00 29.53 ? 156 GLU A OE2 1 
ATOM   1013 N N   . ARG A 1 169 ? 19.369  16.090  5.899   1.00 29.83 ? 157 ARG A N   1 
ATOM   1014 C CA  . ARG A 1 169 ? 19.656  17.224  6.801   1.00 28.57 ? 157 ARG A CA  1 
ATOM   1015 C C   . ARG A 1 169 ? 21.136  17.138  7.244   1.00 28.36 ? 157 ARG A C   1 
ATOM   1016 O O   . ARG A 1 169 ? 21.786  18.144  7.225   1.00 29.82 ? 157 ARG A O   1 
ATOM   1017 C CB  . ARG A 1 169 ? 18.662  17.229  7.961   1.00 27.84 ? 157 ARG A CB  1 
ATOM   1018 C CG  . ARG A 1 169 ? 17.237  17.562  7.520   1.00 26.33 ? 157 ARG A CG  1 
ATOM   1019 C CD  . ARG A 1 169 ? 16.254  17.452  8.665   1.00 24.06 ? 157 ARG A CD  1 
ATOM   1020 N NE  . ARG A 1 169 ? 14.966  17.937  8.210   1.00 25.62 ? 157 ARG A NE  1 
ATOM   1021 C CZ  . ARG A 1 169 ? 13.919  18.184  9.008   1.00 24.80 ? 157 ARG A CZ  1 
ATOM   1022 N NH1 . ARG A 1 169 ? 12.814  18.686  8.492   1.00 23.28 ? 157 ARG A NH1 1 
ATOM   1023 N NH2 . ARG A 1 169 ? 13.995  17.956  10.308  1.00 21.82 ? 157 ARG A NH2 1 
ATOM   1024 N N   . ASP A 1 170 ? 21.605  15.980  7.666   1.00 31.08 ? 158 ASP A N   1 
ATOM   1025 C CA  . ASP A 1 170 ? 22.992  15.767  8.161   1.00 35.98 ? 158 ASP A CA  1 
ATOM   1026 C C   . ASP A 1 170 ? 23.998  16.204  7.097   1.00 39.19 ? 158 ASP A C   1 
ATOM   1027 O O   . ASP A 1 170 ? 24.943  16.888  7.469   1.00 45.82 ? 158 ASP A O   1 
ATOM   1028 C CB  . ASP A 1 170 ? 23.210  14.311  8.547   1.00 36.21 ? 158 ASP A CB  1 
ATOM   1029 C CG  . ASP A 1 170 ? 22.497  13.992  9.846   1.00 40.55 ? 158 ASP A CG  1 
ATOM   1030 O OD1 . ASP A 1 170 ? 22.035  14.952  10.506  1.00 46.84 ? 158 ASP A OD1 1 
ATOM   1031 O OD2 . ASP A 1 170 ? 22.346  12.801  10.146  1.00 45.90 ? 158 ASP A OD2 1 
ATOM   1032 N N   . ARG A 1 171 ? 23.766  15.859  5.836   1.00 37.58 ? 159 ARG A N   1 
ATOM   1033 C CA  . ARG A 1 171 ? 24.711  16.124  4.717   1.00 39.95 ? 159 ARG A CA  1 
ATOM   1034 C C   . ARG A 1 171 ? 24.535  17.559  4.222   1.00 36.70 ? 159 ARG A C   1 
ATOM   1035 O O   . ARG A 1 171 ? 25.292  17.962  3.360   1.00 38.51 ? 159 ARG A O   1 
ATOM   1036 C CB  . ARG A 1 171 ? 24.570  15.044  3.634   1.00 39.73 ? 159 ARG A CB  1 
ATOM   1037 C CG  . ARG A 1 171 ? 23.540  15.286  2.546   1.00 44.77 ? 159 ARG A CG  1 
ATOM   1038 C CD  . ARG A 1 171 ? 23.650  14.298  1.380   1.00 49.07 ? 159 ARG A CD  1 
ATOM   1039 N NE  . ARG A 1 171 ? 22.502  14.417  0.465   1.00 54.88 ? 159 ARG A NE  1 
ATOM   1040 C CZ  . ARG A 1 171 ? 22.417  15.228  -0.589  1.00 52.96 ? 159 ARG A CZ  1 
ATOM   1041 N NH1 . ARG A 1 171 ? 23.423  16.018  -0.907  1.00 58.83 ? 159 ARG A NH1 1 
ATOM   1042 N NH2 . ARG A 1 171 ? 21.319  15.259  -1.329  1.00 54.36 ? 159 ARG A NH2 1 
ATOM   1043 N N   . GLY A 1 172 ? 23.576  18.309  4.757   1.00 34.94 ? 160 GLY A N   1 
ATOM   1044 C CA  . GLY A 1 172 ? 23.369  19.737  4.453   1.00 31.35 ? 160 GLY A CA  1 
ATOM   1045 C C   . GLY A 1 172 ? 22.496  19.995  3.241   1.00 33.23 ? 160 GLY A C   1 
ATOM   1046 O O   . GLY A 1 172 ? 22.408  21.151  2.879   1.00 33.44 ? 160 GLY A O   1 
ATOM   1047 N N   . ALA A 1 173 ? 21.845  18.985  2.627   1.00 33.13 ? 161 ALA A N   1 
ATOM   1048 C CA  . ALA A 1 173 ? 21.005  19.177  1.418   1.00 31.20 ? 161 ALA A CA  1 
ATOM   1049 C C   . ALA A 1 173 ? 19.584  19.618  1.798   1.00 32.18 ? 161 ALA A C   1 
ATOM   1050 O O   . ALA A 1 173 ? 18.998  20.307  1.013   1.00 34.34 ? 161 ALA A O   1 
ATOM   1051 C CB  . ALA A 1 173 ? 20.979  17.920  0.609   1.00 33.25 ? 161 ALA A CB  1 
ATOM   1052 N N   . ALA A 1 174 ? 19.095  19.309  3.004   1.00 29.01 ? 162 ALA A N   1 
ATOM   1053 C CA  . ALA A 1 174 ? 17.726  19.678  3.466   1.00 29.30 ? 162 ALA A CA  1 
ATOM   1054 C C   . ALA A 1 174 ? 17.798  20.546  4.723   1.00 26.42 ? 162 ALA A C   1 
ATOM   1055 O O   . ALA A 1 174 ? 18.611  20.303  5.593   1.00 26.33 ? 162 ALA A O   1 
ATOM   1056 C CB  . ALA A 1 174 ? 16.955  18.418  3.711   1.00 28.44 ? 162 ALA A CB  1 
ATOM   1057 N N   . PRO A 1 175 ? 16.964  21.588  4.857   1.00 26.38 ? 163 PRO A N   1 
ATOM   1058 C CA  . PRO A 1 175 ? 17.004  22.455  6.039   1.00 27.99 ? 163 PRO A CA  1 
ATOM   1059 C C   . PRO A 1 175 ? 16.302  21.824  7.247   1.00 32.40 ? 163 PRO A C   1 
ATOM   1060 O O   . PRO A 1 175 ? 15.436  20.986  7.075   1.00 26.74 ? 163 PRO A O   1 
ATOM   1061 C CB  . PRO A 1 175 ? 16.316  23.718  5.508   1.00 27.69 ? 163 PRO A CB  1 
ATOM   1062 C CG  . PRO A 1 175 ? 15.247  23.159  4.560   1.00 27.97 ? 163 PRO A CG  1 
ATOM   1063 C CD  . PRO A 1 175 ? 15.957  22.008  3.860   1.00 26.11 ? 163 PRO A CD  1 
ATOM   1064 N N   . ARG A 1 176 ? 16.708  22.208  8.455   1.00 28.99 ? 164 ARG A N   1 
ATOM   1065 C CA  . ARG A 1 176 ? 16.093  21.691  9.702   1.00 32.55 ? 164 ARG A CA  1 
ATOM   1066 C C   . ARG A 1 176 ? 14.830  22.505  9.967   1.00 33.20 ? 164 ARG A C   1 
ATOM   1067 O O   . ARG A 1 176 ? 14.924  23.540  10.654  1.00 30.60 ? 164 ARG A O   1 
ATOM   1068 C CB  . ARG A 1 176 ? 17.067  21.740  10.893  1.00 34.22 ? 164 ARG A CB  1 
ATOM   1069 C CG  . ARG A 1 176 ? 18.350  20.958  10.650  1.00 42.53 ? 164 ARG A CG  1 
ATOM   1070 C CD  . ARG A 1 176 ? 19.302  20.734  11.831  1.00 46.56 ? 164 ARG A CD  1 
ATOM   1071 N NE  . ARG A 1 176 ? 20.393  19.850  11.405  1.00 52.62 ? 164 ARG A NE  1 
ATOM   1072 C CZ  . ARG A 1 176 ? 20.332  18.510  11.286  1.00 49.76 ? 164 ARG A CZ  1 
ATOM   1073 N NH1 . ARG A 1 176 ? 21.383  17.833  10.856  1.00 49.44 ? 164 ARG A NH1 1 
ATOM   1074 N NH2 . ARG A 1 176 ? 19.234  17.839  11.591  1.00 48.50 ? 164 ARG A NH2 1 
ATOM   1075 N N   . THR A 1 177 ? 13.690  22.053  9.438   1.00 27.33 ? 165 THR A N   1 
ATOM   1076 C CA  . THR A 1 177 ? 12.391  22.757  9.537   1.00 25.90 ? 165 THR A CA  1 
ATOM   1077 C C   . THR A 1 177 ? 11.582  22.001  10.591  1.00 26.62 ? 165 THR A C   1 
ATOM   1078 O O   . THR A 1 177 ? 12.001  21.972  11.728  1.00 27.59 ? 165 THR A O   1 
ATOM   1079 C CB  . THR A 1 177 ? 11.753  22.942  8.149   1.00 24.98 ? 165 THR A CB  1 
ATOM   1080 O OG1 . THR A 1 177 ? 11.660  21.658  7.524   1.00 22.56 ? 165 THR A OG1 1 
ATOM   1081 C CG2 . THR A 1 177 ? 12.540  23.892  7.269   1.00 24.19 ? 165 THR A CG2 1 
ATOM   1082 N N   . LEU A 1 178 ? 10.527  21.322  10.179  1.00 25.71 ? 166 LEU A N   1 
ATOM   1083 C CA  . LEU A 1 178 ? 9.717   20.452  11.046  1.00 26.23 ? 166 LEU A CA  1 
ATOM   1084 C C   . LEU A 1 178 ? 10.575  19.301  11.552  1.00 23.39 ? 166 LEU A C   1 
ATOM   1085 O O   . LEU A 1 178 ? 11.470  18.854  10.836  1.00 23.55 ? 166 LEU A O   1 
ATOM   1086 C CB  . LEU A 1 178 ? 8.591   19.832  10.223  1.00 25.15 ? 166 LEU A CB  1 
ATOM   1087 C CG  . LEU A 1 178 ? 7.537   20.773  9.654   1.00 27.44 ? 166 LEU A CG  1 
ATOM   1088 C CD1 . LEU A 1 178 ? 6.474   19.949  8.975   1.00 24.53 ? 166 LEU A CD1 1 
ATOM   1089 C CD2 . LEU A 1 178 ? 6.919   21.682  10.724  1.00 25.80 ? 166 LEU A CD2 1 
ATOM   1090 N N   . PRO A 1 179 ? 10.216  18.738  12.719  1.00 21.85 ? 167 PRO A N   1 
ATOM   1091 C CA  . PRO A 1 179 ? 10.642  17.401  13.136  1.00 22.78 ? 167 PRO A CA  1 
ATOM   1092 C C   . PRO A 1 179 ? 10.403  16.372  12.015  1.00 23.56 ? 167 PRO A C   1 
ATOM   1093 O O   . PRO A 1 179 ? 9.232   16.254  11.517  1.00 20.62 ? 167 PRO A O   1 
ATOM   1094 C CB  . PRO A 1 179 ? 9.715   17.060  14.314  1.00 23.09 ? 167 PRO A CB  1 
ATOM   1095 C CG  . PRO A 1 179 ? 9.307   18.419  14.892  1.00 24.46 ? 167 PRO A CG  1 
ATOM   1096 C CD  . PRO A 1 179 ? 9.319   19.361  13.710  1.00 23.27 ? 167 PRO A CD  1 
ATOM   1097 N N   . ALA A 1 180 ? 11.467  15.646  11.652  1.00 20.17 ? 168 ALA A N   1 
ATOM   1098 C CA  . ALA A 1 180 ? 11.505  14.750  10.485  1.00 22.37 ? 168 ALA A CA  1 
ATOM   1099 C C   . ALA A 1 180 ? 10.360  13.750  10.576  1.00 22.15 ? 168 ALA A C   1 
ATOM   1100 O O   . ALA A 1 180 ? 9.727   13.449  9.508   1.00 20.75 ? 168 ALA A O   1 
ATOM   1101 C CB  . ALA A 1 180 ? 12.852  14.093  10.383  1.00 24.60 ? 168 ALA A CB  1 
ATOM   1102 N N   . HIS A 1 181 ? 10.108  13.207  11.764  1.00 18.59 ? 169 HIS A N   1 
ATOM   1103 C CA  . HIS A 1 181 ? 9.168   12.089  11.937  1.00 21.01 ? 169 HIS A CA  1 
ATOM   1104 C C   . HIS A 1 181 ? 7.729   12.591  11.730  1.00 20.60 ? 169 HIS A C   1 
ATOM   1105 O O   . HIS A 1 181 ? 6.908   11.855  11.170  1.00 17.35 ? 169 HIS A O   1 
ATOM   1106 C CB  . HIS A 1 181 ? 9.396   11.376  13.283  1.00 23.45 ? 169 HIS A CB  1 
ATOM   1107 C CG  . HIS A 1 181 ? 8.692   10.054  13.360  1.00 19.21 ? 169 HIS A CG  1 
ATOM   1108 N ND1 . HIS A 1 181 ? 7.396   9.925   13.816  1.00 20.98 ? 169 HIS A ND1 1 
ATOM   1109 C CD2 . HIS A 1 181 ? 9.076   8.831   12.933  1.00 18.59 ? 169 HIS A CD2 1 
ATOM   1110 C CE1 . HIS A 1 181 ? 7.032   8.637   13.773  1.00 22.27 ? 169 HIS A CE1 1 
ATOM   1111 N NE2 . HIS A 1 181 ? 8.062   7.933   13.239  1.00 21.22 ? 169 HIS A NE2 1 
ATOM   1112 N N   . GLU A 1 182 ? 7.455   13.834  12.133  1.00 20.68 ? 170 GLU A N   1 
ATOM   1113 C CA  . GLU A 1 182 ? 6.114   14.451  11.993  1.00 20.19 ? 170 GLU A CA  1 
ATOM   1114 C C   . GLU A 1 182 ? 5.898   14.766  10.497  1.00 18.38 ? 170 GLU A C   1 
ATOM   1115 O O   . GLU A 1 182 ? 4.813   14.439  9.990   1.00 17.10 ? 170 GLU A O   1 
ATOM   1116 C CB  . GLU A 1 182 ? 5.995   15.656  12.928  1.00 21.09 ? 170 GLU A CB  1 
ATOM   1117 C CG  . GLU A 1 182 ? 6.091   15.244  14.409  1.00 22.89 ? 170 GLU A CG  1 
ATOM   1118 C CD  . GLU A 1 182 ? 6.177   16.383  15.418  1.00 27.14 ? 170 GLU A CD  1 
ATOM   1119 O OE1 . GLU A 1 182 ? 6.053   17.571  14.976  1.00 23.85 ? 170 GLU A OE1 1 
ATOM   1120 O OE2 . GLU A 1 182 ? 6.385   16.082  16.657  1.00 27.92 ? 170 GLU A OE2 1 
ATOM   1121 N N   . LEU A 1 183 ? 6.885   15.352  9.824   1.00 17.03 ? 171 LEU A N   1 
ATOM   1122 C CA  . LEU A 1 183 ? 6.826   15.648  8.361   1.00 17.62 ? 171 LEU A CA  1 
ATOM   1123 C C   . LEU A 1 183 ? 6.606   14.332  7.596   1.00 16.90 ? 171 LEU A C   1 
ATOM   1124 O O   . LEU A 1 183 ? 5.626   14.261  6.822   1.00 16.39 ? 171 LEU A O   1 
ATOM   1125 C CB  . LEU A 1 183 ? 8.106   16.345  7.928   1.00 18.07 ? 171 LEU A CB  1 
ATOM   1126 C CG  . LEU A 1 183 ? 8.306   16.536  6.420   1.00 18.68 ? 171 LEU A CG  1 
ATOM   1127 C CD1 . LEU A 1 183 ? 7.107   17.257  5.796   1.00 18.36 ? 171 LEU A CD1 1 
ATOM   1128 C CD2 . LEU A 1 183 ? 9.607   17.304  6.188   1.00 20.34 ? 171 LEU A CD2 1 
ATOM   1129 N N   . ALA A 1 184 ? 7.387   13.302  7.912   1.00 15.64 ? 172 ALA A N   1 
ATOM   1130 C CA  . ALA A 1 184 ? 7.241   11.950  7.312   1.00 16.70 ? 172 ALA A CA  1 
ATOM   1131 C C   . ALA A 1 184 ? 5.836   11.392  7.513   1.00 17.20 ? 172 ALA A C   1 
ATOM   1132 O O   . ALA A 1 184 ? 5.282   10.811  6.559   1.00 15.19 ? 172 ALA A O   1 
ATOM   1133 C CB  . ALA A 1 184 ? 8.276   11.026  7.869   1.00 18.39 ? 172 ALA A CB  1 
ATOM   1134 N N   . THR A 1 185 ? 5.278   11.499  8.729   1.00 16.07 ? 173 THR A N   1 
ATOM   1135 C CA  . THR A 1 185 ? 3.956   10.946  9.030   1.00 17.02 ? 173 THR A CA  1 
ATOM   1136 C C   . THR A 1 185 ? 2.946   11.599  8.066   1.00 16.29 ? 173 THR A C   1 
ATOM   1137 O O   . THR A 1 185 ? 2.137   10.862  7.474   1.00 14.72 ? 173 THR A O   1 
ATOM   1138 C CB  . THR A 1 185 ? 3.603   11.097  10.520  1.00 18.18 ? 173 THR A CB  1 
ATOM   1139 O OG1 . THR A 1 185 ? 4.581   10.410  11.305  1.00 17.62 ? 173 THR A OG1 1 
ATOM   1140 C CG2 . THR A 1 185 ? 2.238   10.563  10.849  1.00 18.01 ? 173 THR A CG2 1 
ATOM   1141 N N   . ALA A 1 186 ? 2.904   12.924  8.003   1.00 15.06 ? 174 ALA A N   1 
ATOM   1142 C CA  . ALA A 1 186 ? 1.883   13.653  7.203   1.00 17.51 ? 174 ALA A CA  1 
ATOM   1143 C C   . ALA A 1 186 ? 2.083   13.306  5.725   1.00 15.72 ? 174 ALA A C   1 
ATOM   1144 O O   . ALA A 1 186 ? 1.104   13.104  5.032   1.00 15.00 ? 174 ALA A O   1 
ATOM   1145 C CB  . ALA A 1 186 ? 1.967   15.166  7.416   1.00 16.49 ? 174 ALA A CB  1 
ATOM   1146 N N   . LEU A 1 187 ? 3.333   13.208  5.245   1.00 15.69 ? 175 LEU A N   1 
ATOM   1147 C CA  . LEU A 1 187 ? 3.569   12.886  3.814   1.00 14.92 ? 175 LEU A CA  1 
ATOM   1148 C C   . LEU A 1 187 ? 3.082   11.457  3.504   1.00 16.54 ? 175 LEU A C   1 
ATOM   1149 O O   . LEU A 1 187 ? 2.533   11.253  2.441   1.00 15.49 ? 175 LEU A O   1 
ATOM   1150 C CB  . LEU A 1 187 ? 5.053   13.085  3.465   1.00 15.27 ? 175 LEU A CB  1 
ATOM   1151 C CG  . LEU A 1 187 ? 5.550   14.525  3.497   1.00 15.72 ? 175 LEU A CG  1 
ATOM   1152 C CD1 . LEU A 1 187 ? 7.054   14.541  3.214   1.00 17.81 ? 175 LEU A CD1 1 
ATOM   1153 C CD2 . LEU A 1 187 ? 4.809   15.408  2.514   1.00 15.49 ? 175 LEU A CD2 1 
ATOM   1154 N N   . ASN A 1 188 ? 3.312   10.494  4.393   1.00 16.33 ? 176 ASN A N   1 
ATOM   1155 C CA  . ASN A 1 188 ? 2.908   9.078   4.214   1.00 16.43 ? 176 ASN A CA  1 
ATOM   1156 C C   . ASN A 1 188 ? 1.374   8.996   4.252   1.00 16.97 ? 176 ASN A C   1 
ATOM   1157 O O   . ASN A 1 188 ? 0.809   8.252   3.421   1.00 16.08 ? 176 ASN A O   1 
ATOM   1158 C CB  . ASN A 1 188 ? 3.588   8.172   5.247   1.00 15.99 ? 176 ASN A CB  1 
ATOM   1159 C CG  . ASN A 1 188 ? 4.946   7.670   4.818   1.00 15.54 ? 176 ASN A CG  1 
ATOM   1160 O OD1 . ASN A 1 188 ? 5.076   6.467   4.563   1.00 17.74 ? 176 ASN A OD1 1 
ATOM   1161 N ND2 . ASN A 1 188 ? 5.941   8.533   4.720   1.00 15.38 ? 176 ASN A ND2 1 
ATOM   1162 N N   . LEU A 1 189 ? 0.717   9.758   5.132   1.00 14.89 ? 177 LEU A N   1 
ATOM   1163 C CA  . LEU A 1 189 ? -0.768  9.747   5.232   1.00 15.94 ? 177 LEU A CA  1 
ATOM   1164 C C   . LEU A 1 189 ? -1.353  10.407  3.975   1.00 16.21 ? 177 LEU A C   1 
ATOM   1165 O O   . LEU A 1 189 ? -2.386  9.945   3.472   1.00 17.62 ? 177 LEU A O   1 
ATOM   1166 C CB  . LEU A 1 189 ? -1.225  10.430  6.523   1.00 17.38 ? 177 LEU A CB  1 
ATOM   1167 C CG  . LEU A 1 189 ? -0.960  9.619   7.793   1.00 16.43 ? 177 LEU A CG  1 
ATOM   1168 C CD1 . LEU A 1 189 ? -1.395  10.422  8.978   1.00 16.57 ? 177 LEU A CD1 1 
ATOM   1169 C CD2 . LEU A 1 189 ? -1.661  8.287   7.789   1.00 18.04 ? 177 LEU A CD2 1 
ATOM   1170 N N   . MET A 1 190 ? -0.728  11.484  3.512   1.00 16.87 ? 178 MET A N   1 
ATOM   1171 C CA  . MET A 1 190 ? -1.124  12.094  2.227   1.00 17.09 ? 178 MET A CA  1 
ATOM   1172 C C   . MET A 1 190 ? -1.073  11.020  1.154   1.00 17.53 ? 178 MET A C   1 
ATOM   1173 O O   . MET A 1 190 ? -2.055  10.908  0.422   1.00 16.01 ? 178 MET A O   1 
ATOM   1174 C CB  . MET A 1 190 ? -0.225  13.245  1.789   1.00 17.65 ? 178 MET A CB  1 
ATOM   1175 C CG  . MET A 1 190 ? -0.596  13.766  0.383   1.00 17.39 ? 178 MET A CG  1 
ATOM   1176 S SD  . MET A 1 190 ? 0.301   15.211  -0.117  1.00 17.57 ? 178 MET A SD  1 
ATOM   1177 C CE  . MET A 1 190 ? 1.960   14.541  -0.184  1.00 16.79 ? 178 MET A CE  1 
ATOM   1178 N N   . ASN A 1 191 ? 0.050   10.306  1.022   1.00 16.93 ? 179 ASN A N   1 
ATOM   1179 C CA  . ASN A 1 191 ? 0.200   9.340   -0.088  1.00 17.63 ? 179 ASN A CA  1 
ATOM   1180 C C   . ASN A 1 191 ? -0.849  8.235   0.029   1.00 18.30 ? 179 ASN A C   1 
ATOM   1181 O O   . ASN A 1 191 ? -1.433  7.834   -1.008  1.00 17.27 ? 179 ASN A O   1 
ATOM   1182 C CB  . ASN A 1 191 ? 1.603   8.770   -0.135  1.00 16.28 ? 179 ASN A CB  1 
ATOM   1183 C CG  . ASN A 1 191 ? 2.530   9.781   -0.756  1.00 17.56 ? 179 ASN A CG  1 
ATOM   1184 O OD1 . ASN A 1 191 ? 2.277   11.003  -0.719  1.00 15.80 ? 179 ASN A OD1 1 
ATOM   1185 N ND2 . ASN A 1 191 ? 3.621   9.285   -1.301  1.00 17.49 ? 179 ASN A ND2 1 
ATOM   1186 N N   . GLU A 1 192 ? -1.069  7.733   1.240   1.00 17.24 ? 180 GLU A N   1 
ATOM   1187 C CA  . GLU A 1 192 ? -2.091  6.691   1.482   1.00 18.28 ? 180 GLU A CA  1 
ATOM   1188 C C   . GLU A 1 192 ? -3.435  7.192   0.915   1.00 18.97 ? 180 GLU A C   1 
ATOM   1189 O O   . GLU A 1 192 ? -4.106  6.476   0.095   1.00 18.26 ? 180 GLU A O   1 
ATOM   1190 C CB  . GLU A 1 192 ? -2.216  6.417   2.976   1.00 18.39 ? 180 GLU A CB  1 
ATOM   1191 C CG  . GLU A 1 192 ? -3.285  5.433   3.306   1.00 19.92 ? 180 GLU A CG  1 
ATOM   1192 C CD  . GLU A 1 192 ? -3.614  5.278   4.792   1.00 22.40 ? 180 GLU A CD  1 
ATOM   1193 O OE1 . GLU A 1 192 ? -2.706  4.999   5.575   1.00 19.47 ? 180 GLU A OE1 1 
ATOM   1194 O OE2 . GLU A 1 192 ? -4.801  5.379   5.154   1.00 23.17 ? 180 GLU A OE2 1 
ATOM   1195 N N   . ARG A 1 193 ? -3.851  8.375   1.342   1.00 17.18 ? 181 ARG A N   1 
ATOM   1196 C CA  . ARG A 1 193 ? -5.221  8.844   1.015   1.00 17.31 ? 181 ARG A CA  1 
ATOM   1197 C C   . ARG A 1 193 ? -5.308  9.149   -0.481  1.00 16.82 ? 181 ARG A C   1 
ATOM   1198 O O   . ARG A 1 193 ? -6.367  8.791   -1.133  1.00 17.09 ? 181 ARG A O   1 
ATOM   1199 C CB  . ARG A 1 193 ? -5.628  10.066  1.823   1.00 17.22 ? 181 ARG A CB  1 
ATOM   1200 C CG  . ARG A 1 193 ? -7.091  10.439  1.666   1.00 21.06 ? 181 ARG A CG  1 
ATOM   1201 C CD  . ARG A 1 193 ? -7.951  9.395   2.346   1.00 24.07 ? 181 ARG A CD  1 
ATOM   1202 N NE  . ARG A 1 193 ? -9.297  9.699   1.984   1.00 28.93 ? 181 ARG A NE  1 
ATOM   1203 C CZ  . ARG A 1 193 ? -9.915  9.198   0.904   1.00 31.95 ? 181 ARG A CZ  1 
ATOM   1204 N NH1 . ARG A 1 193 ? -11.143 9.575   0.645   1.00 35.73 ? 181 ARG A NH1 1 
ATOM   1205 N NH2 . ARG A 1 193 ? -9.315  8.329   0.119   1.00 30.54 ? 181 ARG A NH2 1 
ATOM   1206 N N   . THR A 1 194 ? -4.287  9.816   -1.007  1.00 16.62 ? 182 THR A N   1 
ATOM   1207 C CA  . THR A 1 194 ? -4.292  10.364  -2.379  1.00 17.00 ? 182 THR A CA  1 
ATOM   1208 C C   . THR A 1 194 ? -4.124  9.191   -3.364  1.00 18.29 ? 182 THR A C   1 
ATOM   1209 O O   . THR A 1 194 ? -4.896  9.136   -4.318  1.00 17.60 ? 182 THR A O   1 
ATOM   1210 C CB  . THR A 1 194 ? -3.234  11.467  -2.532  1.00 19.13 ? 182 THR A CB  1 
ATOM   1211 O OG1 . THR A 1 194 ? -3.413  12.484  -1.545  1.00 18.57 ? 182 THR A OG1 1 
ATOM   1212 C CG2 . THR A 1 194 ? -3.302  12.100  -3.899  1.00 19.78 ? 182 THR A CG2 1 
ATOM   1213 N N   . LEU A 1 195 ? -3.168  8.267   -3.149  1.00 15.60 ? 183 LEU A N   1 
ATOM   1214 C CA  . LEU A 1 195 ? -3.012  7.098   -4.053  1.00 18.52 ? 183 LEU A CA  1 
ATOM   1215 C C   . LEU A 1 195 ? -4.322  6.318   -4.115  1.00 18.04 ? 183 LEU A C   1 
ATOM   1216 O O   . LEU A 1 195 ? -4.791  6.002   -5.257  1.00 19.36 ? 183 LEU A O   1 
ATOM   1217 C CB  . LEU A 1 195 ? -1.870  6.181   -3.626  1.00 18.42 ? 183 LEU A CB  1 
ATOM   1218 C CG  . LEU A 1 195 ? -0.480  6.734   -3.844  1.00 21.15 ? 183 LEU A CG  1 
ATOM   1219 C CD1 . LEU A 1 195 ? 0.556   5.791   -3.257  1.00 22.10 ? 183 LEU A CD1 1 
ATOM   1220 C CD2 . LEU A 1 195 ? -0.195  7.025   -5.320  1.00 23.99 ? 183 LEU A CD2 1 
ATOM   1221 N N   . PHE A 1 196 ? -4.862  5.963   -2.965  1.00 19.50 ? 184 PHE A N   1 
ATOM   1222 C CA  . PHE A 1 196 ? -6.042  5.061   -2.878  1.00 21.32 ? 184 PHE A CA  1 
ATOM   1223 C C   . PHE A 1 196 ? -7.278  5.783   -3.451  1.00 22.14 ? 184 PHE A C   1 
ATOM   1224 O O   . PHE A 1 196 ? -8.070  5.134   -4.150  1.00 20.09 ? 184 PHE A O   1 
ATOM   1225 C CB  . PHE A 1 196 ? -6.191  4.535   -1.443  1.00 23.22 ? 184 PHE A CB  1 
ATOM   1226 C CG  . PHE A 1 196 ? -4.995  3.711   -1.007  1.00 26.82 ? 184 PHE A CG  1 
ATOM   1227 C CD1 . PHE A 1 196 ? -4.074  3.221   -1.936  1.00 31.72 ? 184 PHE A CD1 1 
ATOM   1228 C CD2 . PHE A 1 196 ? -4.775  3.399   0.321   1.00 32.26 ? 184 PHE A CD2 1 
ATOM   1229 C CE1 . PHE A 1 196 ? -2.956  2.497   -1.538  1.00 32.06 ? 184 PHE A CE1 1 
ATOM   1230 C CE2 . PHE A 1 196 ? -3.688  2.622   0.716   1.00 30.18 ? 184 PHE A CE2 1 
ATOM   1231 C CZ  . PHE A 1 196 ? -2.785  2.168   -0.209  1.00 31.72 ? 184 PHE A CZ  1 
ATOM   1232 N N   . ALA A 1 197 ? -7.431  7.092   -3.246  1.00 18.34 ? 185 ALA A N   1 
ATOM   1233 C CA  . ALA A 1 197 ? -8.560  7.837   -3.864  1.00 20.89 ? 185 ALA A CA  1 
ATOM   1234 C C   . ALA A 1 197 ? -8.424  7.822   -5.397  1.00 20.37 ? 185 ALA A C   1 
ATOM   1235 O O   . ALA A 1 197 ? -9.454  7.598   -6.094  1.00 20.47 ? 185 ALA A O   1 
ATOM   1236 C CB  . ALA A 1 197 ? -8.678  9.254   -3.321  1.00 20.57 ? 185 ALA A CB  1 
ATOM   1237 N N   . SER A 1 198 ? -7.204  7.981   -5.911  1.00 18.99 ? 186 SER A N   1 
ATOM   1238 C CA  . SER A 1 198 ? -6.907  7.967   -7.364  1.00 21.89 ? 186 SER A CA  1 
ATOM   1239 C C   . SER A 1 198 ? -7.255  6.583   -7.921  1.00 22.88 ? 186 SER A C   1 
ATOM   1240 O O   . SER A 1 198 ? -7.892  6.528   -8.978  1.00 20.62 ? 186 SER A O   1 
ATOM   1241 C CB  . SER A 1 198 ? -5.479  8.329   -7.661  1.00 21.21 ? 186 SER A CB  1 
ATOM   1242 O OG  . SER A 1 198 ? -5.262  9.719   -7.417  1.00 30.15 ? 186 SER A OG  1 
ATOM   1243 N N   . PHE A 1 199 ? -6.799  5.515   -7.264  1.00 20.87 ? 187 PHE A N   1 
ATOM   1244 C CA  . PHE A 1 199 ? -6.966  4.140   -7.776  1.00 22.36 ? 187 PHE A CA  1 
ATOM   1245 C C   . PHE A 1 199 ? -8.452  3.808   -7.807  1.00 27.10 ? 187 PHE A C   1 
ATOM   1246 O O   . PHE A 1 199 ? -8.843  3.146   -8.737  1.00 30.12 ? 187 PHE A O   1 
ATOM   1247 C CB  . PHE A 1 199 ? -6.240  3.091   -6.937  1.00 20.99 ? 187 PHE A CB  1 
ATOM   1248 C CG  . PHE A 1 199 ? -4.746  3.185   -7.000  1.00 22.01 ? 187 PHE A CG  1 
ATOM   1249 C CD1 . PHE A 1 199 ? -4.120  3.760   -8.096  1.00 23.77 ? 187 PHE A CD1 1 
ATOM   1250 C CD2 . PHE A 1 199 ? -3.976  2.751   -5.941  1.00 22.36 ? 187 PHE A CD2 1 
ATOM   1251 C CE1 . PHE A 1 199 ? -2.750  3.902   -8.122  1.00 22.52 ? 187 PHE A CE1 1 
ATOM   1252 C CE2 . PHE A 1 199 ? -2.600  2.876   -5.981  1.00 23.97 ? 187 PHE A CE2 1 
ATOM   1253 C CZ  . PHE A 1 199 ? -1.994  3.468   -7.059  1.00 25.83 ? 187 PHE A CZ  1 
ATOM   1254 N N   . ALA A 1 200 ? -9.222  4.275   -6.829  1.00 27.42 ? 188 ALA A N   1 
ATOM   1255 C CA  . ALA A 1 200 ? -10.666 3.998   -6.720  1.00 28.99 ? 188 ALA A CA  1 
ATOM   1256 C C   . ALA A 1 200 ? -11.465 4.947   -7.600  1.00 26.32 ? 188 ALA A C   1 
ATOM   1257 O O   . ALA A 1 200 ? -12.660 4.781   -7.610  1.00 35.08 ? 188 ALA A O   1 
ATOM   1258 C CB  . ALA A 1 200 ? -11.106 4.019   -5.264  1.00 28.38 ? 188 ALA A CB  1 
ATOM   1259 N N   . GLY A 1 201 ? -10.860 5.886   -8.323  1.00 28.35 ? 189 GLY A N   1 
ATOM   1260 C CA  . GLY A 1 201 ? -11.611 6.912   -9.080  1.00 29.02 ? 189 GLY A CA  1 
ATOM   1261 C C   . GLY A 1 201 ? -12.562 7.690   -8.173  1.00 33.47 ? 189 GLY A C   1 
ATOM   1262 O O   . GLY A 1 201 ? -13.671 8.057   -8.652  1.00 31.72 ? 189 GLY A O   1 
ATOM   1263 N N   . GLU A 1 202 ? -12.182 7.980   -6.915  1.00 26.14 ? 190 GLU A N   1 
ATOM   1264 C CA  . GLU A 1 202 ? -13.084 8.715   -5.980  1.00 25.35 ? 190 GLU A CA  1 
ATOM   1265 C C   . GLU A 1 202 ? -13.361 10.126  -6.496  1.00 24.49 ? 190 GLU A C   1 
ATOM   1266 O O   . GLU A 1 202 ? -12.535 10.741  -7.204  1.00 24.06 ? 190 GLU A O   1 
ATOM   1267 C CB  . GLU A 1 202 ? -12.562 8.821   -4.545  1.00 24.55 ? 190 GLU A CB  1 
ATOM   1268 C CG  . GLU A 1 202 ? -12.669 7.540   -3.745  1.00 28.53 ? 190 GLU A CG  1 
ATOM   1269 C CD  . GLU A 1 202 ? -12.085 7.672   -2.335  1.00 32.82 ? 190 GLU A CD  1 
ATOM   1270 O OE1 . GLU A 1 202 ? -11.999 8.812   -1.839  1.00 32.64 ? 190 GLU A OE1 1 
ATOM   1271 O OE2 . GLU A 1 202 ? -11.689 6.666   -1.761  1.00 39.24 ? 190 GLU A OE2 1 
ATOM   1272 N N   . GLN A 1 203 ? -14.475 10.690  -6.046  1.00 26.31 ? 191 GLN A N   1 
ATOM   1273 C CA  . GLN A 1 203 ? -14.807 12.122  -6.252  1.00 30.38 ? 191 GLN A CA  1 
ATOM   1274 C C   . GLN A 1 203 ? -14.671 12.791  -4.887  1.00 27.85 ? 191 GLN A C   1 
ATOM   1275 O O   . GLN A 1 203 ? -15.485 12.542  -3.996  1.00 31.74 ? 191 GLN A O   1 
ATOM   1276 C CB  . GLN A 1 203 ? -16.209 12.151  -6.874  1.00 39.62 ? 191 GLN A CB  1 
ATOM   1277 C CG  . GLN A 1 203 ? -16.653 13.496  -7.409  1.00 52.51 ? 191 GLN A CG  1 
ATOM   1278 C CD  . GLN A 1 203 ? -15.822 13.954  -8.584  1.00 60.48 ? 191 GLN A CD  1 
ATOM   1279 O OE1 . GLN A 1 203 ? -14.647 14.291  -8.444  1.00 66.05 ? 191 GLN A OE1 1 
ATOM   1280 N NE2 . GLN A 1 203 ? -16.448 14.005  -9.752  1.00 55.34 ? 191 GLN A NE2 1 
ATOM   1281 N N   . PRO A 1 204 ? -13.629 13.603  -4.590  1.00 26.00 ? 192 PRO A N   1 
ATOM   1282 C CA  . PRO A 1 204 ? -12.580 14.020  -5.527  1.00 24.11 ? 192 PRO A CA  1 
ATOM   1283 C C   . PRO A 1 204 ? -11.358 13.089  -5.512  1.00 22.57 ? 192 PRO A C   1 
ATOM   1284 O O   . PRO A 1 204 ? -11.121 12.376  -4.517  1.00 21.84 ? 192 PRO A O   1 
ATOM   1285 C CB  . PRO A 1 204 ? -12.208 15.392  -4.948  1.00 27.85 ? 192 PRO A CB  1 
ATOM   1286 C CG  . PRO A 1 204 ? -12.239 15.140  -3.449  1.00 28.66 ? 192 PRO A CG  1 
ATOM   1287 C CD  . PRO A 1 204 ? -13.413 14.194  -3.249  1.00 29.51 ? 192 PRO A CD  1 
ATOM   1288 N N   . SER A 1 205 ? -10.530 13.164  -6.559  1.00 19.83 ? 193 SER A N   1 
ATOM   1289 C CA  . SER A 1 205 ? -9.236  12.444  -6.613  1.00 19.62 ? 193 SER A CA  1 
ATOM   1290 C C   . SER A 1 205 ? -8.342  13.114  -7.647  1.00 19.22 ? 193 SER A C   1 
ATOM   1291 O O   . SER A 1 205 ? -8.837  13.787  -8.538  1.00 18.59 ? 193 SER A O   1 
ATOM   1292 C CB  . SER A 1 205 ? -9.413  10.968  -6.889  1.00 20.48 ? 193 SER A CB  1 
ATOM   1293 O OG  . SER A 1 205 ? -10.116 10.795  -8.131  1.00 20.32 ? 193 SER A OG  1 
ATOM   1294 N N   . VAL A 1 206 ? -7.049  12.976  -7.499  1.00 20.92 ? 194 VAL A N   1 
ATOM   1295 C CA  . VAL A 1 206 ? -6.097  13.370  -8.561  1.00 19.98 ? 194 VAL A CA  1 
ATOM   1296 C C   . VAL A 1 206 ? -6.205  12.277  -9.610  1.00 22.58 ? 194 VAL A C   1 
ATOM   1297 O O   . VAL A 1 206 ? -6.237  11.110  -9.257  1.00 18.67 ? 194 VAL A O   1 
ATOM   1298 C CB  . VAL A 1 206 ? -4.671  13.513  -8.026  1.00 20.85 ? 194 VAL A CB  1 
ATOM   1299 C CG1 . VAL A 1 206 ? -3.685  13.817  -9.115  1.00 19.62 ? 194 VAL A CG1 1 
ATOM   1300 C CG2 . VAL A 1 206 ? -4.558  14.560  -6.925  1.00 22.37 ? 194 VAL A CG2 1 
ATOM   1301 N N   . PRO A 1 207 ? -6.286  12.599  -10.924 1.00 22.13 ? 195 PRO A N   1 
ATOM   1302 C CA  . PRO A 1 207 ? -6.275  11.556  -11.944 1.00 22.42 ? 195 PRO A CA  1 
ATOM   1303 C C   . PRO A 1 207 ? -5.024  10.700  -11.773 1.00 20.99 ? 195 PRO A C   1 
ATOM   1304 O O   . PRO A 1 207 ? -3.915  11.199  -11.431 1.00 18.47 ? 195 PRO A O   1 
ATOM   1305 C CB  . PRO A 1 207 ? -6.232  12.309  -13.283 1.00 23.06 ? 195 PRO A CB  1 
ATOM   1306 C CG  . PRO A 1 207 ? -6.747  13.702  -12.946 1.00 25.00 ? 195 PRO A CG  1 
ATOM   1307 C CD  . PRO A 1 207 ? -6.367  13.942  -11.494 1.00 24.82 ? 195 PRO A CD  1 
ATOM   1308 N N   . GLU A 1 208 ? -5.191  9.401   -12.011 1.00 20.47 ? 196 GLU A N   1 
ATOM   1309 C CA  . GLU A 1 208 ? -4.111  8.428   -11.787 1.00 21.42 ? 196 GLU A CA  1 
ATOM   1310 C C   . GLU A 1 208 ? -2.863  8.844   -12.568 1.00 22.72 ? 196 GLU A C   1 
ATOM   1311 O O   . GLU A 1 208 ? -1.718  8.675   -12.067 1.00 18.76 ? 196 GLU A O   1 
ATOM   1312 C CB  . GLU A 1 208 ? -4.674  7.035   -12.104 1.00 24.32 ? 196 GLU A CB  1 
ATOM   1313 C CG  . GLU A 1 208 ? -3.656  5.969   -11.844 1.00 33.23 ? 196 GLU A CG  1 
ATOM   1314 C CD  . GLU A 1 208 ? -4.156  4.534   -11.948 1.00 37.82 ? 196 GLU A CD  1 
ATOM   1315 O OE1 . GLU A 1 208 ? -5.363  4.316   -11.799 1.00 39.43 ? 196 GLU A OE1 1 
ATOM   1316 O OE2 . GLU A 1 208 ? -3.305  3.645   -12.089 1.00 45.70 ? 196 GLU A OE2 1 
ATOM   1317 N N   . ALA A 1 209 ? -3.020  9.341   -13.793 1.00 21.69 ? 197 ALA A N   1 
ATOM   1318 C CA  . ALA A 1 209 ? -1.859  9.750   -14.628 1.00 21.18 ? 197 ALA A CA  1 
ATOM   1319 C C   . ALA A 1 209 ? -1.198  11.032  -14.105 1.00 20.00 ? 197 ALA A C   1 
ATOM   1320 O O   . ALA A 1 209 ? -0.166  11.391  -14.657 1.00 21.95 ? 197 ALA A O   1 
ATOM   1321 C CB  . ALA A 1 209 ? -2.313  9.945   -16.076 1.00 23.34 ? 197 ALA A CB  1 
ATOM   1322 N N   . ARG A 1 210 ? -1.748  11.732  -13.112 1.00 17.26 ? 198 ARG A N   1 
ATOM   1323 C CA  . ARG A 1 210 ? -1.119  12.973  -12.553 1.00 17.34 ? 198 ARG A CA  1 
ATOM   1324 C C   . ARG A 1 210 ? -0.656  12.802  -11.089 1.00 18.02 ? 198 ARG A C   1 
ATOM   1325 O O   . ARG A 1 210 ? 0.046   13.680  -10.583 1.00 16.68 ? 198 ARG A O   1 
ATOM   1326 C CB  . ARG A 1 210 ? -2.121  14.120  -12.662 1.00 19.90 ? 198 ARG A CB  1 
ATOM   1327 C CG  . ARG A 1 210 ? -2.402  14.541  -14.109 1.00 20.60 ? 198 ARG A CG  1 
ATOM   1328 C CD  . ARG A 1 210 ? -1.204  15.168  -14.835 1.00 21.15 ? 198 ARG A CD  1 
ATOM   1329 N NE  . ARG A 1 210 ? -0.618  16.184  -13.967 1.00 23.89 ? 198 ARG A NE  1 
ATOM   1330 C CZ  . ARG A 1 210 ? 0.678   16.409  -13.837 1.00 26.63 ? 198 ARG A CZ  1 
ATOM   1331 N NH1 . ARG A 1 210 ? 1.522   15.728  -14.590 1.00 27.12 ? 198 ARG A NH1 1 
ATOM   1332 N NH2 . ARG A 1 210 ? 1.135   17.289  -12.940 1.00 24.65 ? 198 ARG A NH2 1 
ATOM   1333 N N   . VAL A 1 211 ? -0.974  11.690  -10.459 1.00 17.21 ? 199 VAL A N   1 
ATOM   1334 C CA  . VAL A 1 211 ? -0.820  11.559  -8.977  1.00 19.37 ? 199 VAL A CA  1 
ATOM   1335 C C   . VAL A 1 211 ? 0.665   11.405  -8.605  1.00 18.07 ? 199 VAL A C   1 
ATOM   1336 O O   . VAL A 1 211 ? 1.114   12.073  -7.676  1.00 18.79 ? 199 VAL A O   1 
ATOM   1337 C CB  . VAL A 1 211 ? -1.760  10.489  -8.408  1.00 19.88 ? 199 VAL A CB  1 
ATOM   1338 C CG1 . VAL A 1 211 ? -1.338  9.093   -8.763  1.00 20.03 ? 199 VAL A CG1 1 
ATOM   1339 C CG2 . VAL A 1 211 ? -1.857  10.649  -6.894  1.00 21.50 ? 199 VAL A CG2 1 
ATOM   1340 N N   . LEU A 1 212 ? 1.473   10.734  -9.410  1.00 18.59 ? 200 LEU A N   1 
ATOM   1341 C CA  . LEU A 1 212 ? 2.900   10.577  -9.062  1.00 20.15 ? 200 LEU A CA  1 
ATOM   1342 C C   . LEU A 1 212 ? 3.566   11.949  -9.082  1.00 20.44 ? 200 LEU A C   1 
ATOM   1343 O O   . LEU A 1 212 ? 4.236   12.327  -8.071  1.00 18.87 ? 200 LEU A O   1 
ATOM   1344 C CB  . LEU A 1 212 ? 3.573   9.559   -9.989  1.00 19.32 ? 200 LEU A CB  1 
ATOM   1345 C CG  . LEU A 1 212 ? 5.023   9.236   -9.657  1.00 20.45 ? 200 LEU A CG  1 
ATOM   1346 C CD1 . LEU A 1 212 ? 5.148   8.707   -8.245  1.00 20.96 ? 200 LEU A CD1 1 
ATOM   1347 C CD2 . LEU A 1 212 ? 5.585   8.262   -10.692 1.00 22.40 ? 200 LEU A CD2 1 
ATOM   1348 N N   . ASP A 1 213 ? 3.365   12.719  -10.143 1.00 19.66 ? 201 ASP A N   1 
ATOM   1349 C CA  . ASP A 1 213 ? 3.976   14.065  -10.267 1.00 20.25 ? 201 ASP A CA  1 
ATOM   1350 C C   . ASP A 1 213 ? 3.473   14.957  -9.101  1.00 18.09 ? 201 ASP A C   1 
ATOM   1351 O O   . ASP A 1 213 ? 4.233   15.806  -8.577  1.00 16.57 ? 201 ASP A O   1 
ATOM   1352 C CB  . ASP A 1 213 ? 3.647   14.702  -11.618 1.00 24.11 ? 201 ASP A CB  1 
ATOM   1353 C CG  . ASP A 1 213 ? 4.508   14.268  -12.823 1.00 29.23 ? 201 ASP A CG  1 
ATOM   1354 O OD1 . ASP A 1 213 ? 5.545   13.594  -12.635 1.00 25.36 ? 201 ASP A OD1 1 
ATOM   1355 O OD2 . ASP A 1 213 ? 4.146   14.681  -13.967 1.00 29.76 ? 201 ASP A OD2 1 
ATOM   1356 N N   . THR A 1 214 ? 2.191   14.881  -8.792  1.00 16.44 ? 202 THR A N   1 
ATOM   1357 C CA  . THR A 1 214 ? 1.582   15.716  -7.733  1.00 17.28 ? 202 THR A CA  1 
ATOM   1358 C C   . THR A 1 214 ? 2.305   15.435  -6.407  1.00 15.78 ? 202 THR A C   1 
ATOM   1359 O O   . THR A 1 214 ? 2.744   16.396  -5.739  1.00 15.61 ? 202 THR A O   1 
ATOM   1360 C CB  . THR A 1 214 ? 0.071   15.484  -7.648  1.00 17.67 ? 202 THR A CB  1 
ATOM   1361 O OG1 . THR A 1 214 ? -0.519  15.716  -8.929  1.00 17.53 ? 202 THR A OG1 1 
ATOM   1362 C CG2 . THR A 1 214 ? -0.603  16.356  -6.601  1.00 19.22 ? 202 THR A CG2 1 
ATOM   1363 N N   . LEU A 1 215 ? 2.373   14.167  -6.011  1.00 16.27 ? 203 LEU A N   1 
ATOM   1364 C CA  . LEU A 1 215 ? 2.945   13.765  -4.700  1.00 16.76 ? 203 LEU A CA  1 
ATOM   1365 C C   . LEU A 1 215 ? 4.432   14.086  -4.678  1.00 16.20 ? 203 LEU A C   1 
ATOM   1366 O O   . LEU A 1 215 ? 4.881   14.620  -3.660  1.00 16.70 ? 203 LEU A O   1 
ATOM   1367 C CB  . LEU A 1 215 ? 2.675   12.277  -4.423  1.00 15.35 ? 203 LEU A CB  1 
ATOM   1368 C CG  . LEU A 1 215 ? 1.206   11.912  -4.316  1.00 15.50 ? 203 LEU A CG  1 
ATOM   1369 C CD1 . LEU A 1 215 ? 1.037   10.394  -4.215  1.00 16.42 ? 203 LEU A CD1 1 
ATOM   1370 C CD2 . LEU A 1 215 ? 0.571   12.613  -3.141  1.00 15.45 ? 203 LEU A CD2 1 
ATOM   1371 N N   . VAL A 1 216 ? 5.163   13.882  -5.773  1.00 16.75 ? 204 VAL A N   1 
ATOM   1372 C CA  . VAL A 1 216 ? 6.625   14.164  -5.789  1.00 15.98 ? 204 VAL A CA  1 
ATOM   1373 C C   . VAL A 1 216 ? 6.862   15.670  -5.531  1.00 16.24 ? 204 VAL A C   1 
ATOM   1374 O O   . VAL A 1 216 ? 7.754   16.036  -4.704  1.00 18.57 ? 204 VAL A O   1 
ATOM   1375 C CB  . VAL A 1 216 ? 7.286   13.711  -7.100  1.00 17.51 ? 204 VAL A CB  1 
ATOM   1376 C CG1 . VAL A 1 216 ? 8.669   14.312  -7.238  1.00 19.92 ? 204 VAL A CG1 1 
ATOM   1377 C CG2 . VAL A 1 216 ? 7.346   12.200  -7.205  1.00 17.82 ? 204 VAL A CG2 1 
ATOM   1378 N N   . HIS A 1 217 ? 6.107   16.539  -6.182  1.00 17.53 ? 205 HIS A N   1 
ATOM   1379 C CA  . HIS A 1 217 ? 6.207   18.012  -5.985  1.00 17.81 ? 205 HIS A CA  1 
ATOM   1380 C C   . HIS A 1 217 ? 6.077   18.351  -4.479  1.00 16.40 ? 205 HIS A C   1 
ATOM   1381 O O   . HIS A 1 217 ? 6.903   19.112  -3.956  1.00 16.63 ? 205 HIS A O   1 
ATOM   1382 C CB  . HIS A 1 217 ? 5.151   18.742  -6.808  1.00 19.15 ? 205 HIS A CB  1 
ATOM   1383 C CG  . HIS A 1 217 ? 5.061   20.192  -6.461  1.00 18.96 ? 205 HIS A CG  1 
ATOM   1384 N ND1 . HIS A 1 217 ? 5.970   21.114  -6.941  1.00 19.98 ? 205 HIS A ND1 1 
ATOM   1385 C CD2 . HIS A 1 217 ? 4.279   20.858  -5.595  1.00 18.25 ? 205 HIS A CD2 1 
ATOM   1386 C CE1 . HIS A 1 217 ? 5.698   22.306  -6.458  1.00 20.17 ? 205 HIS A CE1 1 
ATOM   1387 N NE2 . HIS A 1 217 ? 4.675   22.178  -5.586  1.00 18.20 ? 205 HIS A NE2 1 
ATOM   1388 N N   . ILE A 1 218 ? 5.055   17.820  -3.823  1.00 16.14 ? 206 ILE A N   1 
ATOM   1389 C CA  . ILE A 1 218 ? 4.706   18.157  -2.412  1.00 16.86 ? 206 ILE A CA  1 
ATOM   1390 C C   . ILE A 1 218 ? 5.813   17.585  -1.515  1.00 18.03 ? 206 ILE A C   1 
ATOM   1391 O O   . ILE A 1 218 ? 6.226   18.287  -0.573  1.00 17.94 ? 206 ILE A O   1 
ATOM   1392 C CB  . ILE A 1 218 ? 3.293   17.667  -2.051  1.00 16.12 ? 206 ILE A CB  1 
ATOM   1393 C CG1 . ILE A 1 218 ? 2.261   18.319  -2.963  1.00 16.63 ? 206 ILE A CG1 1 
ATOM   1394 C CG2 . ILE A 1 218 ? 3.027   17.948  -0.576  1.00 15.29 ? 206 ILE A CG2 1 
ATOM   1395 C CD1 . ILE A 1 218 ? 0.839   17.772  -2.814  1.00 16.03 ? 206 ILE A CD1 1 
ATOM   1396 N N   . TRP A 1 219 ? 6.344   16.402  -1.840  1.00 16.84 ? 207 TRP A N   1 
ATOM   1397 C CA  . TRP A 1 219 ? 7.416   15.784  -1.015  1.00 17.51 ? 207 TRP A CA  1 
ATOM   1398 C C   . TRP A 1 219 ? 8.676   16.650  -1.111  1.00 20.10 ? 207 TRP A C   1 
ATOM   1399 O O   . TRP A 1 219 ? 9.191   17.068  -0.049  1.00 16.74 ? 207 TRP A O   1 
ATOM   1400 C CB  . TRP A 1 219 ? 7.686   14.332  -1.384  1.00 17.67 ? 207 TRP A CB  1 
ATOM   1401 C CG  . TRP A 1 219 ? 6.754   13.327  -0.799  1.00 17.45 ? 207 TRP A CG  1 
ATOM   1402 C CD1 . TRP A 1 219 ? 5.386   13.333  -0.889  1.00 16.82 ? 207 TRP A CD1 1 
ATOM   1403 C CD2 . TRP A 1 219 ? 7.111   12.158  -0.049  1.00 18.13 ? 207 TRP A CD2 1 
ATOM   1404 N NE1 . TRP A 1 219 ? 4.881   12.253  -0.235  1.00 17.72 ? 207 TRP A NE1 1 
ATOM   1405 C CE2 . TRP A 1 219 ? 5.904   11.522  0.303   1.00 17.50 ? 207 TRP A CE2 1 
ATOM   1406 C CE3 . TRP A 1 219 ? 8.319   11.604  0.395   1.00 16.46 ? 207 TRP A CE3 1 
ATOM   1407 C CZ2 . TRP A 1 219 ? 5.866   10.345  1.047   1.00 18.22 ? 207 TRP A CZ2 1 
ATOM   1408 C CZ3 . TRP A 1 219 ? 8.290   10.421  1.090   1.00 17.42 ? 207 TRP A CZ3 1 
ATOM   1409 C CH2 . TRP A 1 219 ? 7.079   9.827   1.455   1.00 17.56 ? 207 TRP A CH2 1 
ATOM   1410 N N   . VAL A 1 220 ? 9.084   17.001  -2.340  1.00 19.44 ? 208 VAL A N   1 
ATOM   1411 C CA  . VAL A 1 220 ? 10.378  17.683  -2.578  1.00 20.20 ? 208 VAL A CA  1 
ATOM   1412 C C   . VAL A 1 220 ? 10.315  19.108  -2.022  1.00 20.66 ? 208 VAL A C   1 
ATOM   1413 O O   . VAL A 1 220 ? 11.283  19.507  -1.338  1.00 21.11 ? 208 VAL A O   1 
ATOM   1414 C CB  . VAL A 1 220 ? 10.750  17.611  -4.075  1.00 22.69 ? 208 VAL A CB  1 
ATOM   1415 C CG1 . VAL A 1 220 ? 11.880  18.548  -4.420  1.00 29.20 ? 208 VAL A CG1 1 
ATOM   1416 C CG2 . VAL A 1 220 ? 11.091  16.182  -4.426  1.00 23.87 ? 208 VAL A CG2 1 
ATOM   1417 N N   . THR A 1 221 ? 9.221   19.828  -2.257  1.00 19.59 ? 209 THR A N   1 
ATOM   1418 C CA  . THR A 1 221 ? 9.123   21.221  -1.781  1.00 22.14 ? 209 THR A CA  1 
ATOM   1419 C C   . THR A 1 221 ? 9.070   21.215  -0.239  1.00 21.49 ? 209 THR A C   1 
ATOM   1420 O O   . THR A 1 221 ? 9.667   22.101  0.376   1.00 21.17 ? 209 THR A O   1 
ATOM   1421 C CB  . THR A 1 221 ? 7.961   21.953  -2.438  1.00 23.98 ? 209 THR A CB  1 
ATOM   1422 O OG1 . THR A 1 221 ? 6.780   21.194  -2.160  1.00 20.33 ? 209 THR A OG1 1 
ATOM   1423 C CG2 . THR A 1 221 ? 8.208   22.224  -3.910  1.00 22.82 ? 209 THR A CG2 1 
ATOM   1424 N N   . SER A 1 222 ? 8.407   20.242  0.378   1.00 18.55 ? 210 SER A N   1 
ATOM   1425 C CA  . SER A 1 222 ? 8.203   20.270  1.850   1.00 19.03 ? 210 SER A CA  1 
ATOM   1426 C C   . SER A 1 222 ? 9.480   19.772  2.555   1.00 20.62 ? 210 SER A C   1 
ATOM   1427 O O   . SER A 1 222 ? 9.786   20.229  3.657   1.00 19.52 ? 210 SER A O   1 
ATOM   1428 C CB  . SER A 1 222 ? 6.958   19.529  2.232   1.00 19.07 ? 210 SER A CB  1 
ATOM   1429 O OG  . SER A 1 222 ? 7.142   18.136  2.133   1.00 17.07 ? 210 SER A OG  1 
ATOM   1430 N N   . ILE A 1 223 ? 10.222  18.863  1.933   1.00 20.61 ? 211 ILE A N   1 
ATOM   1431 C CA  . ILE A 1 223 ? 11.497  18.329  2.494   1.00 21.80 ? 211 ILE A CA  1 
ATOM   1432 C C   . ILE A 1 223 ? 12.635  19.344  2.283   1.00 23.00 ? 211 ILE A C   1 
ATOM   1433 O O   . ILE A 1 223 ? 13.432  19.502  3.216   1.00 22.15 ? 211 ILE A O   1 
ATOM   1434 C CB  . ILE A 1 223 ? 11.795  16.940  1.916   1.00 19.37 ? 211 ILE A CB  1 
ATOM   1435 C CG1 . ILE A 1 223 ? 10.734  15.934  2.390   1.00 18.00 ? 211 ILE A CG1 1 
ATOM   1436 C CG2 . ILE A 1 223 ? 13.197  16.489  2.289   1.00 20.58 ? 211 ILE A CG2 1 
ATOM   1437 C CD1 . ILE A 1 223 ? 10.823  14.564  1.695   1.00 18.54 ? 211 ILE A CD1 1 
ATOM   1438 N N   . TYR A 1 224 ? 12.702  20.041  1.149   1.00 21.39 ? 212 TYR A N   1 
ATOM   1439 C CA  . TYR A 1 224 ? 13.862  20.911  0.802   1.00 23.25 ? 212 TYR A CA  1 
ATOM   1440 C C   . TYR A 1 224 ? 13.520  22.375  1.009   1.00 24.95 ? 212 TYR A C   1 
ATOM   1441 O O   . TYR A 1 224 ? 14.458  23.139  0.980   1.00 24.87 ? 212 TYR A O   1 
ATOM   1442 C CB  . TYR A 1 224 ? 14.393  20.584  -0.600  1.00 23.51 ? 212 TYR A CB  1 
ATOM   1443 C CG  . TYR A 1 224 ? 14.905  19.169  -0.653  1.00 24.08 ? 212 TYR A CG  1 
ATOM   1444 C CD1 . TYR A 1 224 ? 16.144  18.817  -0.118  1.00 25.12 ? 212 TYR A CD1 1 
ATOM   1445 C CD2 . TYR A 1 224 ? 14.118  18.152  -1.170  1.00 22.91 ? 212 TYR A CD2 1 
ATOM   1446 C CE1 . TYR A 1 224 ? 16.575  17.503  -0.115  1.00 20.70 ? 212 TYR A CE1 1 
ATOM   1447 C CE2 . TYR A 1 224 ? 14.540  16.840  -1.180  1.00 22.73 ? 212 TYR A CE2 1 
ATOM   1448 C CZ  . TYR A 1 224 ? 15.786  16.509  -0.679  1.00 23.74 ? 212 TYR A CZ  1 
ATOM   1449 O OH  . TYR A 1 224 ? 16.183  15.191  -0.688  1.00 23.22 ? 212 TYR A OH  1 
ATOM   1450 N N   . GLY A 1 225 ? 12.247  22.724  1.225   1.00 23.33 ? 213 GLY A N   1 
ATOM   1451 C CA  . GLY A 1 225 ? 11.784  24.111  1.281   1.00 27.76 ? 213 GLY A CA  1 
ATOM   1452 C C   . GLY A 1 225 ? 11.964  24.690  2.673   1.00 30.20 ? 213 GLY A C   1 
ATOM   1453 O O   . GLY A 1 225 ? 11.802  23.944  3.652   1.00 30.55 ? 213 GLY A O   1 
ATOM   1454 N N   . GLU A 1 226 ? 12.305  25.979  2.765   1.00 40.88 ? 214 GLU A N   1 
ATOM   1455 C CA  . GLU A 1 226 ? 12.380  26.735  4.061   1.00 49.95 ? 214 GLU A CA  1 
ATOM   1456 C C   . GLU A 1 226 ? 11.053  27.436  4.326   1.00 47.27 ? 214 GLU A C   1 
ATOM   1457 O O   . GLU A 1 226 ? 10.802  28.297  3.511   1.00 45.99 ? 214 GLU A O   1 
ATOM   1458 C CB  . GLU A 1 226 ? 13.468  27.807  4.050   1.00 55.22 ? 214 GLU A CB  1 
ATOM   1459 C CG  . GLU A 1 226 ? 14.853  27.271  4.323   1.00 64.88 ? 214 GLU A CG  1 
ATOM   1460 C CD  . GLU A 1 226 ? 15.641  26.960  3.068   1.00 71.45 ? 214 GLU A CD  1 
ATOM   1461 O OE1 . GLU A 1 226 ? 15.012  26.690  2.020   1.00 84.05 ? 214 GLU A OE1 1 
ATOM   1462 O OE2 . GLU A 1 226 ? 16.881  26.985  3.145   1.00 73.49 ? 214 GLU A OE2 1 
HETATM 1463 C C4  . GHN B 2 .   ? 13.380  7.591   -1.112  1.00 30.66 ? 301 GHN A C4  1 
HETATM 1464 C C14 . GHN B 2 .   ? 3.037   4.806   2.411   1.00 25.58 ? 301 GHN A C14 1 
HETATM 1465 C C5  . GHN B 2 .   ? 12.422  7.150   -0.075  1.00 27.56 ? 301 GHN A C5  1 
HETATM 1466 C C6  . GHN B 2 .   ? 10.431  6.533   0.811   1.00 22.48 ? 301 GHN A C6  1 
HETATM 1467 C C11 . GHN B 2 .   ? 6.200   6.407   0.735   1.00 19.73 ? 301 GHN A C11 1 
HETATM 1468 C C7  . GHN B 2 .   ? 11.220  6.457   1.951   1.00 23.54 ? 301 GHN A C7  1 
HETATM 1469 C C8  . GHN B 2 .   ? 8.965   6.429   0.783   1.00 19.00 ? 301 GHN A C8  1 
HETATM 1470 C C9  . GHN B 2 .   ? 8.277   6.904   -0.358  1.00 19.12 ? 301 GHN A C9  1 
HETATM 1471 C C10 . GHN B 2 .   ? 6.911   6.878   -0.367  1.00 19.70 ? 301 GHN A C10 1 
HETATM 1472 C C12 . GHN B 2 .   ? 6.854   5.941   1.885   1.00 18.33 ? 301 GHN A C12 1 
HETATM 1473 C C13 . GHN B 2 .   ? 8.256   5.972   1.878   1.00 20.06 ? 301 GHN A C13 1 
HETATM 1474 N N1  . GHN B 2 .   ? 11.104  6.955   -0.279  1.00 23.83 ? 301 GHN A N1  1 
HETATM 1475 N N2  . GHN B 2 .   ? 4.018   4.832   1.361   1.00 22.91 ? 301 GHN A N2  1 
HETATM 1476 C C3  . GHN B 2 .   ? 14.368  6.479   -1.364  1.00 36.50 ? 301 GHN A C3  1 
HETATM 1477 C C1  . GHN B 2 .   ? 18.038  6.069   -1.003  1.00 55.00 ? 301 GHN A C1  1 
HETATM 1478 C C2  . GHN B 2 .   ? 16.642  5.482   -1.146  1.00 54.97 ? 301 GHN A C2  1 
HETATM 1479 O O1  . GHN B 2 .   ? 15.664  6.475   -0.745  1.00 51.22 ? 301 GHN A O1  1 
HETATM 1480 O O2  . GHN B 2 .   ? 14.084  5.546   -2.092  1.00 43.13 ? 301 GHN A O2  1 
HETATM 1481 S S1  . GHN B 2 .   ? 12.882  6.831   1.552   1.00 27.37 ? 301 GHN A S1  1 
HETATM 1482 S S2  . GHN B 2 .   ? 4.478   6.405   0.760   1.00 22.76 ? 301 GHN A S2  1 
HETATM 1483 O O3  . GHN B 2 .   ? 4.136   7.543   1.553   1.00 19.91 ? 301 GHN A O3  1 
HETATM 1484 O O4  . GHN B 2 .   ? 3.996   6.461   -0.632  1.00 22.81 ? 301 GHN A O4  1 
HETATM 1485 C C15 . GHN B 2 .   ? 1.613   5.095   1.980   1.00 28.00 ? 301 GHN A C15 1 
HETATM 1486 C C16 . GHN B 2 .   ? 1.104   4.050   1.060   1.00 27.59 ? 301 GHN A C16 1 
HETATM 1487 F F1  . GHN B 2 .   ? 1.613   2.888   1.479   1.00 32.40 ? 301 GHN A F1  1 
HETATM 1488 F F2  . GHN B 2 .   ? 1.480   4.344   -0.152  1.00 25.88 ? 301 GHN A F2  1 
HETATM 1489 F F3  . GHN B 2 .   ? -0.191  3.977   1.182   1.00 26.51 ? 301 GHN A F3  1 
HETATM 1490 O O   . HOH C 3 .   ? 6.384   14.022  17.229  1.00 32.81 ? 401 HOH A O   1 
HETATM 1491 O O   . HOH C 3 .   ? -14.435 -32.402 -0.077  1.00 22.03 ? 402 HOH A O   1 
HETATM 1492 O O   . HOH C 3 .   ? -11.421 0.823   0.078   1.00 32.91 ? 403 HOH A O   1 
HETATM 1493 O O   . HOH C 3 .   ? 11.755  21.694  4.939   1.00 20.19 ? 404 HOH A O   1 
HETATM 1494 O O   . HOH C 3 .   ? 5.838   19.077  12.843  1.00 26.87 ? 405 HOH A O   1 
HETATM 1495 O O   . HOH C 3 .   ? -3.198  5.210   8.141   1.00 35.67 ? 406 HOH A O   1 
HETATM 1496 O O   . HOH C 3 .   ? 6.614   -1.262  12.253  1.00 30.79 ? 407 HOH A O   1 
HETATM 1497 O O   . HOH C 3 .   ? -11.946 11.432  -2.090  1.00 23.19 ? 408 HOH A O   1 
HETATM 1498 O O   . HOH C 3 .   ? 3.821   8.525   13.023  1.00 28.86 ? 409 HOH A O   1 
HETATM 1499 O O   . HOH C 3 .   ? 7.774   17.768  18.214  1.00 33.91 ? 410 HOH A O   1 
HETATM 1500 O O   . HOH C 3 .   ? -5.966  -6.551  -6.762  1.00 27.69 ? 411 HOH A O   1 
HETATM 1501 O O   . HOH C 3 .   ? 0.905   9.441   -12.001 1.00 20.02 ? 412 HOH A O   1 
HETATM 1502 O O   . HOH C 3 .   ? 13.812  19.041  5.890   1.00 20.11 ? 413 HOH A O   1 
HETATM 1503 O O   . HOH C 3 .   ? -4.607  0.550   10.343  1.00 27.64 ? 414 HOH A O   1 
HETATM 1504 O O   . HOH C 3 .   ? -6.293  11.379  -5.385  1.00 21.60 ? 415 HOH A O   1 
HETATM 1505 O O   . HOH C 3 .   ? 6.561   16.493  -9.883  1.00 22.20 ? 416 HOH A O   1 
HETATM 1506 O O   . HOH C 3 .   ? -11.828 -30.377 -2.389  1.00 38.56 ? 417 HOH A O   1 
HETATM 1507 O O   . HOH C 3 .   ? 7.336   5.292   12.694  1.00 21.87 ? 418 HOH A O   1 
HETATM 1508 O O   . HOH C 3 .   ? -8.240  2.379   -3.699  1.00 25.89 ? 419 HOH A O   1 
HETATM 1509 O O   . HOH C 3 .   ? 2.144   11.802  -12.549 1.00 20.36 ? 420 HOH A O   1 
HETATM 1510 O O   . HOH C 3 .   ? -6.837  6.403   3.434   1.00 29.90 ? 421 HOH A O   1 
HETATM 1511 O O   . HOH C 3 .   ? 3.817   18.293  -13.290 1.00 33.51 ? 422 HOH A O   1 
HETATM 1512 O O   . HOH C 3 .   ? -5.037  -3.720  -10.363 1.00 34.71 ? 423 HOH A O   1 
HETATM 1513 O O   . HOH C 3 .   ? 8.524   17.801  -8.704  1.00 33.01 ? 424 HOH A O   1 
HETATM 1514 O O   . HOH C 3 .   ? -8.218  0.666   -5.631  1.00 29.56 ? 425 HOH A O   1 
HETATM 1515 O O   . HOH C 3 .   ? 10.355  2.820   -8.681  1.00 25.90 ? 426 HOH A O   1 
HETATM 1516 O O   . HOH C 3 .   ? -5.495  8.949   -15.359 1.00 19.96 ? 427 HOH A O   1 
HETATM 1517 O O   . HOH C 3 .   ? -6.868  -5.335  -9.202  1.00 37.01 ? 428 HOH A O   1 
HETATM 1518 O O   . HOH C 3 .   ? 4.696   5.951   13.219  1.00 28.48 ? 429 HOH A O   1 
HETATM 1519 O O   . HOH C 3 .   ? 2.207   7.876   -13.777 1.00 36.20 ? 430 HOH A O   1 
# 
